data_7X9H
# 
_entry.id   7X9H 
# 
_audit_conform.dict_name       mmcif_pdbx.dic 
_audit_conform.dict_version    5.380 
_audit_conform.dict_location   http://mmcif.pdb.org/dictionaries/ascii/mmcif_pdbx.dic 
# 
loop_
_database_2.database_id 
_database_2.database_code 
_database_2.pdbx_database_accession 
_database_2.pdbx_DOI 
PDB   7X9H         pdb_00007x9h 10.2210/pdb7x9h/pdb 
WWPDB D_1300028371 ?            ?                   
# 
_pdbx_database_status.status_code                     REL 
_pdbx_database_status.status_code_sf                  REL 
_pdbx_database_status.status_code_mr                  ? 
_pdbx_database_status.entry_id                        7X9H 
_pdbx_database_status.recvd_initial_deposition_date   2022-03-15 
_pdbx_database_status.SG_entry                        N 
_pdbx_database_status.deposit_site                    PDBJ 
_pdbx_database_status.process_site                    PDBJ 
_pdbx_database_status.status_code_cs                  ? 
_pdbx_database_status.status_code_nmr_data            ? 
_pdbx_database_status.methods_development_category    ? 
_pdbx_database_status.pdb_format_compatible           Y 
# 
loop_
_audit_author.name 
_audit_author.pdbx_ordinal 
_audit_author.identifier_ORCID 
'Nakamura, T.' 1 ? 
'Yamagata, Y.' 2 ? 
# 
_citation.abstract                  ? 
_citation.abstract_id_CAS           ? 
_citation.book_id_ISBN              ? 
_citation.book_publisher            ? 
_citation.book_publisher_city       ? 
_citation.book_title                ? 
_citation.coordinate_linkage        ? 
_citation.country                   US 
_citation.database_id_Medline       ? 
_citation.details                   ? 
_citation.id                        primary 
_citation.journal_abbrev            Proc.Natl.Acad.Sci.USA 
_citation.journal_id_ASTM           PNASA6 
_citation.journal_id_CSD            0040 
_citation.journal_id_ISSN           1091-6490 
_citation.journal_full              ? 
_citation.journal_issue             ? 
_citation.journal_volume            119 
_citation.language                  ? 
_citation.page_first                e2203118119 
_citation.page_last                 e2203118119 
_citation.title                     'Visualization of mutagenic nucleotide processing by Escherichia coli MutT, a Nudix hydrolase.' 
_citation.year                      2022 
_citation.database_id_CSD           ? 
_citation.pdbx_database_id_DOI      10.1073/pnas.2203118119 
_citation.pdbx_database_id_PubMed   35594391 
_citation.pdbx_database_id_patent   ? 
_citation.unpublished_flag          ? 
# 
loop_
_citation_author.citation_id 
_citation_author.name 
_citation_author.ordinal 
_citation_author.identifier_ORCID 
primary 'Nakamura, T.' 1 0000-0003-2013-3057 
primary 'Yamagata, Y.' 2 0000-0003-0007-4985 
# 
_cell.angle_alpha                  90.000 
_cell.angle_alpha_esd              ? 
_cell.angle_beta                   90.000 
_cell.angle_beta_esd               ? 
_cell.angle_gamma                  90.000 
_cell.angle_gamma_esd              ? 
_cell.entry_id                     7X9H 
_cell.details                      ? 
_cell.formula_units_Z              ? 
_cell.length_a                     38.095 
_cell.length_a_esd                 ? 
_cell.length_b                     55.923 
_cell.length_b_esd                 ? 
_cell.length_c                     59.169 
_cell.length_c_esd                 ? 
_cell.volume                       126052.850 
_cell.volume_esd                   ? 
_cell.Z_PDB                        4 
_cell.reciprocal_angle_alpha       ? 
_cell.reciprocal_angle_beta        ? 
_cell.reciprocal_angle_gamma       ? 
_cell.reciprocal_angle_alpha_esd   ? 
_cell.reciprocal_angle_beta_esd    ? 
_cell.reciprocal_angle_gamma_esd   ? 
_cell.reciprocal_length_a          ? 
_cell.reciprocal_length_b          ? 
_cell.reciprocal_length_c          ? 
_cell.reciprocal_length_a_esd      ? 
_cell.reciprocal_length_b_esd      ? 
_cell.reciprocal_length_c_esd      ? 
_cell.pdbx_unique_axis             ? 
# 
_symmetry.entry_id                         7X9H 
_symmetry.cell_setting                     ? 
_symmetry.Int_Tables_number                19 
_symmetry.space_group_name_Hall            'P 2ac 2ab' 
_symmetry.space_group_name_H-M             'P 21 21 21' 
_symmetry.pdbx_full_space_group_name_H-M   ? 
# 
loop_
_entity.id 
_entity.type 
_entity.src_method 
_entity.pdbx_description 
_entity.formula_weight 
_entity.pdbx_number_of_molecules 
_entity.pdbx_ec 
_entity.pdbx_mutation 
_entity.pdbx_fragment 
_entity.details 
1 polymer     man 7,8-dihydro-8-oxoguanine-triphosphatase             14945.029 1   3.6.1.55,3.6.1.- ? ? ? 
2 branched    man 'beta-D-fructofuranose-(2-1)-alpha-D-glucopyranose' 342.297   1   ?                ? ? ? 
3 non-polymer syn 'SULFATE ION'                                       96.063    1   ?                ? ? ? 
4 non-polymer syn "8-OXO-2'-DEOXYGUANOSINE-5'-TRIPHOSPHATE"           523.180   1   ?                ? ? ? 
5 non-polymer syn "8-OXO-2'-DEOXY-GUANOSINE-5'-MONOPHOSPHATE"         363.221   1   ?                ? ? ? 
6 non-polymer syn 'MANGANESE (II) ION'                                54.938    3   ?                ? ? ? 
7 non-polymer syn 'SODIUM ION'                                        22.990    1   ?                ? ? ? 
8 water       nat water                                               18.015    151 ?                ? ? ? 
# 
_entity_name_com.entity_id   1 
_entity_name_com.name        
;8-oxo-dGTP diphosphatase,8-oxo-dGTP diphosphatase MutT,Mutator MutT protein,Mutator mutT protein (7,8-dihydro-8-oxoguanine-triphosphatase),Nucleoside triphosphate hydrolase,Nucleoside triphosphate pyrophosphohydrolase,marked preference for dGTP,dGTP-preferring nucleoside triphosphate pyrophosphohydrolase
;
# 
_entity_poly.entity_id                      1 
_entity_poly.type                           'polypeptide(L)' 
_entity_poly.nstd_linkage                   no 
_entity_poly.nstd_monomer                   no 
_entity_poly.pdbx_seq_one_letter_code       
;MKKLQIAVGIIRNENNEIFITRRAADAHMANKLEFPGGKIEMGETPEQAVVRELQEEVGITPQHFSLFEKLEYEFPDRHI
TLWFWLVERWEGEPWGKEGQPGEWMSLVGLNADDFPPANEPVIAKLKRL
;
_entity_poly.pdbx_seq_one_letter_code_can   
;MKKLQIAVGIIRNENNEIFITRRAADAHMANKLEFPGGKIEMGETPEQAVVRELQEEVGITPQHFSLFEKLEYEFPDRHI
TLWFWLVERWEGEPWGKEGQPGEWMSLVGLNADDFPPANEPVIAKLKRL
;
_entity_poly.pdbx_strand_id                 A 
_entity_poly.pdbx_target_identifier         ? 
# 
loop_
_entity_poly_seq.entity_id 
_entity_poly_seq.num 
_entity_poly_seq.mon_id 
_entity_poly_seq.hetero 
1 1   MET n 
1 2   LYS n 
1 3   LYS n 
1 4   LEU n 
1 5   GLN n 
1 6   ILE n 
1 7   ALA n 
1 8   VAL n 
1 9   GLY n 
1 10  ILE n 
1 11  ILE n 
1 12  ARG n 
1 13  ASN n 
1 14  GLU n 
1 15  ASN n 
1 16  ASN n 
1 17  GLU n 
1 18  ILE n 
1 19  PHE n 
1 20  ILE n 
1 21  THR n 
1 22  ARG n 
1 23  ARG n 
1 24  ALA n 
1 25  ALA n 
1 26  ASP n 
1 27  ALA n 
1 28  HIS n 
1 29  MET n 
1 30  ALA n 
1 31  ASN n 
1 32  LYS n 
1 33  LEU n 
1 34  GLU n 
1 35  PHE n 
1 36  PRO n 
1 37  GLY n 
1 38  GLY n 
1 39  LYS n 
1 40  ILE n 
1 41  GLU n 
1 42  MET n 
1 43  GLY n 
1 44  GLU n 
1 45  THR n 
1 46  PRO n 
1 47  GLU n 
1 48  GLN n 
1 49  ALA n 
1 50  VAL n 
1 51  VAL n 
1 52  ARG n 
1 53  GLU n 
1 54  LEU n 
1 55  GLN n 
1 56  GLU n 
1 57  GLU n 
1 58  VAL n 
1 59  GLY n 
1 60  ILE n 
1 61  THR n 
1 62  PRO n 
1 63  GLN n 
1 64  HIS n 
1 65  PHE n 
1 66  SER n 
1 67  LEU n 
1 68  PHE n 
1 69  GLU n 
1 70  LYS n 
1 71  LEU n 
1 72  GLU n 
1 73  TYR n 
1 74  GLU n 
1 75  PHE n 
1 76  PRO n 
1 77  ASP n 
1 78  ARG n 
1 79  HIS n 
1 80  ILE n 
1 81  THR n 
1 82  LEU n 
1 83  TRP n 
1 84  PHE n 
1 85  TRP n 
1 86  LEU n 
1 87  VAL n 
1 88  GLU n 
1 89  ARG n 
1 90  TRP n 
1 91  GLU n 
1 92  GLY n 
1 93  GLU n 
1 94  PRO n 
1 95  TRP n 
1 96  GLY n 
1 97  LYS n 
1 98  GLU n 
1 99  GLY n 
1 100 GLN n 
1 101 PRO n 
1 102 GLY n 
1 103 GLU n 
1 104 TRP n 
1 105 MET n 
1 106 SER n 
1 107 LEU n 
1 108 VAL n 
1 109 GLY n 
1 110 LEU n 
1 111 ASN n 
1 112 ALA n 
1 113 ASP n 
1 114 ASP n 
1 115 PHE n 
1 116 PRO n 
1 117 PRO n 
1 118 ALA n 
1 119 ASN n 
1 120 GLU n 
1 121 PRO n 
1 122 VAL n 
1 123 ILE n 
1 124 ALA n 
1 125 LYS n 
1 126 LEU n 
1 127 LYS n 
1 128 ARG n 
1 129 LEU n 
# 
_entity_src_gen.entity_id                          1 
_entity_src_gen.pdbx_src_id                        1 
_entity_src_gen.pdbx_alt_source_flag               sample 
_entity_src_gen.pdbx_seq_type                      'Biological sequence' 
_entity_src_gen.pdbx_beg_seq_num                   1 
_entity_src_gen.pdbx_end_seq_num                   129 
_entity_src_gen.gene_src_common_name               ? 
_entity_src_gen.gene_src_genus                     ? 
_entity_src_gen.pdbx_gene_src_gene                 ? 
_entity_src_gen.gene_src_species                   ? 
_entity_src_gen.gene_src_strain                    ? 
_entity_src_gen.gene_src_tissue                    ? 
_entity_src_gen.gene_src_tissue_fraction           ? 
_entity_src_gen.gene_src_details                   ? 
_entity_src_gen.pdbx_gene_src_fragment             ? 
_entity_src_gen.pdbx_gene_src_scientific_name      'Escherichia coli' 
_entity_src_gen.pdbx_gene_src_ncbi_taxonomy_id     562 
_entity_src_gen.pdbx_gene_src_variant              ? 
_entity_src_gen.pdbx_gene_src_cell_line            ? 
_entity_src_gen.pdbx_gene_src_atcc                 ? 
_entity_src_gen.pdbx_gene_src_organ                ? 
_entity_src_gen.pdbx_gene_src_organelle            ? 
_entity_src_gen.pdbx_gene_src_cell                 ? 
_entity_src_gen.pdbx_gene_src_cellular_location    ? 
_entity_src_gen.host_org_common_name               ? 
_entity_src_gen.pdbx_host_org_scientific_name      'Escherichia coli' 
_entity_src_gen.pdbx_host_org_ncbi_taxonomy_id     562 
_entity_src_gen.host_org_genus                     ? 
_entity_src_gen.pdbx_host_org_gene                 ? 
_entity_src_gen.pdbx_host_org_organ                ? 
_entity_src_gen.host_org_species                   ? 
_entity_src_gen.pdbx_host_org_tissue               ? 
_entity_src_gen.pdbx_host_org_tissue_fraction      ? 
_entity_src_gen.pdbx_host_org_strain               ? 
_entity_src_gen.pdbx_host_org_variant              ? 
_entity_src_gen.pdbx_host_org_cell_line            ? 
_entity_src_gen.pdbx_host_org_atcc                 ? 
_entity_src_gen.pdbx_host_org_culture_collection   ? 
_entity_src_gen.pdbx_host_org_cell                 ? 
_entity_src_gen.pdbx_host_org_organelle            ? 
_entity_src_gen.pdbx_host_org_cellular_location    ? 
_entity_src_gen.pdbx_host_org_vector_type          ? 
_entity_src_gen.pdbx_host_org_vector               ? 
_entity_src_gen.host_org_details                   ? 
_entity_src_gen.expression_system_id               ? 
_entity_src_gen.plasmid_name                       ? 
_entity_src_gen.plasmid_details                    ? 
_entity_src_gen.pdbx_description                   ? 
# 
_struct_ref.id                         1 
_struct_ref.db_name                    UNP 
_struct_ref.db_code                    A0A037YRW7_ECOLX 
_struct_ref.pdbx_db_accession          A0A037YRW7 
_struct_ref.pdbx_db_isoform            ? 
_struct_ref.entity_id                  1 
_struct_ref.pdbx_seq_one_letter_code   
;MKKLQIAVGIIRNENNEIFITRRAADAHMANKLEFPGGKIEMGETPEQAVVRELQEEVGITPQHFSLFEKLEYEFPDRHI
TLWFWLVERWEGEPWGKEGQPGEWMSLVGLNADDFPPANEPVIAKLKRL
;
_struct_ref.pdbx_align_begin           1 
# 
_struct_ref_seq.align_id                      1 
_struct_ref_seq.ref_id                        1 
_struct_ref_seq.pdbx_PDB_id_code              7X9H 
_struct_ref_seq.pdbx_strand_id                A 
_struct_ref_seq.seq_align_beg                 1 
_struct_ref_seq.pdbx_seq_align_beg_ins_code   ? 
_struct_ref_seq.seq_align_end                 129 
_struct_ref_seq.pdbx_seq_align_end_ins_code   ? 
_struct_ref_seq.pdbx_db_accession             A0A037YRW7 
_struct_ref_seq.db_align_beg                  1 
_struct_ref_seq.pdbx_db_align_beg_ins_code    ? 
_struct_ref_seq.db_align_end                  129 
_struct_ref_seq.pdbx_db_align_end_ins_code    ? 
_struct_ref_seq.pdbx_auth_seq_align_beg       1 
_struct_ref_seq.pdbx_auth_seq_align_end       129 
# 
loop_
_chem_comp.id 
_chem_comp.type 
_chem_comp.mon_nstd_flag 
_chem_comp.name 
_chem_comp.pdbx_synonyms 
_chem_comp.formula 
_chem_comp.formula_weight 
8DG non-polymer                   . "8-OXO-2'-DEOXYGUANOSINE-5'-TRIPHOSPHATE"   ? 'C10 H16 N5 O14 P3' 523.180 
8OG 'DNA linking'                 n "8-OXO-2'-DEOXY-GUANOSINE-5'-MONOPHOSPHATE" 
"8-OXO-7,8-DIHYDRO-2'-DEOXY-GUANOSINE-5'-MONOPHOSPHATE" 'C10 H14 N5 O8 P'   363.221 
ALA 'L-peptide linking'           y ALANINE                                     ? 'C3 H7 N O2'        89.093  
ARG 'L-peptide linking'           y ARGININE                                    ? 'C6 H15 N4 O2 1'    175.209 
ASN 'L-peptide linking'           y ASPARAGINE                                  ? 'C4 H8 N2 O3'       132.118 
ASP 'L-peptide linking'           y 'ASPARTIC ACID'                             ? 'C4 H7 N O4'        133.103 
FRU 'D-saccharide, beta linking'  . beta-D-fructofuranose                       'beta-D-fructose; D-fructose; fructose' 
'C6 H12 O6'         180.156 
GLC 'D-saccharide, alpha linking' . alpha-D-glucopyranose                       'alpha-D-glucose; D-glucose; glucose' 'C6 H12 O6' 
180.156 
GLN 'L-peptide linking'           y GLUTAMINE                                   ? 'C5 H10 N2 O3'      146.144 
GLU 'L-peptide linking'           y 'GLUTAMIC ACID'                             ? 'C5 H9 N O4'        147.129 
GLY 'peptide linking'             y GLYCINE                                     ? 'C2 H5 N O2'        75.067  
HIS 'L-peptide linking'           y HISTIDINE                                   ? 'C6 H10 N3 O2 1'    156.162 
HOH non-polymer                   . WATER                                       ? 'H2 O'              18.015  
ILE 'L-peptide linking'           y ISOLEUCINE                                  ? 'C6 H13 N O2'       131.173 
LEU 'L-peptide linking'           y LEUCINE                                     ? 'C6 H13 N O2'       131.173 
LYS 'L-peptide linking'           y LYSINE                                      ? 'C6 H15 N2 O2 1'    147.195 
MET 'L-peptide linking'           y METHIONINE                                  ? 'C5 H11 N O2 S'     149.211 
MN  non-polymer                   . 'MANGANESE (II) ION'                        ? 'Mn 2'              54.938  
NA  non-polymer                   . 'SODIUM ION'                                ? 'Na 1'              22.990  
PHE 'L-peptide linking'           y PHENYLALANINE                               ? 'C9 H11 N O2'       165.189 
PRO 'L-peptide linking'           y PROLINE                                     ? 'C5 H9 N O2'        115.130 
SER 'L-peptide linking'           y SERINE                                      ? 'C3 H7 N O3'        105.093 
SO4 non-polymer                   . 'SULFATE ION'                               ? 'O4 S -2'           96.063  
THR 'L-peptide linking'           y THREONINE                                   ? 'C4 H9 N O3'        119.119 
TRP 'L-peptide linking'           y TRYPTOPHAN                                  ? 'C11 H12 N2 O2'     204.225 
TYR 'L-peptide linking'           y TYROSINE                                    ? 'C9 H11 N O3'       181.189 
VAL 'L-peptide linking'           y VALINE                                      ? 'C5 H11 N O2'       117.146 
# 
_exptl.absorpt_coefficient_mu     ? 
_exptl.absorpt_correction_T_max   ? 
_exptl.absorpt_correction_T_min   ? 
_exptl.absorpt_correction_type    ? 
_exptl.absorpt_process_details    ? 
_exptl.entry_id                   7X9H 
_exptl.crystals_number            1 
_exptl.details                    ? 
_exptl.method                     'X-RAY DIFFRACTION' 
_exptl.method_details             ? 
# 
_exptl_crystal.colour                      ? 
_exptl_crystal.density_diffrn              ? 
_exptl_crystal.density_Matthews            2.11 
_exptl_crystal.density_method              ? 
_exptl_crystal.density_percent_sol         41.67 
_exptl_crystal.description                 ? 
_exptl_crystal.F_000                       ? 
_exptl_crystal.id                          1 
_exptl_crystal.preparation                 ? 
_exptl_crystal.size_max                    ? 
_exptl_crystal.size_mid                    ? 
_exptl_crystal.size_min                    ? 
_exptl_crystal.size_rad                    ? 
_exptl_crystal.colour_lustre               ? 
_exptl_crystal.colour_modifier             ? 
_exptl_crystal.colour_primary              ? 
_exptl_crystal.density_meas                ? 
_exptl_crystal.density_meas_esd            ? 
_exptl_crystal.density_meas_gt             ? 
_exptl_crystal.density_meas_lt             ? 
_exptl_crystal.density_meas_temp           ? 
_exptl_crystal.density_meas_temp_esd       ? 
_exptl_crystal.density_meas_temp_gt        ? 
_exptl_crystal.density_meas_temp_lt        ? 
_exptl_crystal.pdbx_crystal_image_url      ? 
_exptl_crystal.pdbx_crystal_image_format   ? 
_exptl_crystal.pdbx_mosaicity              ? 
_exptl_crystal.pdbx_mosaicity_esd          ? 
# 
_exptl_crystal_grow.apparatus       ? 
_exptl_crystal_grow.atmosphere      ? 
_exptl_crystal_grow.crystal_id      1 
_exptl_crystal_grow.details         ? 
_exptl_crystal_grow.method          'VAPOR DIFFUSION, HANGING DROP' 
_exptl_crystal_grow.method_ref      ? 
_exptl_crystal_grow.pH              ? 
_exptl_crystal_grow.pressure        ? 
_exptl_crystal_grow.pressure_esd    ? 
_exptl_crystal_grow.seeding         ? 
_exptl_crystal_grow.seeding_ref     ? 
_exptl_crystal_grow.temp            288 
_exptl_crystal_grow.temp_details    ? 
_exptl_crystal_grow.temp_esd        ? 
_exptl_crystal_grow.time            ? 
_exptl_crystal_grow.pdbx_details    'potassium sodium tartrate, sodium citrate, ammonium sulfate' 
_exptl_crystal_grow.pdbx_pH_range   ? 
# 
_diffrn.ambient_environment              ? 
_diffrn.ambient_temp                     100 
_diffrn.ambient_temp_details             ? 
_diffrn.ambient_temp_esd                 ? 
_diffrn.crystal_id                       1 
_diffrn.crystal_support                  ? 
_diffrn.crystal_treatment                ? 
_diffrn.details                          ? 
_diffrn.id                               1 
_diffrn.ambient_pressure                 ? 
_diffrn.ambient_pressure_esd             ? 
_diffrn.ambient_pressure_gt              ? 
_diffrn.ambient_pressure_lt              ? 
_diffrn.ambient_temp_gt                  ? 
_diffrn.ambient_temp_lt                  ? 
_diffrn.pdbx_serial_crystal_experiment   N 
# 
_diffrn_detector.details                      ? 
_diffrn_detector.detector                     'IMAGE PLATE' 
_diffrn_detector.diffrn_id                    1 
_diffrn_detector.type                         'Bruker DIP-6040' 
_diffrn_detector.area_resol_mean              ? 
_diffrn_detector.dtime                        ? 
_diffrn_detector.pdbx_frames_total            ? 
_diffrn_detector.pdbx_collection_time_total   ? 
_diffrn_detector.pdbx_collection_date         2006-03-22 
_diffrn_detector.pdbx_frequency               ? 
# 
_diffrn_radiation.collimation                      ? 
_diffrn_radiation.diffrn_id                        1 
_diffrn_radiation.filter_edge                      ? 
_diffrn_radiation.inhomogeneity                    ? 
_diffrn_radiation.monochromator                    ? 
_diffrn_radiation.polarisn_norm                    ? 
_diffrn_radiation.polarisn_ratio                   ? 
_diffrn_radiation.probe                            ? 
_diffrn_radiation.type                             ? 
_diffrn_radiation.xray_symbol                      ? 
_diffrn_radiation.wavelength_id                    1 
_diffrn_radiation.pdbx_monochromatic_or_laue_m_l   M 
_diffrn_radiation.pdbx_wavelength_list             ? 
_diffrn_radiation.pdbx_wavelength                  ? 
_diffrn_radiation.pdbx_diffrn_protocol             'SINGLE WAVELENGTH' 
_diffrn_radiation.pdbx_analyzer                    ? 
_diffrn_radiation.pdbx_scattering_type             x-ray 
# 
_diffrn_radiation_wavelength.id           1 
_diffrn_radiation_wavelength.wavelength   0.9 
_diffrn_radiation_wavelength.wt           1.0 
# 
_diffrn_source.current                     ? 
_diffrn_source.details                     ? 
_diffrn_source.diffrn_id                   1 
_diffrn_source.power                       ? 
_diffrn_source.size                        ? 
_diffrn_source.source                      SYNCHROTRON 
_diffrn_source.target                      ? 
_diffrn_source.type                        'SPRING-8 BEAMLINE BL44XU' 
_diffrn_source.voltage                     ? 
_diffrn_source.take-off_angle              ? 
_diffrn_source.pdbx_wavelength_list        0.9 
_diffrn_source.pdbx_wavelength             ? 
_diffrn_source.pdbx_synchrotron_beamline   BL44XU 
_diffrn_source.pdbx_synchrotron_site       SPring-8 
# 
_reflns.B_iso_Wilson_estimate                          13.25 
_reflns.entry_id                                       7X9H 
_reflns.data_reduction_details                         ? 
_reflns.data_reduction_method                          ? 
_reflns.d_resolution_high                              1.69 
_reflns.d_resolution_low                               32.03 
_reflns.details                                        ? 
_reflns.limit_h_max                                    ? 
_reflns.limit_h_min                                    ? 
_reflns.limit_k_max                                    ? 
_reflns.limit_k_min                                    ? 
_reflns.limit_l_max                                    ? 
_reflns.limit_l_min                                    ? 
_reflns.number_all                                     ? 
_reflns.number_obs                                     14294 
_reflns.observed_criterion                             ? 
_reflns.observed_criterion_F_max                       ? 
_reflns.observed_criterion_F_min                       ? 
_reflns.observed_criterion_I_max                       ? 
_reflns.observed_criterion_I_min                       ? 
_reflns.observed_criterion_sigma_F                     ? 
_reflns.observed_criterion_sigma_I                     ? 
_reflns.percent_possible_obs                           97.5 
_reflns.R_free_details                                 ? 
_reflns.Rmerge_F_all                                   ? 
_reflns.Rmerge_F_obs                                   ? 
_reflns.Friedel_coverage                               ? 
_reflns.number_gt                                      ? 
_reflns.threshold_expression                           ? 
_reflns.pdbx_redundancy                                5.9 
_reflns.pdbx_Rmerge_I_obs                              0.095 
_reflns.pdbx_Rmerge_I_all                              ? 
_reflns.pdbx_Rsym_value                                ? 
_reflns.pdbx_netI_over_av_sigmaI                       ? 
_reflns.pdbx_netI_over_sigmaI                          25.1 
_reflns.pdbx_res_netI_over_av_sigmaI_2                 ? 
_reflns.pdbx_res_netI_over_sigmaI_2                    ? 
_reflns.pdbx_chi_squared                               ? 
_reflns.pdbx_scaling_rejects                           ? 
_reflns.pdbx_d_res_high_opt                            ? 
_reflns.pdbx_d_res_low_opt                             ? 
_reflns.pdbx_d_res_opt_method                          ? 
_reflns.phase_calculation_details                      ? 
_reflns.pdbx_Rrim_I_all                                ? 
_reflns.pdbx_Rpim_I_all                                ? 
_reflns.pdbx_d_opt                                     ? 
_reflns.pdbx_number_measured_all                       ? 
_reflns.pdbx_diffrn_id                                 1 
_reflns.pdbx_ordinal                                   1 
_reflns.pdbx_CC_half                                   ? 
_reflns.pdbx_CC_star                                   ? 
_reflns.pdbx_R_split                                   ? 
_reflns.pdbx_aniso_diffraction_limit_axis_1_ortho[1]   ? 
_reflns.pdbx_aniso_diffraction_limit_axis_1_ortho[2]   ? 
_reflns.pdbx_aniso_diffraction_limit_axis_1_ortho[3]   ? 
_reflns.pdbx_aniso_diffraction_limit_axis_2_ortho[1]   ? 
_reflns.pdbx_aniso_diffraction_limit_axis_2_ortho[2]   ? 
_reflns.pdbx_aniso_diffraction_limit_axis_2_ortho[3]   ? 
_reflns.pdbx_aniso_diffraction_limit_axis_3_ortho[1]   ? 
_reflns.pdbx_aniso_diffraction_limit_axis_3_ortho[2]   ? 
_reflns.pdbx_aniso_diffraction_limit_axis_3_ortho[3]   ? 
_reflns.pdbx_aniso_diffraction_limit_1                 ? 
_reflns.pdbx_aniso_diffraction_limit_2                 ? 
_reflns.pdbx_aniso_diffraction_limit_3                 ? 
_reflns.pdbx_aniso_B_tensor_eigenvector_1_ortho[1]     ? 
_reflns.pdbx_aniso_B_tensor_eigenvector_1_ortho[2]     ? 
_reflns.pdbx_aniso_B_tensor_eigenvector_1_ortho[3]     ? 
_reflns.pdbx_aniso_B_tensor_eigenvector_2_ortho[1]     ? 
_reflns.pdbx_aniso_B_tensor_eigenvector_2_ortho[2]     ? 
_reflns.pdbx_aniso_B_tensor_eigenvector_2_ortho[3]     ? 
_reflns.pdbx_aniso_B_tensor_eigenvector_3_ortho[1]     ? 
_reflns.pdbx_aniso_B_tensor_eigenvector_3_ortho[2]     ? 
_reflns.pdbx_aniso_B_tensor_eigenvector_3_ortho[3]     ? 
_reflns.pdbx_aniso_B_tensor_eigenvalue_1               ? 
_reflns.pdbx_aniso_B_tensor_eigenvalue_2               ? 
_reflns.pdbx_aniso_B_tensor_eigenvalue_3               ? 
_reflns.pdbx_orthogonalization_convention              ? 
_reflns.pdbx_percent_possible_ellipsoidal              ? 
_reflns.pdbx_percent_possible_spherical                ? 
_reflns.pdbx_percent_possible_ellipsoidal_anomalous    ? 
_reflns.pdbx_percent_possible_spherical_anomalous      ? 
_reflns.pdbx_redundancy_anomalous                      ? 
_reflns.pdbx_CC_half_anomalous                         ? 
_reflns.pdbx_absDiff_over_sigma_anomalous              ? 
_reflns.pdbx_percent_possible_anomalous                ? 
_reflns.pdbx_observed_signal_threshold                 ? 
_reflns.pdbx_signal_type                               ? 
_reflns.pdbx_signal_details                            ? 
_reflns.pdbx_signal_software_id                        ? 
# 
_reflns_shell.d_res_high                                    1.69 
_reflns_shell.d_res_low                                     1.76 
_reflns_shell.meanI_over_sigI_all                           ? 
_reflns_shell.meanI_over_sigI_obs                           ? 
_reflns_shell.number_measured_all                           ? 
_reflns_shell.number_measured_obs                           ? 
_reflns_shell.number_possible                               ? 
_reflns_shell.number_unique_all                             ? 
_reflns_shell.number_unique_obs                             1196 
_reflns_shell.percent_possible_all                          ? 
_reflns_shell.percent_possible_obs                          ? 
_reflns_shell.Rmerge_F_all                                  ? 
_reflns_shell.Rmerge_F_obs                                  ? 
_reflns_shell.Rmerge_I_all                                  ? 
_reflns_shell.Rmerge_I_obs                                  0.259 
_reflns_shell.meanI_over_sigI_gt                            ? 
_reflns_shell.meanI_over_uI_all                             ? 
_reflns_shell.meanI_over_uI_gt                              ? 
_reflns_shell.number_measured_gt                            ? 
_reflns_shell.number_unique_gt                              ? 
_reflns_shell.percent_possible_gt                           ? 
_reflns_shell.Rmerge_F_gt                                   ? 
_reflns_shell.Rmerge_I_gt                                   ? 
_reflns_shell.pdbx_redundancy                               ? 
_reflns_shell.pdbx_Rsym_value                               ? 
_reflns_shell.pdbx_chi_squared                              ? 
_reflns_shell.pdbx_netI_over_sigmaI_all                     ? 
_reflns_shell.pdbx_netI_over_sigmaI_obs                     ? 
_reflns_shell.pdbx_Rrim_I_all                               ? 
_reflns_shell.pdbx_Rpim_I_all                               ? 
_reflns_shell.pdbx_rejects                                  ? 
_reflns_shell.pdbx_ordinal                                  1 
_reflns_shell.pdbx_diffrn_id                                1 
_reflns_shell.pdbx_CC_half                                  ? 
_reflns_shell.pdbx_CC_star                                  ? 
_reflns_shell.pdbx_R_split                                  ? 
_reflns_shell.pdbx_percent_possible_ellipsoidal             ? 
_reflns_shell.pdbx_percent_possible_spherical               ? 
_reflns_shell.pdbx_percent_possible_ellipsoidal_anomalous   ? 
_reflns_shell.pdbx_percent_possible_spherical_anomalous     ? 
_reflns_shell.pdbx_redundancy_anomalous                     ? 
_reflns_shell.pdbx_CC_half_anomalous                        ? 
_reflns_shell.pdbx_absDiff_over_sigma_anomalous             ? 
_reflns_shell.pdbx_percent_possible_anomalous               ? 
# 
_refine.aniso_B[1][1]                            ? 
_refine.aniso_B[1][2]                            ? 
_refine.aniso_B[1][3]                            ? 
_refine.aniso_B[2][2]                            ? 
_refine.aniso_B[2][3]                            ? 
_refine.aniso_B[3][3]                            ? 
_refine.B_iso_max                                ? 
_refine.B_iso_mean                               17.01 
_refine.B_iso_min                                ? 
_refine.correlation_coeff_Fo_to_Fc               ? 
_refine.correlation_coeff_Fo_to_Fc_free          ? 
_refine.details                                  ? 
_refine.diff_density_max                         ? 
_refine.diff_density_max_esd                     ? 
_refine.diff_density_min                         ? 
_refine.diff_density_min_esd                     ? 
_refine.diff_density_rms                         ? 
_refine.diff_density_rms_esd                     ? 
_refine.entry_id                                 7X9H 
_refine.pdbx_refine_id                           'X-RAY DIFFRACTION' 
_refine.ls_abs_structure_details                 ? 
_refine.ls_abs_structure_Flack                   ? 
_refine.ls_abs_structure_Flack_esd               ? 
_refine.ls_abs_structure_Rogers                  ? 
_refine.ls_abs_structure_Rogers_esd              ? 
_refine.ls_d_res_high                            1.69 
_refine.ls_d_res_low                             32.03 
_refine.ls_extinction_coef                       ? 
_refine.ls_extinction_coef_esd                   ? 
_refine.ls_extinction_expression                 ? 
_refine.ls_extinction_method                     ? 
_refine.ls_goodness_of_fit_all                   ? 
_refine.ls_goodness_of_fit_all_esd               ? 
_refine.ls_goodness_of_fit_obs                   ? 
_refine.ls_goodness_of_fit_obs_esd               ? 
_refine.ls_hydrogen_treatment                    ? 
_refine.ls_matrix_type                           ? 
_refine.ls_number_constraints                    ? 
_refine.ls_number_parameters                     ? 
_refine.ls_number_reflns_all                     ? 
_refine.ls_number_reflns_obs                     14245 
_refine.ls_number_reflns_R_free                  703 
_refine.ls_number_reflns_R_work                  13542 
_refine.ls_number_restraints                     ? 
_refine.ls_percent_reflns_obs                    96.90 
_refine.ls_percent_reflns_R_free                 4.94 
_refine.ls_R_factor_all                          ? 
_refine.ls_R_factor_obs                          0.1622 
_refine.ls_R_factor_R_free                       0.2046 
_refine.ls_R_factor_R_free_error                 ? 
_refine.ls_R_factor_R_free_error_details         ? 
_refine.ls_R_factor_R_work                       0.1599 
_refine.ls_R_Fsqd_factor_obs                     ? 
_refine.ls_R_I_factor_obs                        ? 
_refine.ls_redundancy_reflns_all                 ? 
_refine.ls_redundancy_reflns_obs                 ? 
_refine.ls_restrained_S_all                      ? 
_refine.ls_restrained_S_obs                      ? 
_refine.ls_shift_over_esd_max                    ? 
_refine.ls_shift_over_esd_mean                   ? 
_refine.ls_structure_factor_coef                 ? 
_refine.ls_weighting_details                     ? 
_refine.ls_weighting_scheme                      ? 
_refine.ls_wR_factor_all                         ? 
_refine.ls_wR_factor_obs                         ? 
_refine.ls_wR_factor_R_free                      ? 
_refine.ls_wR_factor_R_work                      ? 
_refine.occupancy_max                            ? 
_refine.occupancy_min                            ? 
_refine.solvent_model_details                    'FLAT BULK SOLVENT MODEL' 
_refine.solvent_model_param_bsol                 ? 
_refine.solvent_model_param_ksol                 ? 
_refine.pdbx_R_complete                          ? 
_refine.ls_R_factor_gt                           ? 
_refine.ls_goodness_of_fit_gt                    ? 
_refine.ls_goodness_of_fit_ref                   ? 
_refine.ls_shift_over_su_max                     ? 
_refine.ls_shift_over_su_max_lt                  ? 
_refine.ls_shift_over_su_mean                    ? 
_refine.ls_shift_over_su_mean_lt                 ? 
_refine.pdbx_ls_sigma_I                          ? 
_refine.pdbx_ls_sigma_F                          1.35 
_refine.pdbx_ls_sigma_Fsqd                       ? 
_refine.pdbx_data_cutoff_high_absF               ? 
_refine.pdbx_data_cutoff_high_rms_absF           ? 
_refine.pdbx_data_cutoff_low_absF                ? 
_refine.pdbx_isotropic_thermal_model             ? 
_refine.pdbx_ls_cross_valid_method               'FREE R-VALUE' 
_refine.pdbx_method_to_determine_struct          'FOURIER SYNTHESIS' 
_refine.pdbx_starting_model                      3A6T 
_refine.pdbx_stereochemistry_target_values       'GeoStd + Monomer Library' 
_refine.pdbx_R_Free_selection_details            ? 
_refine.pdbx_stereochem_target_val_spec_case     ? 
_refine.pdbx_overall_ESU_R                       ? 
_refine.pdbx_overall_ESU_R_Free                  ? 
_refine.pdbx_solvent_vdw_probe_radii             1.1100 
_refine.pdbx_solvent_ion_probe_radii             ? 
_refine.pdbx_solvent_shrinkage_radii             0.9000 
_refine.pdbx_real_space_R                        ? 
_refine.pdbx_density_correlation                 ? 
_refine.pdbx_pd_number_of_powder_patterns        ? 
_refine.pdbx_pd_number_of_points                 ? 
_refine.pdbx_pd_meas_number_of_points            ? 
_refine.pdbx_pd_proc_ls_prof_R_factor            ? 
_refine.pdbx_pd_proc_ls_prof_wR_factor           ? 
_refine.pdbx_pd_Marquardt_correlation_coeff      ? 
_refine.pdbx_pd_Fsqrd_R_factor                   ? 
_refine.pdbx_pd_ls_matrix_band_width             ? 
_refine.pdbx_overall_phase_error                 19.4870 
_refine.pdbx_overall_SU_R_free_Cruickshank_DPI   ? 
_refine.pdbx_overall_SU_R_free_Blow_DPI          ? 
_refine.pdbx_overall_SU_R_Blow_DPI               ? 
_refine.pdbx_TLS_residual_ADP_flag               ? 
_refine.pdbx_diffrn_id                           1 
_refine.overall_SU_B                             ? 
_refine.overall_SU_ML                            0.1647 
_refine.overall_SU_R_Cruickshank_DPI             ? 
_refine.overall_SU_R_free                        ? 
_refine.overall_FOM_free_R_set                   ? 
_refine.overall_FOM_work_R_set                   ? 
_refine.pdbx_average_fsc_overall                 ? 
_refine.pdbx_average_fsc_work                    ? 
_refine.pdbx_average_fsc_free                    ? 
# 
_refine_hist.pdbx_refine_id                   'X-RAY DIFFRACTION' 
_refine_hist.cycle_id                         LAST 
_refine_hist.details                          ? 
_refine_hist.d_res_high                       1.69 
_refine_hist.d_res_low                        32.03 
_refine_hist.number_atoms_solvent             151 
_refine_hist.number_atoms_total               1293 
_refine_hist.number_reflns_all                ? 
_refine_hist.number_reflns_obs                ? 
_refine_hist.number_reflns_R_free             ? 
_refine_hist.number_reflns_R_work             ? 
_refine_hist.R_factor_all                     ? 
_refine_hist.R_factor_obs                     ? 
_refine_hist.R_factor_R_free                  ? 
_refine_hist.R_factor_R_work                  ? 
_refine_hist.pdbx_number_residues_total       ? 
_refine_hist.pdbx_B_iso_mean_ligand           ? 
_refine_hist.pdbx_B_iso_mean_solvent          ? 
_refine_hist.pdbx_number_atoms_protein        1054 
_refine_hist.pdbx_number_atoms_nucleic_acid   0 
_refine_hist.pdbx_number_atoms_ligand         88 
_refine_hist.pdbx_number_atoms_lipid          ? 
_refine_hist.pdbx_number_atoms_carb           ? 
_refine_hist.pdbx_pseudo_atom_details         ? 
# 
loop_
_refine_ls_restr.pdbx_refine_id 
_refine_ls_restr.criterion 
_refine_ls_restr.dev_ideal 
_refine_ls_restr.dev_ideal_target 
_refine_ls_restr.number 
_refine_ls_restr.rejects 
_refine_ls_restr.type 
_refine_ls_restr.weight 
_refine_ls_restr.pdbx_restraint_function 
'X-RAY DIFFRACTION' ? 0.0058  ? 1223 ? f_bond_d           ? ? 
'X-RAY DIFFRACTION' ? 1.3565  ? 1681 ? f_angle_d          ? ? 
'X-RAY DIFFRACTION' ? 0.0625  ? 171  ? f_chiral_restr     ? ? 
'X-RAY DIFFRACTION' ? 0.0057  ? 209  ? f_plane_restr      ? ? 
'X-RAY DIFFRACTION' ? 16.2623 ? 470  ? f_dihedral_angle_d ? ? 
# 
loop_
_refine_ls_shell.pdbx_refine_id 
_refine_ls_shell.d_res_high 
_refine_ls_shell.d_res_low 
_refine_ls_shell.number_reflns_all 
_refine_ls_shell.number_reflns_obs 
_refine_ls_shell.number_reflns_R_free 
_refine_ls_shell.number_reflns_R_work 
_refine_ls_shell.percent_reflns_obs 
_refine_ls_shell.percent_reflns_R_free 
_refine_ls_shell.R_factor_all 
_refine_ls_shell.R_factor_obs 
_refine_ls_shell.R_factor_R_free 
_refine_ls_shell.R_factor_R_free_error 
_refine_ls_shell.R_factor_R_work 
_refine_ls_shell.redundancy_reflns_all 
_refine_ls_shell.redundancy_reflns_obs 
_refine_ls_shell.wR_factor_all 
_refine_ls_shell.wR_factor_obs 
_refine_ls_shell.wR_factor_R_free 
_refine_ls_shell.wR_factor_R_work 
_refine_ls_shell.pdbx_R_complete 
_refine_ls_shell.pdbx_total_number_of_bins_used 
_refine_ls_shell.pdbx_phase_error 
_refine_ls_shell.pdbx_fsc_work 
_refine_ls_shell.pdbx_fsc_free 
'X-RAY DIFFRACTION' 1.69 1.82  . . 116 2350 85.74  . . . 0.2462 . 0.1823 . . . . . . . . . . . 
'X-RAY DIFFRACTION' 1.82 2.00  . . 143 2718 98.62  . . . 0.2258 . 0.1627 . . . . . . . . . . . 
'X-RAY DIFFRACTION' 2.00 2.29  . . 146 2740 100.00 . . . 0.2030 . 0.1529 . . . . . . . . . . . 
'X-RAY DIFFRACTION' 2.29 2.89  . . 146 2804 99.93  . . . 0.2024 . 0.1674 . . . . . . . . . . . 
'X-RAY DIFFRACTION' 2.89 32.03 . . 152 2930 99.87  . . . 0.1927 . 0.1537 . . . . . . . . . . . 
# 
_struct.entry_id                     7X9H 
_struct.title                        'Crystal structure of MutT-8-oxo-dGTP complex: Reaction for 9 hr using 5 mM Mn2+' 
_struct.pdbx_model_details           ? 
_struct.pdbx_formula_weight          ? 
_struct.pdbx_formula_weight_method   ? 
_struct.pdbx_model_type_details      ? 
_struct.pdbx_CASP_flag               N 
# 
_struct_keywords.entry_id        7X9H 
_struct_keywords.text            'Nudix hydrolase, HYDROLASE' 
_struct_keywords.pdbx_keywords   HYDROLASE 
# 
loop_
_struct_asym.id 
_struct_asym.pdbx_blank_PDB_chainid_flag 
_struct_asym.pdbx_modified 
_struct_asym.entity_id 
_struct_asym.details 
A N N 1 ? 
B N N 2 ? 
C N N 3 ? 
D N N 4 ? 
E N N 5 ? 
F N N 6 ? 
G N N 6 ? 
H N N 6 ? 
I N N 7 ? 
J N N 8 ? 
# 
loop_
_struct_conf.conf_type_id 
_struct_conf.id 
_struct_conf.pdbx_PDB_helix_id 
_struct_conf.beg_label_comp_id 
_struct_conf.beg_label_asym_id 
_struct_conf.beg_label_seq_id 
_struct_conf.pdbx_beg_PDB_ins_code 
_struct_conf.end_label_comp_id 
_struct_conf.end_label_asym_id 
_struct_conf.end_label_seq_id 
_struct_conf.pdbx_end_PDB_ins_code 
_struct_conf.beg_auth_comp_id 
_struct_conf.beg_auth_asym_id 
_struct_conf.beg_auth_seq_id 
_struct_conf.end_auth_comp_id 
_struct_conf.end_auth_asym_id 
_struct_conf.end_auth_seq_id 
_struct_conf.pdbx_PDB_helix_class 
_struct_conf.details 
_struct_conf.pdbx_PDB_helix_length 
HELX_P HELX_P1 AA1 THR A 45  ? GLY A 59  ? THR A 45  GLY A 59  1 ? 15 
HELX_P HELX_P2 AA2 ASN A 111 ? PHE A 115 ? ASN A 111 PHE A 115 5 ? 5  
HELX_P HELX_P3 AA3 PRO A 116 ? ALA A 118 ? PRO A 116 ALA A 118 5 ? 3  
HELX_P HELX_P4 AA4 ASN A 119 ? LEU A 129 ? ASN A 119 LEU A 129 1 ? 11 
# 
_struct_conf_type.id          HELX_P 
_struct_conf_type.criteria    ? 
_struct_conf_type.reference   ? 
# 
loop_
_struct_conn.id 
_struct_conn.conn_type_id 
_struct_conn.pdbx_leaving_atom_flag 
_struct_conn.pdbx_PDB_id 
_struct_conn.ptnr1_label_asym_id 
_struct_conn.ptnr1_label_comp_id 
_struct_conn.ptnr1_label_seq_id 
_struct_conn.ptnr1_label_atom_id 
_struct_conn.pdbx_ptnr1_label_alt_id 
_struct_conn.pdbx_ptnr1_PDB_ins_code 
_struct_conn.pdbx_ptnr1_standard_comp_id 
_struct_conn.ptnr1_symmetry 
_struct_conn.ptnr2_label_asym_id 
_struct_conn.ptnr2_label_comp_id 
_struct_conn.ptnr2_label_seq_id 
_struct_conn.ptnr2_label_atom_id 
_struct_conn.pdbx_ptnr2_label_alt_id 
_struct_conn.pdbx_ptnr2_PDB_ins_code 
_struct_conn.ptnr1_auth_asym_id 
_struct_conn.ptnr1_auth_comp_id 
_struct_conn.ptnr1_auth_seq_id 
_struct_conn.ptnr2_auth_asym_id 
_struct_conn.ptnr2_auth_comp_id 
_struct_conn.ptnr2_auth_seq_id 
_struct_conn.ptnr2_symmetry 
_struct_conn.pdbx_ptnr3_label_atom_id 
_struct_conn.pdbx_ptnr3_label_seq_id 
_struct_conn.pdbx_ptnr3_label_comp_id 
_struct_conn.pdbx_ptnr3_label_asym_id 
_struct_conn.pdbx_ptnr3_label_alt_id 
_struct_conn.pdbx_ptnr3_PDB_ins_code 
_struct_conn.details 
_struct_conn.pdbx_dist_value 
_struct_conn.pdbx_value_order 
_struct_conn.pdbx_role 
covale1  covale both ? B GLC .  C1  ? ? ? 1_555 B FRU . O2 ? ? C GLC 1   C FRU 2   1_555 ? ? ? ? ? ? ? 1.414 ? ? 
metalc1  metalc ?    ? A GLY 37 O   ? ? ? 1_555 F MN  . MN ? ? A GLY 37  A MN  204 1_555 ? ? ? ? ? ? ? 2.178 ? ? 
metalc2  metalc ?    ? A GLU 53 OE2 ? ? ? 1_555 G MN  . MN A ? A GLU 53  A MN  205 1_555 ? ? ? ? ? ? ? 2.527 ? ? 
metalc3  metalc ?    ? A GLU 53 OE1 ? ? ? 1_555 H MN  . MN A ? A GLU 53  A MN  206 1_555 ? ? ? ? ? ? ? 2.500 ? ? 
metalc4  metalc ?    ? A GLU 53 OE1 ? ? ? 1_555 I NA  . NA B ? A GLU 53  A NA  207 1_555 ? ? ? ? ? ? ? 2.499 ? ? 
metalc5  metalc ?    ? A GLU 57 OE2 ? ? ? 1_555 F MN  . MN ? ? A GLU 57  A MN  204 1_555 ? ? ? ? ? ? ? 2.191 ? ? 
metalc6  metalc ?    ? A GLU 57 OE2 ? ? ? 1_555 H MN  . MN A ? A GLU 57  A MN  206 1_555 ? ? ? ? ? ? ? 2.626 ? ? 
metalc7  metalc ?    ? A GLU 57 OE2 ? ? ? 1_555 I NA  . NA B ? A GLU 57  A NA  207 1_555 ? ? ? ? ? ? ? 2.976 ? ? 
metalc8  metalc ?    ? D 8DG .  O2B A ? ? 1_555 F MN  . MN ? ? A 8DG 202 A MN  204 1_555 ? ? ? ? ? ? ? 2.158 ? ? 
metalc9  metalc ?    ? D 8DG .  O1A A ? ? 1_555 F MN  . MN ? ? A 8DG 202 A MN  204 1_555 ? ? ? ? ? ? ? 2.126 ? ? 
metalc10 metalc ?    ? D 8DG .  O1B A ? ? 1_555 G MN  . MN A ? A 8DG 202 A MN  205 1_555 ? ? ? ? ? ? ? 2.222 ? ? 
metalc11 metalc ?    ? D 8DG .  O2B A ? ? 1_555 H MN  . MN A ? A 8DG 202 A MN  206 1_555 ? ? ? ? ? ? ? 2.339 ? ? 
metalc12 metalc ?    ? E 8OG .  OP2 B ? ? 1_555 F MN  . MN ? ? A 8OG 203 A MN  204 1_555 ? ? ? ? ? ? ? 2.364 ? ? 
metalc13 metalc ?    ? F MN  .  MN  ? ? ? 1_555 J HOH . O  ? ? A MN  204 A HOH 336 1_555 ? ? ? ? ? ? ? 2.206 ? ? 
metalc14 metalc ?    ? F MN  .  MN  ? ? ? 1_555 J HOH . O  C ? A MN  204 A HOH 403 1_555 ? ? ? ? ? ? ? 2.101 ? ? 
metalc15 metalc ?    ? F MN  .  MN  ? ? ? 1_555 J HOH . O  ? ? A MN  204 A HOH 405 1_555 ? ? ? ? ? ? ? 2.256 ? ? 
metalc16 metalc ?    ? G MN  .  MN  A ? ? 1_555 J HOH . O  ? ? A MN  205 A HOH 304 1_555 ? ? ? ? ? ? ? 2.389 ? ? 
metalc17 metalc ?    ? G MN  .  MN  A ? ? 1_555 J HOH . O  ? ? A MN  205 A HOH 309 1_555 ? ? ? ? ? ? ? 2.471 ? ? 
metalc18 metalc ?    ? G MN  .  MN  A ? ? 1_555 J HOH . O  ? ? A MN  205 A HOH 338 1_555 ? ? ? ? ? ? ? 2.304 ? ? 
metalc19 metalc ?    ? H MN  .  MN  A ? ? 1_555 J HOH . O  ? ? A MN  206 A HOH 310 1_555 ? ? ? ? ? ? ? 2.530 ? ? 
metalc20 metalc ?    ? H MN  .  MN  A ? ? 1_555 J HOH . O  ? ? A MN  206 A HOH 320 1_555 ? ? ? ? ? ? ? 2.659 ? ? 
metalc21 metalc ?    ? I NA  .  NA  B ? ? 1_555 J HOH . O  ? ? A NA  207 A HOH 310 1_555 ? ? ? ? ? ? ? 2.491 ? ? 
metalc22 metalc ?    ? I NA  .  NA  B ? ? 1_555 J HOH . O  B ? A NA  207 A HOH 314 1_555 ? ? ? ? ? ? ? 2.965 ? ? 
metalc23 metalc ?    ? I NA  .  NA  B ? ? 1_555 J HOH . O  ? ? A NA  207 A HOH 320 1_555 ? ? ? ? ? ? ? 2.829 ? ? 
# 
loop_
_struct_conn_type.id 
_struct_conn_type.criteria 
_struct_conn_type.reference 
covale ? ? 
metalc ? ? 
# 
loop_
_struct_sheet.id 
_struct_sheet.type 
_struct_sheet.number_strands 
_struct_sheet.details 
AA1 ? 4 ? 
AA2 ? 3 ? 
AA3 ? 2 ? 
# 
loop_
_struct_sheet_order.sheet_id 
_struct_sheet_order.range_id_1 
_struct_sheet_order.range_id_2 
_struct_sheet_order.offset 
_struct_sheet_order.sense 
AA1 1 2 ? anti-parallel 
AA1 2 3 ? parallel      
AA1 3 4 ? anti-parallel 
AA2 1 2 ? anti-parallel 
AA2 2 3 ? anti-parallel 
AA3 1 2 ? anti-parallel 
# 
loop_
_struct_sheet_range.sheet_id 
_struct_sheet_range.id 
_struct_sheet_range.beg_label_comp_id 
_struct_sheet_range.beg_label_asym_id 
_struct_sheet_range.beg_label_seq_id 
_struct_sheet_range.pdbx_beg_PDB_ins_code 
_struct_sheet_range.end_label_comp_id 
_struct_sheet_range.end_label_asym_id 
_struct_sheet_range.end_label_seq_id 
_struct_sheet_range.pdbx_end_PDB_ins_code 
_struct_sheet_range.beg_auth_comp_id 
_struct_sheet_range.beg_auth_asym_id 
_struct_sheet_range.beg_auth_seq_id 
_struct_sheet_range.end_auth_comp_id 
_struct_sheet_range.end_auth_asym_id 
_struct_sheet_range.end_auth_seq_id 
AA1 1 GLY A 37  ? LYS A 39  ? GLY A 37  LYS A 39  
AA1 2 LYS A 2   ? ILE A 11  ? LYS A 2   ILE A 11  
AA1 3 ARG A 78  ? VAL A 87  ? ARG A 78  VAL A 87  
AA1 4 SER A 66  ? GLU A 74  ? SER A 66  GLU A 74  
AA2 1 LEU A 33  ? GLU A 34  ? LEU A 33  GLU A 34  
AA2 2 GLU A 17  ? ARG A 22  ? GLU A 17  ARG A 22  
AA2 3 GLY A 102 ? SER A 106 ? GLY A 102 SER A 106 
AA3 1 THR A 61  ? GLN A 63  ? THR A 61  GLN A 63  
AA3 2 ARG A 89  ? GLU A 91  ? ARG A 89  GLU A 91  
# 
loop_
_pdbx_struct_sheet_hbond.sheet_id 
_pdbx_struct_sheet_hbond.range_id_1 
_pdbx_struct_sheet_hbond.range_id_2 
_pdbx_struct_sheet_hbond.range_1_label_atom_id 
_pdbx_struct_sheet_hbond.range_1_label_comp_id 
_pdbx_struct_sheet_hbond.range_1_label_asym_id 
_pdbx_struct_sheet_hbond.range_1_label_seq_id 
_pdbx_struct_sheet_hbond.range_1_PDB_ins_code 
_pdbx_struct_sheet_hbond.range_1_auth_atom_id 
_pdbx_struct_sheet_hbond.range_1_auth_comp_id 
_pdbx_struct_sheet_hbond.range_1_auth_asym_id 
_pdbx_struct_sheet_hbond.range_1_auth_seq_id 
_pdbx_struct_sheet_hbond.range_2_label_atom_id 
_pdbx_struct_sheet_hbond.range_2_label_comp_id 
_pdbx_struct_sheet_hbond.range_2_label_asym_id 
_pdbx_struct_sheet_hbond.range_2_label_seq_id 
_pdbx_struct_sheet_hbond.range_2_PDB_ins_code 
_pdbx_struct_sheet_hbond.range_2_auth_atom_id 
_pdbx_struct_sheet_hbond.range_2_auth_comp_id 
_pdbx_struct_sheet_hbond.range_2_auth_asym_id 
_pdbx_struct_sheet_hbond.range_2_auth_seq_id 
AA1 1 2 O GLY A 38 ? O GLY A 38 N ALA A 7   ? N ALA A 7   
AA1 2 3 N ILE A 10 ? N ILE A 10 O TRP A 85  ? O TRP A 85  
AA1 3 4 O PHE A 84 ? O PHE A 84 N GLU A 69  ? N GLU A 69  
AA2 1 2 O GLU A 34 ? O GLU A 34 N THR A 21  ? N THR A 21  
AA2 2 3 N ILE A 18 ? N ILE A 18 O MET A 105 ? O MET A 105 
AA3 1 2 N GLN A 63 ? N GLN A 63 O ARG A 89  ? O ARG A 89  
# 
_atom_sites.entry_id                    7X9H 
_atom_sites.Cartn_transf_matrix[1][1]   ? 
_atom_sites.Cartn_transf_matrix[1][2]   ? 
_atom_sites.Cartn_transf_matrix[1][3]   ? 
_atom_sites.Cartn_transf_matrix[2][1]   ? 
_atom_sites.Cartn_transf_matrix[2][2]   ? 
_atom_sites.Cartn_transf_matrix[2][3]   ? 
_atom_sites.Cartn_transf_matrix[3][1]   ? 
_atom_sites.Cartn_transf_matrix[3][2]   ? 
_atom_sites.Cartn_transf_matrix[3][3]   ? 
_atom_sites.Cartn_transf_vector[1]      ? 
_atom_sites.Cartn_transf_vector[2]      ? 
_atom_sites.Cartn_transf_vector[3]      ? 
_atom_sites.fract_transf_matrix[1][1]   0.01910805 
_atom_sites.fract_transf_matrix[1][2]   0.00883556 
_atom_sites.fract_transf_matrix[1][3]   0.01568050 
_atom_sites.fract_transf_matrix[2][1]   -0.01183790 
_atom_sites.fract_transf_matrix[2][2]   0.01022639 
_atom_sites.fract_transf_matrix[2][3]   0.00866320 
_atom_sites.fract_transf_matrix[3][1]   -0.00301764 
_atom_sites.fract_transf_matrix[3][2]   -0.01264367 
_atom_sites.fract_transf_matrix[3][3]   0.01080163 
_atom_sites.fract_transf_vector[1]      0.002224 
_atom_sites.fract_transf_vector[2]      0.036736 
_atom_sites.fract_transf_vector[3]      0.381800 
_atom_sites.solution_primary            ? 
_atom_sites.solution_secondary          ? 
_atom_sites.solution_hydrogens          ? 
_atom_sites.special_details             ? 
# 
loop_
_atom_type.symbol 
_atom_type.scat_dispersion_real 
_atom_type.scat_dispersion_imag 
_atom_type.scat_Cromer_Mann_a1 
_atom_type.scat_Cromer_Mann_a2 
_atom_type.scat_Cromer_Mann_b1 
_atom_type.scat_Cromer_Mann_b2 
_atom_type.scat_Cromer_Mann_c 
_atom_type.scat_source 
_atom_type.scat_dispersion_source 
C  ? ? 3.54356  2.42580 25.62398 1.50364  0.0 
;2-Gaussian fit: Grosse-Kunstleve RW, Sauter NK, Adams PD: Newsletter of the IUCr Commission on Crystallographic Computing 2004, 3, 22-31.
;
? 
MN ? ? 20.23591 4.67902 2.76514  44.01191 0.0 
;2-Gaussian fit: Grosse-Kunstleve RW, Sauter NK, Adams PD: Newsletter of the IUCr Commission on Crystallographic Computing 2004, 3, 22-31.
;
? 
N  ? ? 4.01032  2.96436 19.97189 1.75589  0.0 
;2-Gaussian fit: Grosse-Kunstleve RW, Sauter NK, Adams PD: Newsletter of the IUCr Commission on Crystallographic Computing 2004, 3, 22-31.
;
? 
NA ? ? 9.38062  1.54875 3.38349  72.32734 0.0 
;2-Gaussian fit: Grosse-Kunstleve RW, Sauter NK, Adams PD: Newsletter of the IUCr Commission on Crystallographic Computing 2004, 3, 22-31.
;
? 
O  ? ? 4.49882  3.47563 15.80542 1.70748  0.0 
;2-Gaussian fit: Grosse-Kunstleve RW, Sauter NK, Adams PD: Newsletter of the IUCr Commission on Crystallographic Computing 2004, 3, 22-31.
;
? 
P  ? ? 9.51135  5.44231 1.42069  35.72801 0.0 
;2-Gaussian fit: Grosse-Kunstleve RW, Sauter NK, Adams PD: Newsletter of the IUCr Commission on Crystallographic Computing 2004, 3, 22-31.
;
? 
S  ? ? 9.55732  6.39887 1.23737  29.19336 0.0 
;2-Gaussian fit: Grosse-Kunstleve RW, Sauter NK, Adams PD: Newsletter of the IUCr Commission on Crystallographic Computing 2004, 3, 22-31.
;
? 
# 
loop_
_atom_site.group_PDB 
_atom_site.id 
_atom_site.type_symbol 
_atom_site.label_atom_id 
_atom_site.label_alt_id 
_atom_site.label_comp_id 
_atom_site.label_asym_id 
_atom_site.label_entity_id 
_atom_site.label_seq_id 
_atom_site.pdbx_PDB_ins_code 
_atom_site.Cartn_x 
_atom_site.Cartn_y 
_atom_site.Cartn_z 
_atom_site.occupancy 
_atom_site.B_iso_or_equiv 
_atom_site.pdbx_formal_charge 
_atom_site.auth_seq_id 
_atom_site.auth_comp_id 
_atom_site.auth_asym_id 
_atom_site.auth_atom_id 
_atom_site.pdbx_PDB_model_num 
ATOM   1    N  N     . MET A 1 1   ? -4.67556  -20.70249 -10.93823 1.000 85.46000 ? 1   MET A N     1 
ATOM   2    C  CA    . MET A 1 1   ? -4.61919  -19.64253 -9.93682  1.000 69.28000 ? 1   MET A CA    1 
ATOM   3    C  C     . MET A 1 1   ? -4.01849  -18.35377 -10.50107 1.000 60.43000 ? 1   MET A C     1 
ATOM   4    O  O     . MET A 1 1   ? -2.92787  -18.36731 -11.07750 1.000 57.07000 ? 1   MET A O     1 
ATOM   5    C  CB    . MET A 1 1   ? -3.81771  -20.10415 -8.71986  1.000 56.85000 ? 1   MET A CB    1 
ATOM   6    C  CG    . MET A 1 1   ? -3.47910  -18.98039 -7.76519  1.000 41.42000 ? 1   MET A CG    1 
ATOM   7    S  SD    . MET A 1 1   ? -3.02520  -19.55277 -6.12253  1.000 55.00000 ? 1   MET A SD    1 
ATOM   8    C  CE    . MET A 1 1   ? -4.46169  -20.54853 -5.72105  1.000 27.59000 ? 1   MET A CE    1 
ATOM   9    N  N     . LYS A 1 2   ? -4.74035  -17.24750 -10.31844 1.000 47.44000 ? 2   LYS A N     1 
ATOM   10   C  CA    . LYS A 1 2   ? -4.29760  -15.94948 -10.81428 1.000 44.89000 ? 2   LYS A CA    1 
ATOM   11   C  C     . LYS A 1 2   ? -2.97383  -15.54034 -10.17365 1.000 37.40000 ? 2   LYS A C     1 
ATOM   12   O  O     . LYS A 1 2   ? -2.69908  -15.84960 -9.01001  1.000 21.14000 ? 2   LYS A O     1 
ATOM   13   C  CB    . LYS A 1 2   ? -5.35533  -14.88375 -10.52260 1.000 41.27000 ? 2   LYS A CB    1 
ATOM   14   C  CG    . LYS A 1 2   ? -6.73952  -15.44333 -10.22808 1.000 46.84000 ? 2   LYS A CG    1 
ATOM   15   C  CD    . LYS A 1 2   ? -7.59985  -14.42950 -9.48980  1.000 48.94000 ? 2   LYS A CD    1 
ATOM   16   C  CE    . LYS A 1 2   ? -7.63111  -13.09473 -10.22056 1.000 50.89000 ? 2   LYS A CE    1 
ATOM   17   N  NZ    . LYS A 1 2   ? -8.59246  -12.14822 -9.59245  1.000 62.11000 ? 2   LYS A NZ    1 
ATOM   18   N  N     . LYS A 1 3   ? -2.15132  -14.83631 -10.95827 1.000 38.52000 ? 3   LYS A N     1 
ATOM   19   C  CA    . LYS A 1 3   ? -0.88620  -14.26299 -10.51111 1.000 30.31000 ? 3   LYS A CA    1 
ATOM   20   C  C     . LYS A 1 3   ? -0.89222  -12.77232 -10.81138 1.000 36.55000 ? 3   LYS A C     1 
ATOM   21   O  O     . LYS A 1 3   ? -1.13511  -12.37086 -11.95363 1.000 35.91000 ? 3   LYS A O     1 
ATOM   22   C  CB    . LYS A 1 3   ? 0.31515   -14.91306 -11.20867 1.000 30.69000 ? 3   LYS A CB    1 
ATOM   23   C  CG    . LYS A 1 3   ? 0.60725   -16.33924 -10.80620 1.000 39.44000 ? 3   LYS A CG    1 
ATOM   24   C  CD    . LYS A 1 3   ? 1.87282   -16.82366 -11.50627 1.000 60.73000 ? 3   LYS A CD    1 
ATOM   25   C  CE    . LYS A 1 3   ? 2.26116   -18.23069 -11.07954 1.000 68.59000 ? 3   LYS A CE    1 
ATOM   26   N  NZ    . LYS A 1 3   ? 3.49942   -18.69743 -11.76968 1.000 66.95000 ? 3   LYS A NZ    1 
ATOM   27   N  N     . LEU A 1 4   ? -0.60315  -11.95722 -9.80155  1.000 20.68000 ? 4   LEU A N     1 
ATOM   28   C  CA    . LEU A 1 4   ? -0.64111  -10.50793 -9.95420  1.000 17.63000 ? 4   LEU A CA    1 
ATOM   29   C  C     . LEU A 1 4   ? 0.60647   -9.86643  -9.36172  1.000 12.21000 ? 4   LEU A C     1 
ATOM   30   O  O     . LEU A 1 4   ? 1.15876   -10.34519 -8.37215  1.000 15.76000 ? 4   LEU A O     1 
ATOM   31   C  CB    . LEU A 1 4   ? -1.88107  -9.90114  -9.27896  1.000 24.13000 ? 4   LEU A CB    1 
ATOM   32   C  CG    . LEU A 1 4   ? -3.24364  -10.31044 -9.83205  1.000 30.77000 ? 4   LEU A CG    1 
ATOM   33   C  CD1   . LEU A 1 4   ? -3.76721  -11.53820 -9.09818  1.000 43.48000 ? 4   LEU A CD1   1 
ATOM   34   C  CD2   . LEU A 1 4   ? -4.21405  -9.15823  -9.70890  1.000 36.80000 ? 4   LEU A CD2   1 
ATOM   35   N  N     . GLN A 1 5   ? 1.03738   -8.76513  -9.98004  1.000 12.18000 ? 5   GLN A N     1 
ATOM   36   C  CA    . GLN A 1 5   ? 2.03341   -7.86543  -9.41064  1.000 10.12000 ? 5   GLN A CA    1 
ATOM   37   C  C     . GLN A 1 5   ? 1.31415   -6.62457  -8.90859  1.000 11.19000 ? 5   GLN A C     1 
ATOM   38   O  O     . GLN A 1 5   ? 0.58430   -5.98598  -9.67307  1.000 9.71000  ? 5   GLN A O     1 
ATOM   39   C  CB    . GLN A 1 5   ? 3.07407   -7.44847  -10.45001 1.000 13.70000 ? 5   GLN A CB    1 
ATOM   40   C  CG    . GLN A 1 5   ? 3.75560   -8.61359  -11.14463 1.000 15.09000 ? 5   GLN A CG    1 
ATOM   41   C  CD    . GLN A 1 5   ? 4.82889   -9.25092  -10.29213 1.000 15.70000 ? 5   GLN A CD    1 
ATOM   42   O  OE1   . GLN A 1 5   ? 5.68608   -8.56838  -9.73250  1.000 18.61000 ? 5   GLN A OE1   1 
ATOM   43   N  NE2   . GLN A 1 5   ? 4.78898   -10.57255 -10.19017 1.000 22.88000 ? 5   GLN A NE2   1 
ATOM   44   N  N     . ILE A 1 6   ? 1.53434   -6.28407  -7.64114  1.000 10.06000 ? 6   ILE A N     1 
ATOM   45   C  CA    . ILE A 1 6   ? 0.84951   -5.18773  -6.96067  1.000 11.49000 ? 6   ILE A CA    1 
ATOM   46   C  C     . ILE A 1 6   ? 1.88503   -4.19392  -6.44220  1.000 7.86000  ? 6   ILE A C     1 
ATOM   47   O  O     . ILE A 1 6   ? 2.86483   -4.59254  -5.80111  1.000 10.73000 ? 6   ILE A O     1 
ATOM   48   C  CB    . ILE A 1 6   ? -0.00366  -5.70566  -5.79155  1.000 8.14000  ? 6   ILE A CB    1 
ATOM   49   C  CG1   . ILE A 1 6   ? -1.01542  -6.77495  -6.24622  1.000 9.63000  ? 6   ILE A CG1   1 
ATOM   50   C  CG2   . ILE A 1 6   ? -0.68356  -4.53183  -5.09879  1.000 9.55000  ? 6   ILE A CG2   1 
ATOM   51   C  CD1   . ILE A 1 6   ? -2.00287  -6.31984  -7.28647  1.000 12.38000 ? 6   ILE A CD1   1 
ATOM   52   N  N     . ALA A 1 7   ? 1.67165   -2.90645  -6.70340  1.000 6.80000  ? 7   ALA A N     1 
ATOM   53   C  CA    . ALA A 1 7   ? 2.53042   -1.85120  -6.17492  1.000 6.13000  ? 7   ALA A CA    1 
ATOM   54   C  C     . ALA A 1 7   ? 1.74668   -1.02466  -5.16664  1.000 8.67000  ? 7   ALA A C     1 
ATOM   55   O  O     . ALA A 1 7   ? 0.65070   -0.55196  -5.47184  1.000 9.96000  ? 7   ALA A O     1 
ATOM   56   C  CB    . ALA A 1 7   ? 3.05095   -0.93121  -7.28241  1.000 10.79000 ? 7   ALA A CB    1 
ATOM   57   N  N     . VAL A 1 8   ? 2.31242   -0.83388  -3.97477  1.000 7.02000  ? 8   VAL A N     1 
ATOM   58   C  CA    . VAL A 1 8   ? 1.64475   -0.06614  -2.93249  1.000 7.19000  ? 8   VAL A CA    1 
ATOM   59   C  C     . VAL A 1 8   ? 2.61215   0.95900   -2.36039  1.000 6.50000  ? 8   VAL A C     1 
ATOM   60   O  O     . VAL A 1 8   ? 3.83796   0.81183   -2.44369  1.000 8.64000  ? 8   VAL A O     1 
ATOM   61   C  CB    . VAL A 1 8   ? 1.07750   -0.96850  -1.80646  1.000 9.74000  ? 8   VAL A CB    1 
ATOM   62   C  CG1   . VAL A 1 8   ? 0.27033   -2.10817  -2.40214  1.000 8.70000  ? 8   VAL A CG1   1 
ATOM   63   C  CG2   . VAL A 1 8   ? 2.17660   -1.48703  -0.90000  1.000 8.45000  ? 8   VAL A CG2   1 
ATOM   64   N  N     . GLY A 1 9   ? 2.03812   2.02071   -1.77868  1.000 6.20000  ? 9   GLY A N     1 
ATOM   65   C  CA    . GLY A 1 9   ? 2.83977   3.08664   -1.20670  1.000 6.94000  ? 9   GLY A CA    1 
ATOM   66   C  C     . GLY A 1 9   ? 2.63957   3.24142   0.28762   1.000 7.56000  ? 9   GLY A C     1 
ATOM   67   O  O     . GLY A 1 9   ? 1.50289   3.37056   0.75962   1.000 6.80000  ? 9   GLY A O     1 
ATOM   68   N  N     . ILE A 1 10  ? 3.73944   3.18626   1.03415   1.000 6.75000  ? 10  ILE A N     1 
ATOM   69   C  CA    . ILE A 1 10  ? 3.74182   3.45161   2.47042   1.000 7.05000  ? 10  ILE A CA    1 
ATOM   70   C  C     . ILE A 1 10  ? 3.97804   4.94820   2.60150   1.000 7.86000  ? 10  ILE A C     1 
ATOM   71   O  O     . ILE A 1 10  ? 5.09986   5.42487   2.43235   1.000 9.29000  ? 10  ILE A O     1 
ATOM   72   C  CB    . ILE A 1 10  ? 4.82182   2.64894   3.19698   1.000 7.91000  ? 10  ILE A CB    1 
ATOM   73   C  CG1   . ILE A 1 10  ? 4.59977   1.15038   3.01122   1.000 5.85000  ? 10  ILE A CG1   1 
ATOM   74   C  CG2   . ILE A 1 10  ? 4.86153   3.01933   4.67587   1.000 7.34000  ? 10  ILE A CG2   1 
ATOM   75   C  CD1   . ILE A 1 10  ? 5.86600   0.30797   3.27544   1.000 10.31000 ? 10  ILE A CD1   1 
ATOM   76   N  N     . ILE A 1 11  ? 2.91825   5.68946   2.89772   1.000 6.69000  ? 11  ILE A N     1 
ATOM   77   C  CA    . ILE A 1 11  ? 2.92262   7.14679   2.84297   1.000 6.66000  ? 11  ILE A CA    1 
ATOM   78   C  C     . ILE A 1 11  ? 3.16326   7.65283   4.25671   1.000 10.57000 ? 11  ILE A C     1 
ATOM   79   O  O     . ILE A 1 11  ? 2.26123   7.60351   5.09075   1.000 9.88000  ? 11  ILE A O     1 
ATOM   80   C  CB    . ILE A 1 11  ? 1.59978   7.67447   2.27432   1.000 7.35000  ? 11  ILE A CB    1 
ATOM   81   C  CG1   . ILE A 1 11  ? 1.37568   7.09530   0.87661   1.000 6.72000  ? 11  ILE A CG1   1 
ATOM   82   C  CG2   . ILE A 1 11  ? 1.59774   9.21622   2.26183   1.000 11.37000 ? 11  ILE A CG2   1 
ATOM   83   C  CD1   . ILE A 1 11  ? -0.08447  7.10422   0.44784   1.000 7.16000  ? 11  ILE A CD1   1 
ATOM   84   N  N     . ARG A 1 12  ? 4.36978   8.14688   4.53368   1.000 9.71000  ? 12  ARG A N     1 
ATOM   85   C  CA    . ARG A 1 12  ? 4.80631   8.46224   5.89317   1.000 9.71000  ? 12  ARG A CA    1 
ATOM   86   C  C     . ARG A 1 12  ? 5.03871   9.96379   6.04621   1.000 11.89000 ? 12  ARG A C     1 
ATOM   87   O  O     . ARG A 1 12  ? 5.83508   10.55019  5.30280   1.000 12.23000 ? 12  ARG A O     1 
ATOM   88   C  CB    . ARG A 1 12  ? 6.08930   7.69399   6.22073   1.000 8.69000  ? 12  ARG A CB    1 
ATOM   89   C  CG    . ARG A 1 12  ? 6.60328   7.88856   7.63257   1.000 14.45000 ? 12  ARG A CG    1 
ATOM   90   C  CD    . ARG A 1 12  ? 8.06369   7.47391   7.68195   1.000 29.60000 ? 12  ARG A CD    1 
ATOM   91   N  NE    . ARG A 1 12  ? 8.58154   7.41058   9.04021   1.000 34.52000 ? 12  ARG A NE    1 
ATOM   92   C  CZ    . ARG A 1 12  ? 9.84966   7.14573   9.33325   1.000 54.19000 ? 12  ARG A CZ    1 
ATOM   93   N  NH1   . ARG A 1 12  ? 10.72474  6.93269   8.35512   1.000 35.92000 ? 12  ARG A NH1   1 
ATOM   94   N  NH2   . ARG A 1 12  ? 10.24263  7.09566   10.60017  1.000 58.79000 ? 12  ARG A NH2   1 
ATOM   95   N  N     . ASN A 1 13  ? 4.36797   10.58567  7.01704   1.000 9.80000  ? 13  ASN A N     1 
ATOM   96   C  CA    . ASN A 1 13  ? 4.55082   12.01870  7.21215   1.000 11.57000 ? 13  ASN A CA    1 
ATOM   97   C  C     . ASN A 1 13  ? 5.66564   12.28218  8.22631   1.000 15.73000 ? 13  ASN A C     1 
ATOM   98   O  O     . ASN A 1 13  ? 6.30236   11.36560  8.75202   1.000 16.52000 ? 13  ASN A O     1 
ATOM   99   C  CB    . ASN A 1 13  ? 3.23144   12.69804  7.61685   1.000 11.37000 ? 13  ASN A CB    1 
ATOM   100  C  CG    . ASN A 1 13  ? 2.75667   12.34080  9.03284   1.000 13.18000 ? 13  ASN A CG    1 
ATOM   101  O  OD1   . ASN A 1 13  ? 3.48651   11.76932  9.83987   1.000 12.98000 ? 13  ASN A OD1   1 
ATOM   102  N  ND2   . ASN A 1 13  ? 1.50881   12.70574  9.33671   1.000 11.52000 ? 13  ASN A ND2   1 
ATOM   103  N  N     . GLU A 1 14  ? 5.88193   13.56613  8.53164   1.000 20.34000 ? 14  GLU A N     1 
ATOM   104  C  CA    . GLU A 1 14  ? 6.96035   13.96876  9.42469   1.000 21.05000 ? 14  GLU A CA    1 
ATOM   105  C  C     . GLU A 1 14  ? 6.72487   13.56118  10.87208  1.000 22.90000 ? 14  GLU A C     1 
ATOM   106  O  O     . GLU A 1 14  ? 7.67114   13.60301  11.66575  1.000 25.46000 ? 14  GLU A O     1 
ATOM   107  C  CB    . GLU A 1 14  ? 7.15824   15.48326  9.35636   1.000 24.23000 ? 14  GLU A CB    1 
ATOM   108  C  CG    . GLU A 1 14  ? 7.60411   15.99403  7.99622   1.000 41.99000 ? 14  GLU A CG    1 
ATOM   109  C  CD    . GLU A 1 14  ? 7.55930   17.50691  7.90983   1.000 59.98000 ? 14  GLU A CD    1 
ATOM   110  O  OE1   . GLU A 1 14  ? 7.03058   18.14172  8.85098   1.000 49.21000 ? 14  GLU A OE1   1 
ATOM   111  O  OE2   . GLU A 1 14  ? 8.05064   18.05958  6.90090   1.000 84.30000 ? 14  GLU A OE2   1 
ATOM   112  N  N     . ASN A 1 15  ? 5.50107   13.17908  11.23609  1.000 15.67000 ? 15  ASN A N     1 
ATOM   113  C  CA    . ASN A 1 15  ? 5.17057   12.80082  12.60363  1.000 16.23000 ? 15  ASN A CA    1 
ATOM   114  C  C     . ASN A 1 15  ? 5.08380   11.28888  12.77953  1.000 15.02000 ? 15  ASN A C     1 
ATOM   115  O  O     . ASN A 1 15  ? 4.42705   10.81830  13.71943  1.000 18.29000 ? 15  ASN A O     1 
ATOM   116  C  CB    . ASN A 1 15  ? 3.85625   13.45020  13.03412  1.000 19.93000 ? 15  ASN A CB    1 
ATOM   117  C  CG    . ASN A 1 15  ? 3.96884   14.95218  13.18392  1.000 37.03000 ? 15  ASN A CG    1 
ATOM   118  O  OD1   . ASN A 1 15  ? 5.01094   15.54250  12.89553  1.000 40.67000 ? 15  ASN A OD1   1 
ATOM   119  N  ND2   . ASN A 1 15  ? 2.89185   15.58102  13.63476  1.000 42.86000 ? 15  ASN A ND2   1 
ATOM   120  N  N     A ASN A 1 16  ? 5.72715   10.52542  11.89506  0.500 11.51000 ? 16  ASN A N     1 
ATOM   121  N  N     B ASN A 1 16  ? 5.72915   10.52568  11.89749  0.500 11.51000 ? 16  ASN A N     1 
ATOM   122  C  CA    A ASN A 1 16  ? 5.76444   9.06447   11.96973  0.500 13.33000 ? 16  ASN A CA    1 
ATOM   123  C  CA    B ASN A 1 16  ? 5.75930   9.06555   11.98208  0.500 13.33000 ? 16  ASN A CA    1 
ATOM   124  C  C     A ASN A 1 16  ? 4.36422   8.45932   11.90602  0.500 13.98000 ? 16  ASN A C     1 
ATOM   125  C  C     B ASN A 1 16  ? 4.35311   8.47323   11.93014  0.500 13.98000 ? 16  ASN A C     1 
ATOM   126  O  O     A ASN A 1 16  ? 4.07143   7.46369   12.56769  0.500 14.21000 ? 16  ASN A O     1 
ATOM   127  O  O     B ASN A 1 16  ? 4.04508   7.50543   12.62483  0.500 14.21000 ? 16  ASN A O     1 
ATOM   128  C  CB    A ASN A 1 16  ? 6.49698   8.58357   13.22465  0.500 16.91000 ? 16  ASN A CB    1 
ATOM   129  C  CB    B ASN A 1 16  ? 6.49694   8.59893   13.23948  0.500 16.91000 ? 16  ASN A CB    1 
ATOM   130  C  CG    A ASN A 1 16  ? 7.08567   7.19717   13.05244  0.500 21.66000 ? 16  ASN A CG    1 
ATOM   131  C  CG    B ASN A 1 16  ? 7.97335   8.93929   13.20386  0.500 21.54000 ? 16  ASN A CG    1 
ATOM   132  O  OD1   A ASN A 1 16  ? 7.68341   6.89305   12.02165  0.500 20.09000 ? 16  ASN A OD1   1 
ATOM   133  O  OD1   B ASN A 1 16  ? 8.56992   9.05032   12.13140  0.500 32.43000 ? 16  ASN A OD1   1 
ATOM   134  N  ND2   A ASN A 1 16  ? 6.90645   6.34383   14.05635  0.500 28.01000 ? 16  ASN A ND2   1 
ATOM   135  N  ND2   B ASN A 1 16  ? 8.57168   9.10121   14.37730  0.500 31.54000 ? 16  ASN A ND2   1 
ATOM   136  N  N     . GLU A 1 17  ? 3.49036   9.06491   11.10962  1.000 8.64000  ? 17  GLU A N     1 
ATOM   137  C  CA    . GLU A 1 17  ? 2.16195   8.52747   10.84324  1.000 8.00000  ? 17  GLU A CA    1 
ATOM   138  C  C     . GLU A 1 17  ? 2.10069   8.09574   9.38667   1.000 10.50000 ? 17  GLU A C     1 
ATOM   139  O  O     . GLU A 1 17  ? 2.81307   8.64235   8.54036   1.000 10.04000 ? 17  GLU A O     1 
ATOM   140  C  CB    . GLU A 1 17  ? 1.07211   9.56141   11.14508  1.000 12.63000 ? 17  GLU A CB    1 
ATOM   141  C  CG    . GLU A 1 17  ? 1.06143   9.99573   12.61588  1.000 10.87000 ? 17  GLU A CG    1 
ATOM   142  C  CD    . GLU A 1 17  ? 0.35090   11.30742  12.84809  1.000 17.38000 ? 17  GLU A CD    1 
ATOM   143  O  OE1   . GLU A 1 17  ? 0.28896   12.12792  11.91048  1.000 13.17000 ? 17  GLU A OE1   1 
ATOM   144  O  OE2   . GLU A 1 17  ? -0.12569  11.52522  13.97911  1.000 17.53000 ? 17  GLU A OE2   1 
ATOM   145  N  N     . ILE A 1 18  ? 1.26184   7.09787   9.10459   1.000 8.11000  ? 18  ILE A N     1 
ATOM   146  C  CA    . ILE A 1 18  ? 1.13076   6.51986   7.76864   1.000 10.23000 ? 18  ILE A CA    1 
ATOM   147  C  C     . ILE A 1 18  ? -0.29126  6.74827   7.28357   1.000 7.53000  ? 18  ILE A C     1 
ATOM   148  O  O     . ILE A 1 18  ? -1.24240  6.58632   8.05341   1.000 9.09000  ? 18  ILE A O     1 
ATOM   149  C  CB    . ILE A 1 18  ? 1.44376   5.00726   7.76913   1.000 11.97000 ? 18  ILE A CB    1 
ATOM   150  C  CG1   . ILE A 1 18  ? 2.71485   4.69936   8.56493   1.000 15.21000 ? 18  ILE A CG1   1 
ATOM   151  C  CG2   . ILE A 1 18  ? 1.54012   4.49858   6.34631   1.000 12.49000 ? 18  ILE A CG2   1 
ATOM   152  C  CD1   . ILE A 1 18  ? 3.95725   5.26370   7.92657   1.000 12.80000 ? 18  ILE A CD1   1 
ATOM   153  N  N     . PHE A 1 19  ? -0.45659  7.08236   6.00275   1.000 8.72000  ? 19  PHE A N     1 
ATOM   154  C  CA    . PHE A 1 19  ? -1.80235  7.25875   5.46243   1.000 7.74000  ? 19  PHE A CA    1 
ATOM   155  C  C     . PHE A 1 19  ? -2.34665  5.91021   5.00394   1.000 10.70000 ? 19  PHE A C     1 
ATOM   156  O  O     . PHE A 1 19  ? -1.85238  5.32415   4.03042   1.000 8.48000  ? 19  PHE A O     1 
ATOM   157  C  CB    . PHE A 1 19  ? -1.82051  8.27556   4.32402   1.000 7.66000  ? 19  PHE A CB    1 
ATOM   158  C  CG    . PHE A 1 19  ? -3.19955  8.63253   3.89660   1.000 8.44000  ? 19  PHE A CG    1 
ATOM   159  C  CD1   . PHE A 1 19  ? -3.89477  9.66201   4.53033   1.000 7.23000  ? 19  PHE A CD1   1 
ATOM   160  C  CD2   . PHE A 1 19  ? -3.83643  7.90769   2.90151   1.000 6.72000  ? 19  PHE A CD2   1 
ATOM   161  C  CE1   . PHE A 1 19  ? -5.19163  9.97787   4.14815   1.000 12.33000 ? 19  PHE A CE1   1 
ATOM   162  C  CE2   . PHE A 1 19  ? -5.14239  8.22530   2.51101   1.000 7.73000  ? 19  PHE A CE2   1 
ATOM   163  C  CZ    . PHE A 1 19  ? -5.81551  9.26111   3.14269   1.000 7.20000  ? 19  PHE A CZ    1 
ATOM   164  N  N     . ILE A 1 20  ? -3.39852  5.44444   5.68103   1.000 8.60000  ? 20  ILE A N     1 
ATOM   165  C  CA    . ILE A 1 20  ? -3.93281  4.09742   5.52754   1.000 5.33000  ? 20  ILE A CA    1 
ATOM   166  C  C     . ILE A 1 20  ? -5.38592  4.18885   5.09561   1.000 7.90000  ? 20  ILE A C     1 
ATOM   167  O  O     . ILE A 1 20  ? -6.15563  4.96832   5.66467   1.000 9.97000  ? 20  ILE A O     1 
ATOM   168  C  CB    . ILE A 1 20  ? -3.81245  3.32886   6.85520   1.000 4.96000  ? 20  ILE A CB    1 
ATOM   169  C  CG1   . ILE A 1 20  ? -2.35130  3.23345   7.28628   1.000 10.38000 ? 20  ILE A CG1   1 
ATOM   170  C  CG2   . ILE A 1 20  ? -4.45945  1.94272   6.75899   1.000 9.21000  ? 20  ILE A CG2   1 
ATOM   171  C  CD1   . ILE A 1 20  ? -1.52636  2.43516   6.32571   1.000 10.45000 ? 20  ILE A CD1   1 
ATOM   172  N  N     . THR A 1 21  ? -5.76629  3.37721   4.10971   1.000 7.29000  ? 21  THR A N     1 
ATOM   173  C  CA    . THR A 1 21  ? -7.15193  3.28604   3.68003   1.000 7.06000  ? 21  THR A CA    1 
ATOM   174  C  C     . THR A 1 21  ? -7.71892  1.93251   4.08401   1.000 8.70000  ? 21  THR A C     1 
ATOM   175  O  O     . THR A 1 21  ? -6.98620  1.03686   4.50771   1.000 7.20000  ? 21  THR A O     1 
ATOM   176  C  CB    . THR A 1 21  ? -7.27353  3.52021   2.16617   1.000 8.83000  ? 21  THR A CB    1 
ATOM   177  O  OG1   . THR A 1 21  ? -6.42461  2.61242   1.44400   1.000 9.94000  ? 21  THR A OG1   1 
ATOM   178  C  CG2   . THR A 1 21  ? -6.89170  4.96476   1.83108   1.000 8.54000  ? 21  THR A CG2   1 
ATOM   179  N  N     . ARG A 1 22  ? -9.04133  1.78942   3.98988   1.000 9.65000  ? 22  ARG A N     1 
ATOM   180  C  CA    . ARG A 1 22  ? -9.68286  0.52217   4.32225   1.000 9.39000  ? 22  ARG A CA    1 
ATOM   181  C  C     . ARG A 1 22  ? -10.41359 -0.01591  3.10024   1.000 12.24000 ? 22  ARG A C     1 
ATOM   182  O  O     . ARG A 1 22  ? -11.14277 0.72716   2.43008   1.000 9.48000  ? 22  ARG A O     1 
ATOM   183  C  CB    . ARG A 1 22  ? -10.64345 0.66065   5.50685   1.000 10.66000 ? 22  ARG A CB    1 
ATOM   184  C  CG    . ARG A 1 22  ? -11.13699 -0.69743  5.99799   1.000 9.22000  ? 22  ARG A CG    1 
ATOM   185  C  CD    . ARG A 1 22  ? -12.08065 -0.57441  7.17235   1.000 13.08000 ? 22  ARG A CD    1 
ATOM   186  N  NE    . ARG A 1 22  ? -11.43924 -0.09164  8.39542   1.000 12.05000 ? 22  ARG A NE    1 
ATOM   187  C  CZ    . ARG A 1 22  ? -10.85799 -0.87252  9.30231   1.000 14.07000 ? 22  ARG A CZ    1 
ATOM   188  N  NH1   . ARG A 1 22  ? -10.79249 -2.18808  9.12006   1.000 14.31000 ? 22  ARG A NH1   1 
ATOM   189  N  NH2   . ARG A 1 22  ? -10.32352 -0.33418  10.39001  1.000 16.58000 ? 22  ARG A NH2   1 
ATOM   190  N  N     . ARG A 1 23  ? -10.20347 -1.30153  2.81193   1.000 7.75000  ? 23  ARG A N     1 
ATOM   191  C  CA    . ARG A 1 23  ? -10.73818 -1.91623  1.60349   1.000 7.39000  ? 23  ARG A CA    1 
ATOM   192  C  C     . ARG A 1 23  ? -12.23878 -2.15876  1.71557   1.000 10.91000 ? 23  ARG A C     1 
ATOM   193  O  O     . ARG A 1 23  ? -12.76956 -2.39806  2.80022   1.000 11.48000 ? 23  ARG A O     1 
ATOM   194  C  CB    . ARG A 1 23  ? -10.00644 -3.22817  1.32213   1.000 10.23000 ? 23  ARG A CB    1 
ATOM   195  C  CG    . ARG A 1 23  ? -8.51465  -2.99592  1.11106   1.000 12.05000 ? 23  ARG A CG    1 
ATOM   196  C  CD    . ARG A 1 23  ? -7.74037  -4.26253  0.79922   1.000 10.19000 ? 23  ARG A CD    1 
ATOM   197  N  NE    . ARG A 1 23  ? -8.22395  -5.00033  -0.36535  1.000 10.39000 ? 23  ARG A NE    1 
ATOM   198  C  CZ    . ARG A 1 23  ? -7.88983  -4.73519  -1.62333  1.000 11.76000 ? 23  ARG A CZ    1 
ATOM   199  N  NH1   . ARG A 1 23  ? -7.08891  -3.70522  -1.90572  1.000 11.66000 ? 23  ARG A NH1   1 
ATOM   200  N  NH2   . ARG A 1 23  ? -8.37958  -5.49460  -2.59744  1.000 12.65000 ? 23  ARG A NH2   1 
ATOM   201  N  N     . ALA A 1 24  ? -12.91591 -2.10266  0.56721   1.000 11.67000 ? 24  ALA A N     1 
ATOM   202  C  CA    . ALA A 1 24  ? -14.36419 -2.25873  0.51661   1.000 10.26000 ? 24  ALA A CA    1 
ATOM   203  C  C     . ALA A 1 24  ? -14.78367 -3.65517  0.97259   1.000 14.07000 ? 24  ALA A C     1 
ATOM   204  O  O     . ALA A 1 24  ? -14.02221 -4.62107  0.91370   1.000 12.74000 ? 24  ALA A O     1 
ATOM   205  C  CB    . ALA A 1 24  ? -14.88007 -2.00024  -0.90213  1.000 16.69000 ? 24  ALA A CB    1 
ATOM   206  N  N     . ALA A 1 25  ? -16.03926 -3.75982  1.41152   1.000 14.46000 ? 25  ALA A N     1 
ATOM   207  C  CA    . ALA A 1 25  ? -16.53228 -5.01269  1.96494   1.000 12.20000 ? 25  ALA A CA    1 
ATOM   208  C  C     . ALA A 1 25  ? -16.65855 -6.10919  0.91529   1.000 15.53000 ? 25  ALA A C     1 
ATOM   209  O  O     . ALA A 1 25  ? -16.71916 -7.28829  1.27688   1.000 16.31000 ? 25  ALA A O     1 
ATOM   210  C  CB    . ALA A 1 25  ? -17.89162 -4.78567  2.63638   1.000 13.05000 ? 25  ALA A CB    1 
ATOM   211  N  N     . ASP A 1 26  ? -16.72553 -5.75595  -0.36726  1.000 13.71000 ? 26  ASP A N     1 
ATOM   212  C  CA    . ASP A 1 26  ? -16.85618 -6.75210  -1.41958  1.000 14.90000 ? 26  ASP A CA    1 
ATOM   213  C  C     . ASP A 1 26  ? -15.55128 -6.98185  -2.17045  1.000 18.26000 ? 26  ASP A C     1 
ATOM   214  O  O     . ASP A 1 26  ? -15.55554 -7.62470  -3.22766  1.000 19.73000 ? 26  ASP A O     1 
ATOM   215  C  CB    . ASP A 1 26  ? -17.95975 -6.34767  -2.39356  1.000 19.52000 ? 26  ASP A CB    1 
ATOM   216  C  CG    . ASP A 1 26  ? -17.78488 -4.93917  -2.91316  1.000 33.63000 ? 26  ASP A CG    1 
ATOM   217  O  OD1   . ASP A 1 26  ? -16.73486 -4.31686  -2.62990  1.000 28.41000 ? 26  ASP A OD1   1 
ATOM   218  O  OD2   . ASP A 1 26  ? -18.70564 -4.44685  -3.59863  1.000 47.85000 ? 26  ASP A OD2   1 
ATOM   219  N  N     . ALA A 1 27  ? -14.43893 -6.48449  -1.64834  1.000 14.25000 ? 27  ALA A N     1 
ATOM   220  C  CA    . ALA A 1 27  ? -13.15676 -6.62302  -2.31913  1.000 11.76000 ? 27  ALA A CA    1 
ATOM   221  C  C     . ALA A 1 27  ? -12.43957 -7.87089  -1.82701  1.000 12.15000 ? 27  ALA A C     1 
ATOM   222  O  O     . ALA A 1 27  ? -12.77491 -8.43837  -0.78558  1.000 12.90000 ? 27  ALA A O     1 
ATOM   223  C  CB    . ALA A 1 27  ? -12.29046 -5.38472  -2.06870  1.000 15.32000 ? 27  ALA A CB    1 
ATOM   224  N  N     . HIS A 1 28  ? -11.44036 -8.30770  -2.59428  1.000 9.81000  ? 28  HIS A N     1 
ATOM   225  C  CA    . HIS A 1 28  ? -10.49180 -9.24510  -2.01834  1.000 10.11000 ? 28  HIS A CA    1 
ATOM   226  C  C     . HIS A 1 28  ? -9.85968  -8.56624  -0.81241  1.000 9.70000  ? 28  HIS A C     1 
ATOM   227  O  O     . HIS A 1 28  ? -9.62154  -7.35607  -0.82360  1.000 11.83000 ? 28  HIS A O     1 
ATOM   228  C  CB    . HIS A 1 28  ? -9.43176  -9.65613  -3.04667  1.000 8.87000  ? 28  HIS A CB    1 
ATOM   229  C  CG    . HIS A 1 28  ? -8.47589  -10.68426 -2.53733  1.000 12.37000 ? 28  HIS A CG    1 
ATOM   230  N  ND1   . HIS A 1 28  ? -7.14939  -10.40600 -2.29167  1.000 9.83000  ? 28  HIS A ND1   1 
ATOM   231  C  CD2   . HIS A 1 28  ? -8.65620  -11.98674 -2.20811  1.000 15.48000 ? 28  HIS A CD2   1 
ATOM   232  C  CE1   . HIS A 1 28  ? -6.55124  -11.49296 -1.83222  1.000 15.48000 ? 28  HIS A CE1   1 
ATOM   233  N  NE2   . HIS A 1 28  ? -7.44505  -12.46660 -1.76802  1.000 13.74000 ? 28  HIS A NE2   1 
ATOM   234  N  N     . MET A 1 29  ? -9.62526  -9.34177  0.24794   1.000 9.78000  ? 29  MET A N     1 
ATOM   235  C  CA    . MET A 1 29  ? -9.14991  -8.79673  1.51942   1.000 9.29000  ? 29  MET A CA    1 
ATOM   236  C  C     . MET A 1 29  ? -10.10475 -7.70730  2.00215   1.000 11.04000 ? 29  MET A C     1 
ATOM   237  O  O     . MET A 1 29  ? -9.70941  -6.59726  2.37143   1.000 10.05000 ? 29  MET A O     1 
ATOM   238  C  CB    . MET A 1 29  ? -7.70664  -8.29694  1.40924   1.000 9.56000  ? 29  MET A CB    1 
ATOM   239  C  CG    . MET A 1 29  ? -6.69626  -9.44573  1.33255   1.000 9.13000  ? 29  MET A CG    1 
ATOM   240  S  SD    . MET A 1 29  ? -6.67728  -10.37050 2.89185   1.000 12.42000 ? 29  MET A SD    1 
ATOM   241  C  CE    . MET A 1 29  ? -7.50408  -11.90788 2.43538   1.000 15.19000 ? 29  MET A CE    1 
ATOM   242  N  N     . ALA A 1 30  ? -11.38711 -8.06186  2.00182   1.000 11.29000 ? 30  ALA A N     1 
ATOM   243  C  CA    . ALA A 1 30  ? -12.45288 -7.12715  2.33192   1.000 12.50000 ? 30  ALA A CA    1 
ATOM   244  C  C     . ALA A 1 30  ? -12.27901 -6.57297  3.73796   1.000 8.97000  ? 30  ALA A C     1 
ATOM   245  O  O     . ALA A 1 30  ? -11.90413 -7.29678  4.66496   1.000 8.99000  ? 30  ALA A O     1 
ATOM   246  C  CB    . ALA A 1 30  ? -13.80559 -7.82693  2.23016   1.000 16.71000 ? 30  ALA A CB    1 
ATOM   247  N  N     . ASN A 1 31  ? -12.56804 -5.28222  3.88349   1.000 10.08000 ? 31  ASN A N     1 
ATOM   248  C  CA    . ASN A 1 31  ? -12.57460 -4.55224  5.14920   1.000 9.24000  ? 31  ASN A CA    1 
ATOM   249  C  C     . ASN A 1 31  ? -11.19742 -4.43840  5.79237   1.000 10.73000 ? 31  ASN A C     1 
ATOM   250  O  O     . ASN A 1 31  ? -11.09368 -3.94127  6.92429   1.000 9.03000  ? 31  ASN A O     1 
ATOM   251  C  CB    . ASN A 1 31  ? -13.54410 -5.17513  6.16767   1.000 11.87000 ? 31  ASN A CB    1 
ATOM   252  C  CG    . ASN A 1 31  ? -14.97713 -5.24189  5.65475   1.000 10.04000 ? 31  ASN A CG    1 
ATOM   253  O  OD1   . ASN A 1 31  ? -15.53285 -4.24758  5.17069   1.000 11.03000 ? 31  ASN A OD1   1 
ATOM   254  N  ND2   . ASN A 1 31  ? -15.58388 -6.42526  5.76019   1.000 11.02000 ? 31  ASN A ND2   1 
ATOM   255  N  N     . LYS A 1 32  ? -10.13510 -4.88088  5.12215   1.000 6.86000  ? 32  LYS A N     1 
ATOM   256  C  CA    . LYS A 1 32  ? -8.80096  -4.80644  5.69935   1.000 9.77000  ? 32  LYS A CA    1 
ATOM   257  C  C     . LYS A 1 32  ? -8.20696  -3.41184  5.53562   1.000 8.78000  ? 32  LYS A C     1 
ATOM   258  O  O     . LYS A 1 32  ? -8.46607  -2.71237  4.54990   1.000 10.55000 ? 32  LYS A O     1 
ATOM   259  C  CB    . LYS A 1 32  ? -7.87185  -5.82251  5.03087   1.000 9.97000  ? 32  LYS A CB    1 
ATOM   260  C  CG    . LYS A 1 32  ? -8.17739  -7.26211  5.40245   1.000 11.27000 ? 32  LYS A CG    1 
ATOM   261  C  CD    . LYS A 1 32  ? -7.84099  -7.50734  6.86167   1.000 13.99000 ? 32  LYS A CD    1 
ATOM   262  C  CE    . LYS A 1 32  ? -8.04552  -8.96082  7.24522   1.000 31.71000 ? 32  LYS A CE    1 
ATOM   263  N  NZ    . LYS A 1 32  ? -7.92363  -9.11636  8.72446   1.000 36.88000 ? 32  LYS A NZ    1 
ATOM   264  N  N     . LEU A 1 33  ? -7.39850  -3.01272  6.51187   1.000 5.60000  ? 33  LEU A N     1 
ATOM   265  C  CA    . LEU A 1 33  ? -6.56702  -1.83254  6.31684   1.000 7.40000  ? 33  LEU A CA    1 
ATOM   266  C  C     . LEU A 1 33  ? -5.49860  -2.14141  5.27430   1.000 6.98000  ? 33  LEU A C     1 
ATOM   267  O  O     . LEU A 1 33  ? -5.12176  -3.30117  5.07350   1.000 7.31000  ? 33  LEU A O     1 
ATOM   268  C  CB    . LEU A 1 33  ? -5.91345  -1.40738  7.62452   1.000 8.03000  ? 33  LEU A CB    1 
ATOM   269  C  CG    . LEU A 1 33  ? -6.87084  -0.89243  8.69522   1.000 7.39000  ? 33  LEU A CG    1 
ATOM   270  C  CD1   . LEU A 1 33  ? -6.06937  -0.45144  9.88907   1.000 8.48000  ? 33  LEU A CD1   1 
ATOM   271  C  CD2   . LEU A 1 33  ? -7.72862  0.23389   8.14828   1.000 10.54000 ? 33  LEU A CD2   1 
ATOM   272  N  N     . GLU A 1 34  ? -5.00324  -1.09392  4.60943   1.000 7.63000  ? 34  GLU A N     1 
ATOM   273  C  CA    . GLU A 1 34  ? -4.12157  -1.32058  3.46856   1.000 6.78000  ? 34  GLU A CA    1 
ATOM   274  C  C     . GLU A 1 34  ? -3.26115  -0.09024  3.21671   1.000 7.86000  ? 34  GLU A C     1 
ATOM   275  O  O     . GLU A 1 34  ? -3.65461  1.03631   3.53516   1.000 9.12000  ? 34  GLU A O     1 
ATOM   276  C  CB    . GLU A 1 34  ? -4.93068  -1.63154  2.20572   1.000 7.49000  ? 34  GLU A CB    1 
ATOM   277  C  CG    . GLU A 1 34  ? -5.98774  -0.55489  1.90954   1.000 9.49000  ? 34  GLU A CG    1 
ATOM   278  C  CD    . GLU A 1 34  ? -6.46365  -0.54270  0.46871   1.000 15.34000 ? 34  GLU A CD    1 
ATOM   279  O  OE1   . GLU A 1 34  ? -6.11429  -1.46731  -0.30318  1.000 11.84000 ? 34  GLU A OE1   1 
ATOM   280  O  OE2   . GLU A 1 34  ? -7.20483  0.40252   0.11945   1.000 12.79000 ? 34  GLU A OE2   1 
ATOM   281  N  N     . PHE A 1 35  ? -2.09618  -0.31942  2.60423   1.000 6.05000  ? 35  PHE A N     1 
ATOM   282  C  CA    . PHE A 1 35  ? -1.37386  0.76128   1.93368   1.000 6.11000  ? 35  PHE A CA    1 
ATOM   283  C  C     . PHE A 1 35  ? -2.01427  1.00999   0.57510   1.000 5.94000  ? 35  PHE A C     1 
ATOM   284  O  O     . PHE A 1 35  ? -2.25210  0.05735   -0.16520  1.000 7.78000  ? 35  PHE A O     1 
ATOM   285  C  CB    . PHE A 1 35  ? 0.10745   0.38282   1.74804   1.000 5.40000  ? 35  PHE A CB    1 
ATOM   286  C  CG    . PHE A 1 35  ? 0.79141   -0.03652  3.02077   1.000 7.01000  ? 35  PHE A CG    1 
ATOM   287  C  CD1   . PHE A 1 35  ? 0.87054   0.83046   4.10151   1.000 5.39000  ? 35  PHE A CD1   1 
ATOM   288  C  CD2   . PHE A 1 35  ? 1.35723   -1.28858  3.13554   1.000 9.07000  ? 35  PHE A CD2   1 
ATOM   289  C  CE1   . PHE A 1 35  ? 1.49490   0.44779   5.27220   1.000 7.63000  ? 35  PHE A CE1   1 
ATOM   290  C  CE2   . PHE A 1 35  ? 1.98507   -1.67799  4.30245   1.000 11.32000 ? 35  PHE A CE2   1 
ATOM   291  C  CZ    . PHE A 1 35  ? 2.05297   -0.81399  5.37343   1.000 10.19000 ? 35  PHE A CZ    1 
ATOM   292  N  N     . PRO A 1 36  ? -2.28363  2.25757   0.19367   1.000 9.15000  ? 36  PRO A N     1 
ATOM   293  C  CA    . PRO A 1 36  ? -2.87574  2.48473   -1.13126  1.000 7.30000  ? 36  PRO A CA    1 
ATOM   294  C  C     . PRO A 1 36  ? -1.99876  1.88141   -2.21990  1.000 7.32000  ? 36  PRO A C     1 
ATOM   295  O  O     . PRO A 1 36  ? -0.77127  1.93533   -2.14401  1.000 7.88000  ? 36  PRO A O     1 
ATOM   296  C  CB    . PRO A 1 36  ? -2.93421  4.01118   -1.23375  1.000 7.41000  ? 36  PRO A CB    1 
ATOM   297  C  CG    . PRO A 1 36  ? -3.00409  4.47136   0.22263   1.000 6.61000  ? 36  PRO A CG    1 
ATOM   298  C  CD    . PRO A 1 36  ? -2.08888  3.51204   0.94196   1.000 6.86000  ? 36  PRO A CD    1 
ATOM   299  N  N     . GLY A 1 37  ? -2.63294  1.30022   -3.23227  1.000 8.92000  ? 37  GLY A N     1 
ATOM   300  C  CA    . GLY A 1 37  ? -1.88727  0.68885   -4.31539  1.000 7.78000  ? 37  GLY A CA    1 
ATOM   301  C  C     . GLY A 1 37  ? -2.78511  -0.16458  -5.19123  1.000 9.83000  ? 37  GLY A C     1 
ATOM   302  O  O     . GLY A 1 37  ? -4.00887  -0.16238  -5.04548  1.000 10.02000 ? 37  GLY A O     1 
ATOM   303  N  N     . GLY A 1 38  ? -2.15699  -0.88198  -6.11992  1.000 8.08000  ? 38  GLY A N     1 
ATOM   304  C  CA    . GLY A 1 38  ? -2.94690  -1.66986  -7.04535  1.000 10.00000 ? 38  GLY A CA    1 
ATOM   305  C  C     . GLY A 1 38  ? -2.09183  -2.36174  -8.08417  1.000 8.23000  ? 38  GLY A C     1 
ATOM   306  O  O     . GLY A 1 38  ? -0.86086  -2.37152  -8.00677  1.000 11.39000 ? 38  GLY A O     1 
ATOM   307  N  N     A LYS A 1 39  ? -2.77516  -2.92333  -9.07950  0.500 9.81000  ? 39  LYS A N     1 
ATOM   308  N  N     B LYS A 1 39  ? -2.77648  -2.94829  -9.06216  0.500 9.80000  ? 39  LYS A N     1 
ATOM   309  C  CA    A LYS A 1 39  ? -2.13214  -3.82012  -10.03408 0.500 11.47000 ? 39  LYS A CA    1 
ATOM   310  C  CA    B LYS A 1 39  ? -2.11063  -3.81920  -10.02230 0.500 11.45000 ? 39  LYS A CA    1 
ATOM   311  C  C     A LYS A 1 39  ? -1.20237  -3.07197  -10.98431 0.500 11.89000 ? 39  LYS A C     1 
ATOM   312  C  C     B LYS A 1 39  ? -1.17781  -3.04196  -10.94075 0.500 11.86000 ? 39  LYS A C     1 
ATOM   313  O  O     A LYS A 1 39  ? -1.57329  -2.03704  -11.55072 0.500 11.44000 ? 39  LYS A O     1 
ATOM   314  O  O     B LYS A 1 39  ? -1.51965  -1.96619  -11.44340 0.500 11.49000 ? 39  LYS A O     1 
ATOM   315  C  CB    A LYS A 1 39  ? -3.20525  -4.57338  -10.81974 0.500 13.95000 ? 39  LYS A CB    1 
ATOM   316  C  CB    B LYS A 1 39  ? -3.14350  -4.57113  -10.85774 0.500 13.99000 ? 39  LYS A CB    1 
ATOM   317  C  CG    A LYS A 1 39  ? -4.15862  -5.33961  -9.91760  0.500 14.50000 ? 39  LYS A CG    1 
ATOM   318  C  CG    B LYS A 1 39  ? -2.53830  -5.51744  -11.88398 0.500 14.55000 ? 39  LYS A CG    1 
ATOM   319  C  CD    A LYS A 1 39  ? -5.44794  -5.74615  -10.60503 0.500 16.25000 ? 39  LYS A CD    1 
ATOM   320  C  CD    B LYS A 1 39  ? -3.62338  -6.15993  -12.73420 0.500 19.97000 ? 39  LYS A CD    1 
ATOM   321  C  CE    A LYS A 1 39  ? -6.42632  -6.31755  -9.59136  0.500 19.37000 ? 39  LYS A CE    1 
ATOM   322  C  CE    B LYS A 1 39  ? -3.03129  -7.17329  -13.70333 0.500 27.80000 ? 39  LYS A CE    1 
ATOM   323  N  NZ    A LYS A 1 39  ? -7.56932  -7.02044  -10.22648 0.500 32.82000 ? 39  LYS A NZ    1 
ATOM   324  N  NZ    B LYS A 1 39  ? -4.09676  -7.88583  -14.46264 0.500 38.05000 ? 39  LYS A NZ    1 
ATOM   325  N  N     . ILE A 1 40  ? 0.00163   -3.61323  -11.16886 1.000 7.14000  ? 40  ILE A N     1 
ATOM   326  C  CA    . ILE A 1 40  ? 0.94136   -3.10275  -12.16136 1.000 11.01000 ? 40  ILE A CA    1 
ATOM   327  C  C     . ILE A 1 40  ? 0.45388   -3.56475  -13.52679 1.000 14.03000 ? 40  ILE A C     1 
ATOM   328  O  O     . ILE A 1 40  ? 0.29103   -4.76914  -13.76631 1.000 15.90000 ? 40  ILE A O     1 
ATOM   329  C  CB    . ILE A 1 40  ? 2.36528   -3.60361  -11.88669 1.000 9.29000  ? 40  ILE A CB    1 
ATOM   330  C  CG1   . ILE A 1 40  ? 2.84188   -3.13768  -10.51188 1.000 8.90000  ? 40  ILE A CG1   1 
ATOM   331  C  CG2   . ILE A 1 40  ? 3.30962   -3.13794  -12.98513 1.000 12.71000 ? 40  ILE A CG2   1 
ATOM   332  C  CD1   . ILE A 1 40  ? 4.08947   -3.87236  -10.03288 1.000 13.48000 ? 40  ILE A CD1   1 
ATOM   333  N  N     A GLU A 1 41  ? 0.21507   -2.61594  -14.41995 0.450 10.42000 ? 41  GLU A N     1 
ATOM   334  N  N     B GLU A 1 41  ? 0.21554   -2.61460  -14.42295 0.550 10.38000 ? 41  GLU A N     1 
ATOM   335  C  CA    A GLU A 1 41  ? -0.37872  -2.93986  -15.70352 0.450 11.74000 ? 41  GLU A CA    1 
ATOM   336  C  CA    B GLU A 1 41  ? -0.39304  -2.91606  -15.70783 0.550 11.72000 ? 41  GLU A CA    1 
ATOM   337  C  C     A GLU A 1 41  ? 0.69468   -3.28158  -16.72524 0.450 12.86000 ? 41  GLU A C     1 
ATOM   338  C  C     B GLU A 1 41  ? 0.67507   -3.22286  -16.75117 0.550 12.88000 ? 41  GLU A C     1 
ATOM   339  O  O     A GLU A 1 41  ? 1.87480   -2.96241  -16.55863 0.450 10.88000 ? 41  GLU A O     1 
ATOM   340  O  O     B GLU A 1 41  ? 1.83859   -2.83384  -16.61540 0.550 10.81000 ? 41  GLU A O     1 
ATOM   341  C  CB    A GLU A 1 41  ? -1.24021  -1.78214  -16.21004 0.450 18.58000 ? 41  GLU A CB    1 
ATOM   342  C  CB    B GLU A 1 41  ? -1.27761  -1.74992  -16.16087 0.550 18.66000 ? 41  GLU A CB    1 
ATOM   343  C  CG    A GLU A 1 41  ? -2.40802  -1.43453  -15.28918 0.450 16.38000 ? 41  GLU A CG    1 
ATOM   344  C  CG    B GLU A 1 41  ? -2.47885  -1.53731  -15.23369 0.550 16.37000 ? 41  GLU A CG    1 
ATOM   345  C  CD    A GLU A 1 41  ? -3.46692  -2.52728  -15.22120 0.450 20.12000 ? 41  GLU A CD    1 
ATOM   346  C  CD    B GLU A 1 41  ? -3.22320  -0.23021  -15.47161 0.550 21.50000 ? 41  GLU A CD    1 
ATOM   347  O  OE1   A GLU A 1 41  ? -3.38237  -3.50715  -15.99249 0.450 23.60000 ? 41  GLU A OE1   1 
ATOM   348  O  OE1   B GLU A 1 41  ? -2.81994  0.55183   -16.36183 0.550 22.71000 ? 41  GLU A OE1   1 
ATOM   349  O  OE2   A GLU A 1 41  ? -4.39525  -2.40370  -14.39396 0.450 20.12000 ? 41  GLU A OE2   1 
ATOM   350  O  OE2   B GLU A 1 41  ? -4.21468  0.01865   -14.74850 0.550 25.47000 ? 41  GLU A OE2   1 
ATOM   351  N  N     . MET A 1 42  ? 0.26230   -3.95317  -17.78861 1.000 12.84000 ? 42  MET A N     1 
ATOM   352  C  CA    . MET A 1 42  ? 1.15696   -4.24475  -18.89701 1.000 17.60000 ? 42  MET A CA    1 
ATOM   353  C  C     . MET A 1 42  ? 1.68272   -2.93378  -19.45777 1.000 10.23000 ? 42  MET A C     1 
ATOM   354  O  O     . MET A 1 42  ? 0.92732   -1.96315  -19.62323 1.000 14.98000 ? 42  MET A O     1 
ATOM   355  C  CB    . MET A 1 42  ? 0.42942   -5.03571  -19.98543 1.000 16.76000 ? 42  MET A CB    1 
ATOM   356  C  CG    . MET A 1 42  ? 1.30731   -5.40846  -21.17162 1.000 29.14000 ? 42  MET A CG    1 
ATOM   357  S  SD    . MET A 1 42  ? 2.29906   -6.87814  -20.86400 1.000 52.05000 ? 42  MET A SD    1 
ATOM   358  C  CE    . MET A 1 42  ? 1.00985   -8.10325  -20.63664 1.000 45.12000 ? 42  MET A CE    1 
ATOM   359  N  N     . GLY A 1 43  ? 2.98804   -2.88370  -19.68383 1.000 11.66000 ? 43  GLY A N     1 
ATOM   360  C  CA    . GLY A 1 43  ? 3.60201   -1.70677  -20.25480 1.000 13.79000 ? 43  GLY A CA    1 
ATOM   361  C  C     . GLY A 1 43  ? 3.96877   -0.61924  -19.27051 1.000 12.88000 ? 43  GLY A C     1 
ATOM   362  O  O     . GLY A 1 43  ? 4.46055   0.43675   -19.69642 1.000 9.96000  ? 43  GLY A O     1 
ATOM   363  N  N     . GLU A 1 44  ? 3.74198   -0.81864  -17.97444 1.000 10.69000 ? 44  GLU A N     1 
ATOM   364  C  CA    . GLU A 1 44  ? 4.22376   0.13583   -16.99172 1.000 11.20000 ? 44  GLU A CA    1 
ATOM   365  C  C     . GLU A 1 44  ? 5.12143   -0.58050  -15.99286 1.000 9.94000  ? 44  GLU A C     1 
ATOM   366  O  O     . GLU A 1 44  ? 5.00739   -1.79284  -15.78682 1.000 11.43000 ? 44  GLU A O     1 
ATOM   367  C  CB    . GLU A 1 44  ? 3.06695   0.86018   -16.27144 1.000 17.07000 ? 44  GLU A CB    1 
ATOM   368  C  CG    . GLU A 1 44  ? 2.63839   0.22016   -14.99517 1.000 14.01000 ? 44  GLU A CG    1 
ATOM   369  C  CD    . GLU A 1 44  ? 1.36450   0.81842   -14.41607 1.000 10.47000 ? 44  GLU A CD    1 
ATOM   370  O  OE1   . GLU A 1 44  ? 1.05998   2.00653   -14.63911 1.000 12.56000 ? 44  GLU A OE1   1 
ATOM   371  O  OE2   . GLU A 1 44  ? 0.66679   0.07301   -13.72170 1.000 9.94000  ? 44  GLU A OE2   1 
ATOM   372  N  N     . THR A 1 45  ? 6.04149   0.18154   -15.40398 1.000 8.95000  ? 45  THR A N     1 
ATOM   373  C  CA    . THR A 1 45  ? 7.01134   -0.34802  -14.45266 1.000 7.76000  ? 45  THR A CA    1 
ATOM   374  C  C     . THR A 1 45  ? 6.43973   -0.32868  -13.04382 1.000 10.53000 ? 45  THR A C     1 
ATOM   375  O  O     . THR A 1 45  ? 5.42843   0.32694   -12.77015 1.000 9.92000  ? 45  THR A O     1 
ATOM   376  C  CB    . THR A 1 45  ? 8.28132   0.48493   -14.50761 1.000 8.73000  ? 45  THR A CB    1 
ATOM   377  O  OG1   . THR A 1 45  ? 7.98025   1.80330   -14.04991 1.000 9.62000  ? 45  THR A OG1   1 
ATOM   378  C  CG2   . THR A 1 45  ? 8.80242   0.56042   -15.93847 1.000 10.43000 ? 45  THR A CG2   1 
ATOM   379  N  N     . PRO A 1 46  ? 7.07462   -1.04166  -12.10662 1.000 7.82000  ? 46  PRO A N     1 
ATOM   380  C  CA    . PRO A 1 46  ? 6.62141   -0.94370  -10.70724 1.000 8.39000  ? 46  PRO A CA    1 
ATOM   381  C  C     . PRO A 1 46  ? 6.64435   0.48279   -10.17798 1.000 11.54000 ? 46  PRO A C     1 
ATOM   382  O  O     . PRO A 1 46  ? 5.72929   0.88572   -9.44563  1.000 10.37000 ? 46  PRO A O     1 
ATOM   383  C  CB    . PRO A 1 46  ? 7.60848   -1.85598  -9.95969  1.000 7.86000  ? 46  PRO A CB    1 
ATOM   384  C  CG    . PRO A 1 46  ? 8.00415   -2.89081  -11.00882 1.000 10.29000 ? 46  PRO A CG    1 
ATOM   385  C  CD    . PRO A 1 46  ? 8.07076   -2.11491  -12.30227 1.000 8.50000  ? 46  PRO A CD    1 
ATOM   386  N  N     . GLU A 1 47  ? 7.65796   1.26854   -10.55851 1.000 8.73000  ? 47  GLU A N     1 
ATOM   387  C  CA    . GLU A 1 47  ? 7.75490   2.65064   -10.10278 1.000 9.36000  ? 47  GLU A CA    1 
ATOM   388  C  C     . GLU A 1 47  ? 6.64265   3.50170   -10.70348 1.000 10.09000 ? 47  GLU A C     1 
ATOM   389  O  O     . GLU A 1 47  ? 6.07679   4.36950   -10.02413 1.000 11.57000 ? 47  GLU A O     1 
ATOM   390  C  CB    . GLU A 1 47  ? 9.12417   3.22524   -10.47464 1.000 10.48000 ? 47  GLU A CB    1 
ATOM   391  C  CG    . GLU A 1 47  ? 10.32090  2.47354   -9.86547  1.000 12.04000 ? 47  GLU A CG    1 
ATOM   392  C  CD    . GLU A 1 47  ? 10.91152  1.40807   -10.78336 1.000 13.28000 ? 47  GLU A CD    1 
ATOM   393  O  OE1   . GLU A 1 47  ? 10.18169  0.84617   -11.62307 1.000 10.32000 ? 47  GLU A OE1   1 
ATOM   394  O  OE2   . GLU A 1 47  ? 12.12340  1.13959   -10.65578 1.000 13.95000 ? 47  GLU A OE2   1 
ATOM   395  N  N     . GLN A 1 48  ? 6.33992   3.29403   -11.98871 1.000 7.23000  ? 48  GLN A N     1 
ATOM   396  C  CA    . GLN A 1 48  ? 5.23148   4.02424   -12.60462 1.000 8.18000  ? 48  GLN A CA    1 
ATOM   397  C  C     . GLN A 1 48  ? 3.90501   3.61235   -11.98654 1.000 9.58000  ? 48  GLN A C     1 
ATOM   398  O  O     . GLN A 1 48  ? 3.02299   4.45646   -11.76905 1.000 11.21000 ? 48  GLN A O     1 
ATOM   399  C  CB    . GLN A 1 48  ? 5.21706   3.78559   -14.11157 1.000 9.25000  ? 48  GLN A CB    1 
ATOM   400  C  CG    . GLN A 1 48  ? 6.38410   4.45910   -14.84348 1.000 8.34000  ? 48  GLN A CG    1 
ATOM   401  C  CD    . GLN A 1 48  ? 6.49483   4.02981   -16.28671 1.000 11.91000 ? 48  GLN A CD    1 
ATOM   402  O  OE1   . GLN A 1 48  ? 6.09931   2.92868   -16.64404 1.000 11.09000 ? 48  GLN A OE1   1 
ATOM   403  N  NE2   . GLN A 1 48  ? 7.02841   4.91389   -17.13374 1.000 13.36000 ? 48  GLN A NE2   1 
ATOM   404  N  N     . ALA A 1 49  ? 3.75604   2.31814   -11.67172 1.000 7.35000  ? 49  ALA A N     1 
ATOM   405  C  CA    . ALA A 1 49  ? 2.50322   1.83463   -11.09968 1.000 6.89000  ? 49  ALA A CA    1 
ATOM   406  C  C     . ALA A 1 49  ? 2.21702   2.47359   -9.74327  1.000 7.32000  ? 49  ALA A C     1 
ATOM   407  O  O     . ALA A 1 49  ? 1.07177   2.83591   -9.45917  1.000 8.22000  ? 49  ALA A O     1 
ATOM   408  C  CB    . ALA A 1 49  ? 2.52850   0.31044   -10.96471 1.000 6.81000  ? 49  ALA A CB    1 
ATOM   409  N  N     . VAL A 1 50  ? 3.22639   2.60010   -8.87665  1.000 8.24000  ? 50  VAL A N     1 
ATOM   410  C  CA    . VAL A 1 50  ? 2.92374   3.15100   -7.55436  1.000 7.79000  ? 50  VAL A CA    1 
ATOM   411  C  C     . VAL A 1 50  ? 2.55782   4.62884   -7.66663  1.000 7.75000  ? 50  VAL A C     1 
ATOM   412  O  O     . VAL A 1 50  ? 1.68136   5.11071   -6.94376  1.000 8.48000  ? 50  VAL A O     1 
ATOM   413  C  CB    . VAL A 1 50  ? 4.07881   2.89820   -6.55279  1.000 7.88000  ? 50  VAL A CB    1 
ATOM   414  C  CG1   . VAL A 1 50  ? 5.33496   3.71311   -6.87367  1.000 8.72000  ? 50  VAL A CG1   1 
ATOM   415  C  CG2   . VAL A 1 50  ? 3.61380   3.19884   -5.12599  1.000 9.85000  ? 50  VAL A CG2   1 
ATOM   416  N  N     . VAL A 1 51  ? 3.17495   5.35676   -8.60115  1.000 6.00000  ? 51  VAL A N     1 
ATOM   417  C  CA    . VAL A 1 51  ? 2.79263   6.74941   -8.83963  1.000 7.02000  ? 51  VAL A CA    1 
ATOM   418  C  C     . VAL A 1 51  ? 1.35065   6.83345   -9.31778  1.000 7.30000  ? 51  VAL A C     1 
ATOM   419  O  O     . VAL A 1 51  ? 0.53829   7.58872   -8.77018  1.000 9.38000  ? 51  VAL A O     1 
ATOM   420  C  CB    . VAL A 1 51  ? 3.75910   7.39269   -9.84915  1.000 9.53000  ? 51  VAL A CB    1 
ATOM   421  C  CG1   . VAL A 1 51  ? 3.19580   8.72754   -10.34511 1.000 9.40000  ? 51  VAL A CG1   1 
ATOM   422  C  CG2   . VAL A 1 51  ? 5.12196   7.57773   -9.20019  1.000 9.97000  ? 51  VAL A CG2   1 
ATOM   423  N  N     . ARG A 1 52  ? 1.01284   6.06636   -10.35387 1.000 8.27000  ? 52  ARG A N     1 
ATOM   424  C  CA    . ARG A 1 52  ? -0.34321  6.10271   -10.89982 1.000 7.92000  ? 52  ARG A CA    1 
ATOM   425  C  C     . ARG A 1 52  ? -1.37418  5.69444   -9.85541  1.000 10.08000 ? 52  ARG A C     1 
ATOM   426  O  O     . ARG A 1 52  ? -2.42532  6.33348   -9.72807  1.000 8.67000  ? 52  ARG A O     1 
ATOM   427  C  CB    . ARG A 1 52  ? -0.44700  5.18559   -12.11812 1.000 10.70000 ? 52  ARG A CB    1 
ATOM   428  C  CG    . ARG A 1 52  ? -1.83420  5.15608   -12.72797 1.000 10.06000 ? 52  ARG A CG    1 
ATOM   429  C  CD    . ARG A 1 52  ? -1.94371  4.15629   -13.87095 1.000 9.52000  ? 52  ARG A CD    1 
ATOM   430  N  NE    . ARG A 1 52  ? -1.45971  2.84754   -13.46048 1.000 10.50000 ? 52  ARG A NE    1 
ATOM   431  C  CZ    . ARG A 1 52  ? -2.11923  2.02013   -12.65427 1.000 10.56000 ? 52  ARG A CZ    1 
ATOM   432  N  NH1   . ARG A 1 52  ? -3.31931  2.35251   -12.18270 1.000 11.96000 ? 52  ARG A NH1   1 
ATOM   433  N  NH2   . ARG A 1 52  ? -1.57546  0.85961   -12.31646 1.000 9.35000  ? 52  ARG A NH2   1 
ATOM   434  N  N     . GLU A 1 53  ? -1.10622  4.60724   -9.12235  1.000 8.58000  ? 53  GLU A N     1 
ATOM   435  C  CA    . GLU A 1 53  ? -2.07559  4.12845   -8.14171  1.000 10.74000 ? 53  GLU A CA    1 
ATOM   436  C  C     . GLU A 1 53  ? -2.29315  5.14338   -7.02387  1.000 8.77000  ? 53  GLU A C     1 
ATOM   437  O  O     . GLU A 1 53  ? -3.42531  5.32564   -6.55885  1.000 7.67000  ? 53  GLU A O     1 
ATOM   438  C  CB    . GLU A 1 53  ? -1.62782  2.78422   -7.57167  1.000 11.80000 ? 53  GLU A CB    1 
ATOM   439  C  CG    . GLU A 1 53  ? -1.76858  1.63253   -8.54913  1.000 9.00000  ? 53  GLU A CG    1 
ATOM   440  C  CD    . GLU A 1 53  ? -3.21156  1.21154   -8.75658  1.000 10.39000 ? 53  GLU A CD    1 
ATOM   441  O  OE1   . GLU A 1 53  ? -4.07869  1.55428   -7.92483  1.000 11.68000 ? 53  GLU A OE1   1 
ATOM   442  O  OE2   . GLU A 1 53  ? -3.49007  0.50474   -9.74152  1.000 13.89000 ? 53  GLU A OE2   1 
ATOM   443  N  N     . LEU A 1 54  ? -1.22939  5.78754   -6.54535  1.000 8.22000  ? 54  LEU A N     1 
ATOM   444  C  CA    . LEU A 1 54  ? -1.44187  6.79260   -5.50179  1.000 8.13000  ? 54  LEU A CA    1 
ATOM   445  C  C     . LEU A 1 54  ? -2.15444  8.02700   -6.05220  1.000 9.61000  ? 54  LEU A C     1 
ATOM   446  O  O     . LEU A 1 54  ? -2.95787  8.64094   -5.34209  1.000 7.03000  ? 54  LEU A O     1 
ATOM   447  C  CB    . LEU A 1 54  ? -0.11286  7.16325   -4.83748  1.000 9.80000  ? 54  LEU A CB    1 
ATOM   448  C  CG    . LEU A 1 54  ? 0.20943   6.37734   -3.55193  1.000 8.19000  ? 54  LEU A CG    1 
ATOM   449  C  CD1   . LEU A 1 54  ? 0.04698   4.88171   -3.75673  1.000 8.31000  ? 54  LEU A CD1   1 
ATOM   450  C  CD2   . LEU A 1 54  ? 1.59979   6.70832   -3.01704  1.000 11.28000 ? 54  LEU A CD2   1 
ATOM   451  N  N     . GLN A 1 55  ? -1.90849  8.39161   -7.31069  1.000 9.18000  ? 55  GLN A N     1 
ATOM   452  C  CA    . GLN A 1 55  ? -2.67341  9.48641   -7.90614  1.000 6.74000  ? 55  GLN A CA    1 
ATOM   453  C  C     . GLN A 1 55  ? -4.16090  9.13877   -7.98852  1.000 9.27000  ? 55  GLN A C     1 
ATOM   454  O  O     . GLN A 1 55  ? -5.02010  9.96720   -7.65941  1.000 9.05000  ? 55  GLN A O     1 
ATOM   455  C  CB    . GLN A 1 55  ? -2.11675  9.81613   -9.28922  1.000 9.94000  ? 55  GLN A CB    1 
ATOM   456  C  CG    . GLN A 1 55  ? -0.75558  10.48262  -9.24598  1.000 6.77000  ? 55  GLN A CG    1 
ATOM   457  C  CD    . GLN A 1 55  ? -0.07285  10.48680  -10.60094 1.000 7.76000  ? 55  GLN A CD    1 
ATOM   458  O  OE1   . GLN A 1 55  ? -0.38539  9.66148   -11.47595 1.000 10.04000 ? 55  GLN A OE1   1 
ATOM   459  N  NE2   . GLN A 1 55  ? 0.87052   11.41899  -10.78587 1.000 10.90000 ? 55  GLN A NE2   1 
ATOM   460  N  N     . GLU A 1 56  ? -4.48181  7.91097   -8.41227  1.000 7.57000  ? 56  GLU A N     1 
ATOM   461  C  CA    . GLU A 1 56  ? -5.88007  7.50137   -8.52662  1.000 9.41000  ? 56  GLU A CA    1 
ATOM   462  C  C     . GLU A 1 56  ? -6.53798  7.37168   -7.16299  1.000 10.60000 ? 56  GLU A C     1 
ATOM   463  O  O     . GLU A 1 56  ? -7.66669  7.84267   -6.95360  1.000 9.28000  ? 56  GLU A O     1 
ATOM   464  C  CB    . GLU A 1 56  ? -5.98132  6.16110   -9.25847  1.000 7.70000  ? 56  GLU A CB    1 
ATOM   465  C  CG    . GLU A 1 56  ? -5.54251  6.21638   -10.70155 1.000 10.63000 ? 56  GLU A CG    1 
ATOM   466  C  CD    . GLU A 1 56  ? -5.60741  4.86327   -11.38508 1.000 20.01000 ? 56  GLU A CD    1 
ATOM   467  O  OE1   . GLU A 1 56  ? -6.16845  3.91482   -10.79475 1.000 19.79000 ? 56  GLU A OE1   1 
ATOM   468  O  OE2   . GLU A 1 56  ? -5.08741  4.74736   -12.51926 1.000 18.17000 ? 56  GLU A OE2   1 
ATOM   469  N  N     . GLU A 1 57  ? -5.87566  6.67860   -6.23864  1.000 7.62000  ? 57  GLU A N     1 
ATOM   470  C  CA    . GLU A 1 57  ? -6.56777  6.28250   -5.01804  1.000 6.53000  ? 57  GLU A CA    1 
ATOM   471  C  C     . GLU A 1 57  ? -6.61474  7.39942   -3.98976  1.000 8.83000  ? 57  GLU A C     1 
ATOM   472  O  O     . GLU A 1 57  ? -7.62126  7.53852   -3.28355  1.000 8.98000  ? 57  GLU A O     1 
ATOM   473  C  CB    . GLU A 1 57  ? -5.91513  5.03383   -4.41501  1.000 7.55000  ? 57  GLU A CB    1 
ATOM   474  C  CG    . GLU A 1 57  ? -6.11796  3.80244   -5.29033  1.000 9.38000  ? 57  GLU A CG    1 
ATOM   475  C  CD    . GLU A 1 57  ? -6.06210  2.50389   -4.52125  1.000 16.36000 ? 57  GLU A CD    1 
ATOM   476  O  OE1   . GLU A 1 57  ? -5.59061  2.50284   -3.36590  1.000 13.32000 ? 57  GLU A OE1   1 
ATOM   477  O  OE2   . GLU A 1 57  ? -6.50692  1.48329   -5.07817  1.000 14.38000 ? 57  GLU A OE2   1 
ATOM   478  N  N     . VAL A 1 58  ? -5.54879  8.19356   -3.85455  1.000 7.45000  ? 58  VAL A N     1 
ATOM   479  C  CA    . VAL A 1 58  ? -5.48041  9.16826   -2.77119  1.000 10.27000 ? 58  VAL A CA    1 
ATOM   480  C  C     . VAL A 1 58  ? -5.03089  10.54763  -3.23407  1.000 8.40000  ? 58  VAL A C     1 
ATOM   481  O  O     . VAL A 1 58  ? -4.86798  11.44198  -2.40143  1.000 9.69000  ? 58  VAL A O     1 
ATOM   482  C  CB    . VAL A 1 58  ? -4.59886  8.67400   -1.59825  1.000 9.01000  ? 58  VAL A CB    1 
ATOM   483  C  CG1   . VAL A 1 58  ? -5.14475  7.35073   -1.02778  1.000 6.95000  ? 58  VAL A CG1   1 
ATOM   484  C  CG2   . VAL A 1 58  ? -3.15088  8.50022   -2.02770  1.000 9.12000  ? 58  VAL A CG2   1 
ATOM   485  N  N     . GLY A 1 59  ? -4.82857  10.75814  -4.53335  1.000 7.98000  ? 59  GLY A N     1 
ATOM   486  C  CA    . GLY A 1 59  ? -4.58537  12.10522  -5.02126  1.000 8.00000  ? 59  GLY A CA    1 
ATOM   487  C  C     . GLY A 1 59  ? -3.23480  12.70746  -4.69787  1.000 9.88000  ? 59  GLY A C     1 
ATOM   488  O  O     . GLY A 1 59  ? -3.12569  13.93536  -4.60701  1.000 9.45000  ? 59  GLY A O     1 
ATOM   489  N  N     . ILE A 1 60  ? -2.18584  11.89165  -4.55552  1.000 10.40000 ? 60  ILE A N     1 
ATOM   490  C  CA    . ILE A 1 60  ? -0.83513  12.42505  -4.41282  1.000 8.26000  ? 60  ILE A CA    1 
ATOM   491  C  C     . ILE A 1 60  ? 0.06620   11.80890  -5.47369  1.000 10.87000 ? 60  ILE A C     1 
ATOM   492  O  O     . ILE A 1 60  ? -0.18801  10.71878  -5.99771  1.000 9.69000  ? 60  ILE A O     1 
ATOM   493  C  CB    . ILE A 1 60  ? -0.22386  12.19962  -3.01009  1.000 6.96000  ? 60  ILE A CB    1 
ATOM   494  C  CG1   . ILE A 1 60  ? 0.05770   10.70859  -2.77253  1.000 12.04000 ? 60  ILE A CG1   1 
ATOM   495  C  CG2   . ILE A 1 60  ? -1.14772  12.75244  -1.92795  1.000 9.25000  ? 60  ILE A CG2   1 
ATOM   496  C  CD1   . ILE A 1 60  ? 0.64457   10.39745  -1.37213  1.000 8.96000  ? 60  ILE A CD1   1 
ATOM   497  N  N     . THR A 1 61  ? 1.13032   12.53579  -5.78383  1.000 9.45000  ? 61  THR A N     1 
ATOM   498  C  CA    . THR A 1 61  ? 2.18269   12.04836  -6.66435  1.000 10.09000 ? 61  THR A CA    1 
ATOM   499  C  C     . THR A 1 61  ? 3.41416   11.77737  -5.81762  1.000 8.69000  ? 61  THR A C     1 
ATOM   500  O  O     . THR A 1 61  ? 4.04425   12.73064  -5.33470  1.000 12.02000 ? 61  THR A O     1 
ATOM   501  C  CB    . THR A 1 61  ? 2.49510   13.07847  -7.75272  1.000 13.87000 ? 61  THR A CB    1 
ATOM   502  O  OG1   . THR A 1 61  ? 1.35267   13.22790  -8.60263  1.000 12.06000 ? 61  THR A OG1   1 
ATOM   503  C  CG2   . THR A 1 61  ? 3.67802   12.64043  -8.58746  1.000 12.80000 ? 61  THR A CG2   1 
ATOM   504  N  N     . PRO A 1 62  ? 3.77940   10.51758  -5.58800  1.000 10.21000 ? 62  PRO A N     1 
ATOM   505  C  CA    . PRO A 1 62  ? 4.97307   10.23028  -4.78813  1.000 12.99000 ? 62  PRO A CA    1 
ATOM   506  C  C     . PRO A 1 62  ? 6.22212   10.57330  -5.57105  1.000 18.86000 ? 62  PRO A C     1 
ATOM   507  O  O     . PRO A 1 62  ? 6.27106   10.41983  -6.79473  1.000 17.73000 ? 62  PRO A O     1 
ATOM   508  C  CB    . PRO A 1 62  ? 4.87259   8.72174   -4.53384  1.000 18.15000 ? 62  PRO A CB    1 
ATOM   509  C  CG    . PRO A 1 62  ? 4.08291   8.20036   -5.66830  1.000 15.46000 ? 62  PRO A CG    1 
ATOM   510  C  CD    . PRO A 1 62  ? 3.13034   9.29294   -6.08407  1.000 13.86000 ? 62  PRO A CD    1 
ATOM   511  N  N     . GLN A 1 63  ? 7.23749   11.04380  -4.85870  1.000 15.68000 ? 63  GLN A N     1 
ATOM   512  C  CA    . GLN A 1 63  ? 8.50005   11.37528  -5.50426  1.000 15.57000 ? 63  GLN A CA    1 
ATOM   513  C  C     . GLN A 1 63  ? 9.65439   11.00754  -4.58268  1.000 21.18000 ? 63  GLN A C     1 
ATOM   514  O  O     . GLN A 1 63  ? 9.52076   11.02355  -3.35579  1.000 16.04000 ? 63  GLN A O     1 
ATOM   515  C  CB    . GLN A 1 63  ? 8.55400   12.86249  -5.88570  1.000 23.32000 ? 63  GLN A CB    1 
ATOM   516  C  CG    . GLN A 1 63  ? 8.21164   13.79494  -4.75846  1.000 22.75000 ? 63  GLN A CG    1 
ATOM   517  C  CD    . GLN A 1 63  ? 7.45982   15.04637  -5.21540  1.000 16.82000 ? 63  GLN A CD    1 
ATOM   518  O  OE1   . GLN A 1 63  ? 7.37673   16.03370  -4.48190  1.000 37.64000 ? 63  GLN A OE1   1 
ATOM   519  N  NE2   . GLN A 1 63  ? 6.91450   15.00622  -6.43334  1.000 33.59000 ? 63  GLN A NE2   1 
ATOM   520  N  N     . HIS A 1 64  ? 10.78850  10.66865  -5.19451  1.000 20.81000 ? 64  HIS A N     1 
ATOM   521  C  CA    . HIS A 1 64  ? 12.00001  10.31142  -4.45902  1.000 18.37000 ? 64  HIS A CA    1 
ATOM   522  C  C     . HIS A 1 64  ? 11.70596  9.23095   -3.41821  1.000 20.92000 ? 64  HIS A C     1 
ATOM   523  O  O     . HIS A 1 64  ? 12.04506  9.34792   -2.23836  1.000 22.45000 ? 64  HIS A O     1 
ATOM   524  C  CB    . HIS A 1 64  ? 12.62750  11.54517  -3.81122  1.000 21.24000 ? 64  HIS A CB    1 
ATOM   525  C  CG    . HIS A 1 64  ? 13.99067  11.29516  -3.24896  1.000 29.21000 ? 64  HIS A CG    1 
ATOM   526  N  ND1   . HIS A 1 64  ? 15.02399  10.78150  -4.00277  1.000 29.70000 ? 64  HIS A ND1   1 
ATOM   527  C  CD2   . HIS A 1 64  ? 14.48267  11.46498  -1.99895  1.000 37.58000 ? 64  HIS A CD2   1 
ATOM   528  C  CE1   . HIS A 1 64  ? 16.09888  10.66102  -3.24423  1.000 29.92000 ? 64  HIS A CE1   1 
ATOM   529  N  NE2   . HIS A 1 64  ? 15.79853  11.06958  -2.02533  1.000 43.00000 ? 64  HIS A NE2   1 
ATOM   530  N  N     . PHE A 1 65  ? 11.04136  8.17869   -3.86860  1.000 14.04000 ? 65  PHE A N     1 
ATOM   531  C  CA    . PHE A 1 65  ? 10.64695  7.07476   -3.00534  1.000 12.53000 ? 65  PHE A CA    1 
ATOM   532  C  C     . PHE A 1 65  ? 11.58460  5.89754   -3.22011  1.000 15.73000 ? 65  PHE A C     1 
ATOM   533  O  O     . PHE A 1 65  ? 12.38487  5.87496   -4.15579  1.000 17.35000 ? 65  PHE A O     1 
ATOM   534  C  CB    . PHE A 1 65  ? 9.19202   6.68110   -3.26550  1.000 12.24000 ? 65  PHE A CB    1 
ATOM   535  C  CG    . PHE A 1 65  ? 8.86933   6.42936   -4.71586  1.000 9.28000  ? 65  PHE A CG    1 
ATOM   536  C  CD1   . PHE A 1 65  ? 8.42729   7.45106   -5.54137  1.000 13.16000 ? 65  PHE A CD1   1 
ATOM   537  C  CD2   . PHE A 1 65  ? 8.97709   5.14828   -5.24024  1.000 11.00000 ? 65  PHE A CD2   1 
ATOM   538  C  CE1   . PHE A 1 65  ? 8.11464   7.20369   -6.87585  1.000 18.40000 ? 65  PHE A CE1   1 
ATOM   539  C  CE2   . PHE A 1 65  ? 8.66992   4.89945   -6.56550  1.000 15.89000 ? 65  PHE A CE2   1 
ATOM   540  C  CZ    . PHE A 1 65  ? 8.23479   5.92302   -7.38376  1.000 14.14000 ? 65  PHE A CZ    1 
ATOM   541  N  N     . SER A 1 66  ? 11.47432  4.90346   -2.33977  1.000 11.32000 ? 66  SER A N     1 
ATOM   542  C  CA    . SER A 1 66  ? 12.40040  3.77796   -2.34860  1.000 12.28000 ? 66  SER A CA    1 
ATOM   543  C  C     . SER A 1 66  ? 11.63622  2.48064   -2.15452  1.000 10.69000 ? 66  SER A C     1 
ATOM   544  O  O     . SER A 1 66  ? 10.55024  2.46634   -1.57810  1.000 9.85000  ? 66  SER A O     1 
ATOM   545  C  CB    . SER A 1 66  ? 13.46085  3.91932   -1.25631  1.000 12.59000 ? 66  SER A CB    1 
ATOM   546  O  OG    . SER A 1 66  ? 12.85028  4.06633   0.01258   1.000 17.93000 ? 66  SER A OG    1 
ATOM   547  N  N     . LEU A 1 67  ? 12.21404  1.38234   -2.64658  1.000 11.45000 ? 67  LEU A N     1 
ATOM   548  C  CA    . LEU A 1 67  ? 11.60637  0.06851   -2.42968  1.000 8.83000  ? 67  LEU A CA    1 
ATOM   549  C  C     . LEU A 1 67  ? 11.91649  -0.40812  -1.01395  1.000 15.00000 ? 67  LEU A C     1 
ATOM   550  O  O     . LEU A 1 67  ? 13.06428  -0.73429  -0.68705  1.000 12.20000 ? 67  LEU A O     1 
ATOM   551  C  CB    . LEU A 1 67  ? 12.09902  -0.93530  -3.46548  1.000 8.30000  ? 67  LEU A CB    1 
ATOM   552  C  CG    . LEU A 1 67  ? 11.37952  -2.28866  -3.39806  1.000 10.08000 ? 67  LEU A CG    1 
ATOM   553  C  CD1   . LEU A 1 67  ? 9.88698   -2.11148  -3.67960  1.000 10.98000 ? 67  LEU A CD1   1 
ATOM   554  C  CD2   . LEU A 1 67  ? 11.99018  -3.23565  -4.39541  1.000 13.60000 ? 67  LEU A CD2   1 
ATOM   555  N  N     . PHE A 1 68  ? 10.88713  -0.46695  -0.17341  1.000 8.62000  ? 68  PHE A N     1 
ATOM   556  C  CA    . PHE A 1 68  ? 11.06978  -0.86957  1.21196   1.000 10.27000 ? 68  PHE A CA    1 
ATOM   557  C  C     . PHE A 1 68  ? 11.14048  -2.38443  1.32987   1.000 16.12000 ? 68  PHE A C     1 
ATOM   558  O  O     . PHE A 1 68  ? 11.98884  -2.92081  2.05306   1.000 14.44000 ? 68  PHE A O     1 
ATOM   559  C  CB    . PHE A 1 68  ? 9.92267   -0.29478  2.04153   1.000 11.77000 ? 68  PHE A CB    1 
ATOM   560  C  CG    . PHE A 1 68  ? 10.08158  -0.45733  3.51978   1.000 11.49000 ? 68  PHE A CG    1 
ATOM   561  C  CD1   . PHE A 1 68  ? 10.96109  0.34417   4.22958   1.000 17.26000 ? 68  PHE A CD1   1 
ATOM   562  C  CD2   . PHE A 1 68  ? 9.29256   -1.36533  4.21113   1.000 12.58000 ? 68  PHE A CD2   1 
ATOM   563  C  CE1   . PHE A 1 68  ? 11.07749  0.21324   5.60623   1.000 23.61000 ? 68  PHE A CE1   1 
ATOM   564  C  CE2   . PHE A 1 68  ? 9.40975   -1.50467  5.57815   1.000 17.80000 ? 68  PHE A CE2   1 
ATOM   565  C  CZ    . PHE A 1 68  ? 10.29943  -0.70744  6.27797   1.000 21.48000 ? 68  PHE A CZ    1 
ATOM   566  N  N     . GLU A 1 69  ? 10.28961  -3.08394  0.58629   1.000 10.40000 ? 69  GLU A N     1 
ATOM   567  C  CA    . GLU A 1 69  ? 10.23435  -4.53761  0.63737   1.000 8.81000  ? 69  GLU A CA    1 
ATOM   568  C  C     . GLU A 1 69  ? 9.53714   -5.03034  -0.61922  1.000 9.93000  ? 69  GLU A C     1 
ATOM   569  O  O     . GLU A 1 69  ? 8.60955   -4.38810  -1.10295  1.000 10.60000 ? 69  GLU A O     1 
ATOM   570  C  CB    . GLU A 1 69  ? 9.47542   -5.00295  1.88969   1.000 11.37000 ? 69  GLU A CB    1 
ATOM   571  C  CG    . GLU A 1 69  ? 9.27819   -6.51288  1.99483   1.000 29.04000 ? 69  GLU A CG    1 
ATOM   572  C  CD    . GLU A 1 69  ? 10.52246  -7.23515  2.46084   1.000 38.02000 ? 69  GLU A CD    1 
ATOM   573  O  OE1   . GLU A 1 69  ? 11.57315  -7.11553  1.79443   1.000 42.62000 ? 69  GLU A OE1   1 
ATOM   574  O  OE2   . GLU A 1 69  ? 10.44666  -7.92372  3.50033   1.000 43.34000 ? 69  GLU A OE2   1 
ATOM   575  N  N     . LYS A 1 70  ? 9.98694   -6.16587  -1.14523  1.000 10.76000 ? 70  LYS A N     1 
ATOM   576  C  CA    . LYS A 1 70  ? 9.26934   -6.87514  -2.19471  1.000 9.46000  ? 70  LYS A CA    1 
ATOM   577  C  C     . LYS A 1 70  ? 9.07898   -8.29580  -1.70463  1.000 14.16000 ? 70  LYS A C     1 
ATOM   578  O  O     . LYS A 1 70  ? 10.03924  -8.92135  -1.25169  1.000 12.45000 ? 70  LYS A O     1 
ATOM   579  C  CB    . LYS A 1 70  ? 10.03144  -6.85899  -3.52757  1.000 10.58000 ? 70  LYS A CB    1 
ATOM   580  C  CG    . LYS A 1 70  ? 9.34152   -7.60662  -4.66114  1.000 11.57000 ? 70  LYS A CG    1 
ATOM   581  C  CD    . LYS A 1 70  ? 10.20889  -7.58777  -5.93798  1.000 14.89000 ? 70  LYS A CD    1 
ATOM   582  C  CE    . LYS A 1 70  ? 9.83524   -8.72505  -6.87915  1.000 23.74000 ? 70  LYS A CE    1 
ATOM   583  N  NZ    . LYS A 1 70  ? 10.79034  -8.84730  -8.02436  1.000 24.92000 ? 70  LYS A NZ    1 
ATOM   584  N  N     . LEU A 1 71  ? 7.84820   -8.79598  -1.75773  1.000 11.47000 ? 71  LEU A N     1 
ATOM   585  C  CA    . LEU A 1 71  ? 7.60802   -10.14651 -1.26990  1.000 11.03000 ? 71  LEU A CA    1 
ATOM   586  C  C     . LEU A 1 71  ? 6.49668   -10.79945 -2.07553  1.000 11.05000 ? 71  LEU A C     1 
ATOM   587  O  O     . LEU A 1 71  ? 5.73158   -10.14114 -2.78140  1.000 13.91000 ? 71  LEU A O     1 
ATOM   588  C  CB    . LEU A 1 71  ? 7.26574   -10.15811 0.21844   1.000 14.80000 ? 71  LEU A CB    1 
ATOM   589  C  CG    . LEU A 1 71  ? 6.08463   -9.32141  0.71921   1.000 13.16000 ? 71  LEU A CG    1 
ATOM   590  C  CD1   . LEU A 1 71  ? 4.75245   -10.07242 0.59451   1.000 17.01000 ? 71  LEU A CD1   1 
ATOM   591  C  CD2   . LEU A 1 71  ? 6.35030   -8.95499  2.16271   1.000 15.09000 ? 71  LEU A CD2   1 
ATOM   592  N  N     . GLU A 1 72  ? 6.42296   -12.11706 -1.95641  1.000 12.79000 ? 72  GLU A N     1 
ATOM   593  C  CA    . GLU A 1 72  ? 5.37972   -12.89414 -2.59262  1.000 13.24000 ? 72  GLU A CA    1 
ATOM   594  C  C     . GLU A 1 72  ? 4.48862   -13.48538 -1.51677  1.000 15.78000 ? 72  GLU A C     1 
ATOM   595  O  O     . GLU A 1 72  ? 4.95073   -13.81379 -0.42334  1.000 16.93000 ? 72  GLU A O     1 
ATOM   596  C  CB    . GLU A 1 72  ? 5.96937   -13.99689 -3.46990  1.000 21.43000 ? 72  GLU A CB    1 
ATOM   597  C  CG    . GLU A 1 72  ? 6.89704   -13.44976 -4.53867  1.000 26.53000 ? 72  GLU A CG    1 
ATOM   598  C  CD    . GLU A 1 72  ? 6.85961   -14.25896 -5.79987  1.000 44.06000 ? 72  GLU A CD    1 
ATOM   599  O  OE1   . GLU A 1 72  ? 6.56788   -15.46842 -5.71206  1.000 41.82000 ? 72  GLU A OE1   1 
ATOM   600  O  OE2   . GLU A 1 72  ? 7.11539   -13.68537 -6.87672  1.000 58.61000 ? 72  GLU A OE2   1 
ATOM   601  N  N     . TYR A 1 73  ? 3.20060   -13.59695 -1.81787  1.000 10.07000 ? 73  TYR A N     1 
ATOM   602  C  CA    . TYR A 1 73  ? 2.27297   -14.16940 -0.85540  1.000 10.15000 ? 73  TYR A CA    1 
ATOM   603  C  C     . TYR A 1 73  ? 1.23962   -15.00011 -1.59230  1.000 11.49000 ? 73  TYR A C     1 
ATOM   604  O  O     . TYR A 1 73  ? 0.67338   -14.54878 -2.59127  1.000 12.22000 ? 73  TYR A O     1 
ATOM   605  C  CB    . TYR A 1 73  ? 1.56943   -13.09000 -0.01536  1.000 9.64000  ? 73  TYR A CB    1 
ATOM   606  C  CG    . TYR A 1 73  ? 0.80938   -13.69268 1.14161   1.000 13.40000 ? 73  TYR A CG    1 
ATOM   607  C  CD1   . TYR A 1 73  ? -0.53216  -14.03211 1.01572   1.000 12.26000 ? 73  TYR A CD1   1 
ATOM   608  C  CD2   . TYR A 1 73  ? 1.44576   -13.97366 2.34081   1.000 13.57000 ? 73  TYR A CD2   1 
ATOM   609  C  CE1   . TYR A 1 73  ? -1.22864  -14.60514 2.07181   1.000 12.48000 ? 73  TYR A CE1   1 
ATOM   610  C  CE2   . TYR A 1 73  ? 0.76124   -14.55303 3.39595   1.000 16.72000 ? 73  TYR A CE2   1 
ATOM   611  C  CZ    . TYR A 1 73  ? -0.58012  -14.85170 3.25523   1.000 14.64000 ? 73  TYR A CZ    1 
ATOM   612  O  OH    . TYR A 1 73  ? -1.25455  -15.44088 4.29858   1.000 16.40000 ? 73  TYR A OH    1 
ATOM   613  N  N     A GLU A 1 74  ? 0.98632   -16.20653 -1.09435  0.490 13.52000 ? 74  GLU A N     1 
ATOM   614  N  N     B GLU A 1 74  ? 0.98855   -16.20659 -1.09536  0.510 13.52000 ? 74  GLU A N     1 
ATOM   615  C  CA    A GLU A 1 74  ? -0.00820  -17.09973 -1.67761  0.490 11.86000 ? 74  GLU A CA    1 
ATOM   616  C  CA    B GLU A 1 74  ? -0.00988  -17.09545 -1.67463  0.510 11.85000 ? 74  GLU A CA    1 
ATOM   617  C  C     A GLU A 1 74  ? -1.29040  -17.00691 -0.85381  0.490 13.21000 ? 74  GLU A C     1 
ATOM   618  C  C     B GLU A 1 74  ? -1.28850  -16.99722 -0.84819  0.510 13.21000 ? 74  GLU A C     1 
ATOM   619  O  O     A GLU A 1 74  ? -1.35459  -17.51283 0.27285   0.490 13.50000 ? 74  GLU A O     1 
ATOM   620  O  O     B GLU A 1 74  ? -1.34831  -17.49185 0.28351   0.510 13.49000 ? 74  GLU A O     1 
ATOM   621  C  CB    A GLU A 1 74  ? 0.50938   -18.53460 -1.73084  0.490 16.34000 ? 74  GLU A CB    1 
ATOM   622  C  CB    B GLU A 1 74  ? 0.49573   -18.53325 -1.72837  0.510 16.34000 ? 74  GLU A CB    1 
ATOM   623  C  CG    A GLU A 1 74  ? -0.54064  -19.55009 -2.16920  0.490 20.10000 ? 74  GLU A CG    1 
ATOM   624  C  CG    B GLU A 1 74  ? -0.50990  -19.49393 -2.34210  0.510 20.02000 ? 74  GLU A CG    1 
ATOM   625  C  CD    A GLU A 1 74  ? -0.45365  -19.91373 -3.64392  0.490 26.90000 ? 74  GLU A CD    1 
ATOM   626  C  CD    B GLU A 1 74  ? -0.12297  -20.94736 -2.14531  0.510 24.10000 ? 74  GLU A CD    1 
ATOM   627  O  OE1   A GLU A 1 74  ? 0.28296   -19.23907 -4.39772  0.490 22.80000 ? 74  GLU A OE1   1 
ATOM   628  O  OE1   B GLU A 1 74  ? 0.99527   -21.19716 -1.64964  0.510 28.86000 ? 74  GLU A OE1   1 
ATOM   629  O  OE2   A GLU A 1 74  ? -1.12227  -20.88974 -4.04532  0.490 26.24000 ? 74  GLU A OE2   1 
ATOM   630  O  OE2   B GLU A 1 74  ? -0.94068  -21.83210 -2.47839  0.510 19.59000 ? 74  GLU A OE2   1 
ATOM   631  N  N     . PHE A 1 75  ? -2.29881  -16.34706 -1.41304  1.000 10.97000 ? 75  PHE A N     1 
ATOM   632  C  CA    . PHE A 1 75  ? -3.62503  -16.30393 -0.82398  1.000 10.80000 ? 75  PHE A CA    1 
ATOM   633  C  C     . PHE A 1 75  ? -4.36163  -17.58674 -1.18729  1.000 10.61000 ? 75  PHE A C     1 
ATOM   634  O  O     . PHE A 1 75  ? -3.89634  -18.36831 -2.02536  1.000 9.66000  ? 75  PHE A O     1 
ATOM   635  C  CB    . PHE A 1 75  ? -4.37714  -15.07250 -1.32789  1.000 11.27000 ? 75  PHE A CB    1 
ATOM   636  C  CG    . PHE A 1 75  ? -3.92447  -13.79234 -0.70748  1.000 12.25000 ? 75  PHE A CG    1 
ATOM   637  C  CD1   . PHE A 1 75  ? -4.35104  -13.43668 0.56446   1.000 12.82000 ? 75  PHE A CD1   1 
ATOM   638  C  CD2   . PHE A 1 75  ? -3.09374  -12.92027 -1.40263  1.000 10.81000 ? 75  PHE A CD2   1 
ATOM   639  C  CE1   . PHE A 1 75  ? -3.94288  -12.23424 1.14561   1.000 13.36000 ? 75  PHE A CE1   1 
ATOM   640  C  CE2   . PHE A 1 75  ? -2.69368  -11.72176 -0.83616  1.000 12.17000 ? 75  PHE A CE2   1 
ATOM   641  C  CZ    . PHE A 1 75  ? -3.11430  -11.37814 0.44368   1.000 15.01000 ? 75  PHE A CZ    1 
ATOM   642  N  N     . PRO A 1 76  ? -5.51658  -17.83594 -0.57025  1.000 12.37000 ? 76  PRO A N     1 
ATOM   643  C  CA    . PRO A 1 76  ? -6.26807  -19.06056 -0.89463  1.000 9.94000  ? 76  PRO A CA    1 
ATOM   644  C  C     . PRO A 1 76  ? -6.57538  -19.23860 -2.37177  1.000 15.24000 ? 76  PRO A C     1 
ATOM   645  O  O     . PRO A 1 76  ? -6.60542  -20.38223 -2.84418  1.000 12.77000 ? 76  PRO A O     1 
ATOM   646  C  CB    . PRO A 1 76  ? -7.54595  -18.90268 -0.05917  1.000 8.61000  ? 76  PRO A CB    1 
ATOM   647  C  CG    . PRO A 1 76  ? -7.07828  -18.16948 1.16754   1.000 13.67000 ? 76  PRO A CG    1 
ATOM   648  C  CD    . PRO A 1 76  ? -6.00849  -17.19834 0.66766   1.000 10.51000 ? 76  PRO A CD    1 
ATOM   649  N  N     . ASP A 1 77  ? -6.78884  -18.15545 -3.12877  1.000 11.70000 ? 77  ASP A N     1 
ATOM   650  C  CA    . ASP A 1 77  ? -7.19131  -18.28577 -4.52187  1.000 16.07000 ? 77  ASP A CA    1 
ATOM   651  C  C     . ASP A 1 77  ? -6.36252  -17.43396 -5.47442  1.000 17.56000 ? 77  ASP A C     1 
ATOM   652  O  O     . ASP A 1 77  ? -6.76399  -17.25925 -6.63381  1.000 20.97000 ? 77  ASP A O     1 
ATOM   653  C  CB    . ASP A 1 77  ? -8.67523  -17.93233 -4.68388  1.000 15.69000 ? 77  ASP A CB    1 
ATOM   654  C  CG    . ASP A 1 77  ? -8.93084  -16.43791 -4.60512  1.000 22.78000 ? 77  ASP A CG    1 
ATOM   655  O  OD1   . ASP A 1 77  ? -8.10923  -15.70678 -4.01109  1.000 19.82000 ? 77  ASP A OD1   1 
ATOM   656  O  OD2   . ASP A 1 77  ? -9.96857  -15.99309 -5.13635  1.000 27.54000 ? 77  ASP A OD2   1 
ATOM   657  N  N     . ARG A 1 78  ? -5.22915  -16.90194 -5.03261  1.000 15.44000 ? 78  ARG A N     1 
ATOM   658  C  CA    . ARG A 1 78  ? -4.41637  -16.09271 -5.92994  1.000 14.44000 ? 78  ARG A CA    1 
ATOM   659  C  C     . ARG A 1 78  ? -3.02673  -15.94238 -5.33759  1.000 15.68000 ? 78  ARG A C     1 
ATOM   660  O  O     . ARG A 1 78  ? -2.84310  -16.00484 -4.12331  1.000 13.17000 ? 78  ARG A O     1 
ATOM   661  C  CB    . ARG A 1 78  ? -5.05170  -14.72041 -6.17843  1.000 13.08000 ? 78  ARG A CB    1 
ATOM   662  C  CG    . ARG A 1 78  ? -5.12220  -13.82076 -4.95887  1.000 11.66000 ? 78  ARG A CG    1 
ATOM   663  C  CD    . ARG A 1 78  ? -6.06733  -12.67017 -5.23893  1.000 12.33000 ? 78  ARG A CD    1 
ATOM   664  N  NE    . ARG A 1 78  ? -7.44340  -13.15992 -5.25313  1.000 20.52000 ? 78  ARG A NE    1 
ATOM   665  C  CZ    . ARG A 1 78  ? -8.47730  -12.49894 -5.76183  1.000 27.33000 ? 78  ARG A CZ    1 
ATOM   666  N  NH1   . ARG A 1 78  ? -8.30566  -11.30582 -6.31852  1.000 21.48000 ? 78  ARG A NH1   1 
ATOM   667  N  NH2   . ARG A 1 78  ? -9.68385  -13.04430 -5.72024  1.000 22.97000 ? 78  ARG A NH2   1 
ATOM   668  N  N     . HIS A 1 79  ? -2.04812  -15.75963 -6.21624  1.000 10.85000 ? 79  HIS A N     1 
ATOM   669  C  CA    . HIS A 1 79  ? -0.67172  -15.50466 -5.82742  1.000 14.61000 ? 79  HIS A CA    1 
ATOM   670  C  C     . HIS A 1 79  ? -0.34122  -14.07060 -6.20790  1.000 15.36000 ? 79  HIS A C     1 
ATOM   671  O  O     . HIS A 1 79  ? -0.61647  -13.64986 -7.33663  1.000 17.68000 ? 79  HIS A O     1 
ATOM   672  C  CB    . HIS A 1 79  ? 0.29468   -16.46262 -6.52387  1.000 21.01000 ? 79  HIS A CB    1 
ATOM   673  C  CG    . HIS A 1 79  ? 1.70688   -16.30779 -6.06701  1.000 27.48000 ? 79  HIS A CG    1 
ATOM   674  N  ND1   . HIS A 1 79  ? 2.23298   -17.03820 -5.02258  1.000 26.72000 ? 79  HIS A ND1   1 
ATOM   675  C  CD2   . HIS A 1 79  ? 2.69255   -15.47885 -6.48303  1.000 28.35000 ? 79  HIS A CD2   1 
ATOM   676  C  CE1   . HIS A 1 79  ? 3.49147   -16.68217 -4.83162  1.000 34.83000 ? 79  HIS A CE1   1 
ATOM   677  N  NE2   . HIS A 1 79  ? 3.79436   -15.73626 -5.70358  1.000 35.97000 ? 79  HIS A NE2   1 
ATOM   678  N  N     . ILE A 1 80  ? 0.22468   -13.30836 -5.27962  1.000 11.74000 ? 80  ILE A N     1 
ATOM   679  C  CA    A ILE A 1 80  ? 0.54181   -11.91867 -5.57025  0.490 15.11000 ? 80  ILE A CA    1 
ATOM   680  C  CA    B ILE A 1 80  ? 0.50969   -11.89251 -5.49228  0.510 15.11000 ? 80  ILE A CA    1 
ATOM   681  C  C     . ILE A 1 80  ? 1.97219   -11.61284 -5.15533  1.000 14.91000 ? 80  ILE A C     1 
ATOM   682  O  O     . ILE A 1 80  ? 2.50088   -12.15726 -4.18036  1.000 15.89000 ? 80  ILE A O     1 
ATOM   683  C  CB    A ILE A 1 80  ? -0.43911  -10.93047 -4.90663  0.490 17.63000 ? 80  ILE A CB    1 
ATOM   684  C  CB    B ILE A 1 80  ? -0.44296  -11.02483 -4.63951  0.510 17.06000 ? 80  ILE A CB    1 
ATOM   685  C  CG1   A ILE A 1 80  ? -0.08570  -10.70130 -3.44751  0.490 11.51000 ? 80  ILE A CG1   1 
ATOM   686  C  CG1   B ILE A 1 80  ? -1.82348  -10.94308 -5.30344  0.510 16.33000 ? 80  ILE A CG1   1 
ATOM   687  C  CG2   A ILE A 1 80  ? -1.88664  -11.39866 -5.05012  0.490 17.85000 ? 80  ILE A CG2   1 
ATOM   688  C  CG2   B ILE A 1 80  ? 0.12350   -9.63743  -4.39063  0.510 15.17000 ? 80  ILE A CG2   1 
ATOM   689  C  CD1   A ILE A 1 80  ? -0.89059  -9.60224  -2.85998  0.490 14.71000 ? 80  ILE A CD1   1 
ATOM   690  C  CD1   B ILE A 1 80  ? -2.90379  -10.40685 -4.38456  0.510 15.32000 ? 80  ILE A CD1   1 
ATOM   691  N  N     . THR A 1 81  ? 2.61823   -10.77101 -5.95156  1.000 10.97000 ? 81  THR A N     1 
ATOM   692  C  CA    . THR A 1 81  ? 3.91979   -10.21170 -5.62796  1.000 11.30000 ? 81  THR A CA    1 
ATOM   693  C  C     . THR A 1 81  ? 3.67304   -8.75634  -5.27013  1.000 11.14000 ? 81  THR A C     1 
ATOM   694  O  O     . THR A 1 81  ? 3.10167   -8.02229  -6.07729  1.000 10.62000 ? 81  THR A O     1 
ATOM   695  C  CB    . THR A 1 81  ? 4.87878   -10.31917 -6.80800  1.000 15.43000 ? 81  THR A CB    1 
ATOM   696  O  OG1   . THR A 1 81  ? 5.07275   -11.70182 -7.11738  1.000 15.54000 ? 81  THR A OG1   1 
ATOM   697  C  CG2   . THR A 1 81  ? 6.20805   -9.67689  -6.45778  1.000 13.42000 ? 81  THR A CG2   1 
ATOM   698  N  N     . LEU A 1 82  ? 4.06082   -8.36065  -4.05554  1.000 6.80000  ? 82  LEU A N     1 
ATOM   699  C  CA    . LEU A 1 82  ? 3.79945   -7.02319  -3.53311  1.000 10.70000 ? 82  LEU A CA    1 
ATOM   700  C  C     . LEU A 1 82  ? 5.08519   -6.21661  -3.50030  1.000 10.84000 ? 82  LEU A C     1 
ATOM   701  O  O     . LEU A 1 82  ? 6.08859   -6.65994  -2.93311  1.000 12.97000 ? 82  LEU A O     1 
ATOM   702  C  CB    . LEU A 1 82  ? 3.19887   -7.08200  -2.12527  1.000 10.80000 ? 82  LEU A CB    1 
ATOM   703  C  CG    . LEU A 1 82  ? 1.70640   -7.37617  -2.05258  1.000 10.32000 ? 82  LEU A CG    1 
ATOM   704  C  CD1   . LEU A 1 82  ? 1.44508   -8.14479  -0.77371  1.000 15.94000 ? 82  LEU A CD1   1 
ATOM   705  C  CD2   . LEU A 1 82  ? 0.86518   -6.10063  -2.07600  1.000 11.98000 ? 82  LEU A CD2   1 
ATOM   706  N  N     . TRP A 1 83  ? 5.03483   -5.02554  -4.09166  1.000 9.47000  ? 83  TRP A N     1 
ATOM   707  C  CA    . TRP A 1 83  ? 6.12908   -4.06804  -4.07965  1.000 8.30000  ? 83  TRP A CA    1 
ATOM   708  C  C     . TRP A 1 83  ? 5.74418   -2.96141  -3.11088  1.000 8.60000  ? 83  TRP A C     1 
ATOM   709  O  O     . TRP A 1 83  ? 4.85009   -2.16493  -3.41097  1.000 10.25000 ? 83  TRP A O     1 
ATOM   710  C  CB    . TRP A 1 83  ? 6.36090   -3.49029  -5.47282  1.000 7.78000  ? 83  TRP A CB    1 
ATOM   711  C  CG    . TRP A 1 83  ? 6.67048   -4.50301  -6.52325  1.000 7.13000  ? 83  TRP A CG    1 
ATOM   712  C  CD1   . TRP A 1 83  ? 5.82725   -5.46173  -7.03298  1.000 7.56000  ? 83  TRP A CD1   1 
ATOM   713  C  CD2   . TRP A 1 83  ? 7.90609   -4.63727  -7.23177  1.000 7.94000  ? 83  TRP A CD2   1 
ATOM   714  N  NE1   . TRP A 1 83  ? 6.48294   -6.19564  -8.00772  1.000 9.88000  ? 83  TRP A NE1   1 
ATOM   715  C  CE2   . TRP A 1 83  ? 7.75625   -5.70146  -8.14535  1.000 10.67000 ? 83  TRP A CE2   1 
ATOM   716  C  CE3   . TRP A 1 83  ? 9.12645   -3.95858  -7.17448  1.000 8.75000  ? 83  TRP A CE3   1 
ATOM   717  C  CZ2   . TRP A 1 83  ? 8.78596   -6.09963  -8.99499  1.000 12.51000 ? 83  TRP A CZ2   1 
ATOM   718  C  CZ3   . TRP A 1 83  ? 10.15007  -4.36032  -8.00966  1.000 10.81000 ? 83  TRP A CZ3   1 
ATOM   719  C  CH2   . TRP A 1 83  ? 9.97285   -5.41238  -8.91512  1.000 13.12000 ? 83  TRP A CH2   1 
ATOM   720  N  N     . PHE A 1 84  ? 6.40223   -2.91565  -1.95815  1.000 9.18000  ? 84  PHE A N     1 
ATOM   721  C  CA    . PHE A 1 84  ? 6.09967   -1.92251  -0.92867  1.000 10.45000 ? 84  PHE A CA    1 
ATOM   722  C  C     . PHE A 1 84  ? 7.08233   -0.77241  -1.09008  1.000 9.13000  ? 84  PHE A C     1 
ATOM   723  O  O     . PHE A 1 84  ? 8.27058   -0.92621  -0.79577  1.000 8.33000  ? 84  PHE A O     1 
ATOM   724  C  CB    . PHE A 1 84  ? 6.22014   -2.52430  0.47062   1.000 9.68000  ? 84  PHE A CB    1 
ATOM   725  C  CG    . PHE A 1 84  ? 5.21222   -3.59239  0.77730   1.000 12.44000 ? 84  PHE A CG    1 
ATOM   726  C  CD1   . PHE A 1 84  ? 4.02365   -3.27170  1.41051   1.000 11.50000 ? 84  PHE A CD1   1 
ATOM   727  C  CD2   . PHE A 1 84  ? 5.45982   -4.92153  0.45947   1.000 10.20000 ? 84  PHE A CD2   1 
ATOM   728  C  CE1   . PHE A 1 84  ? 3.08736   -4.25211  1.71778   1.000 10.71000 ? 84  PHE A CE1   1 
ATOM   729  C  CE2   . PHE A 1 84  ? 4.52515   -5.91442  0.76510   1.000 11.15000 ? 84  PHE A CE2   1 
ATOM   730  C  CZ    . PHE A 1 84  ? 3.33901   -5.57688  1.38586   1.000 14.00000 ? 84  PHE A CZ    1 
ATOM   731  N  N     . TRP A 1 85  ? 6.59522   0.37737   -1.55451  1.000 9.36000  ? 85  TRP A N     1 
ATOM   732  C  CA    . TRP A 1 85  ? 7.42315   1.56614   -1.72326  1.000 7.89000  ? 85  TRP A CA    1 
ATOM   733  C  C     . TRP A 1 85  ? 7.26370   2.48774   -0.52319  1.000 10.03000 ? 85  TRP A C     1 
ATOM   734  O  O     . TRP A 1 85  ? 6.13617   2.81507   -0.14053  1.000 9.52000  ? 85  TRP A O     1 
ATOM   735  C  CB    . TRP A 1 85  ? 7.04165   2.31406   -3.00566  1.000 7.49000  ? 85  TRP A CB    1 
ATOM   736  C  CG    . TRP A 1 85  ? 7.20780   1.46806   -4.22803  1.000 7.25000  ? 85  TRP A CG    1 
ATOM   737  C  CD1   . TRP A 1 85  ? 6.25484   0.69645   -4.82165  1.000 7.74000  ? 85  TRP A CD1   1 
ATOM   738  C  CD2   . TRP A 1 85  ? 8.40530   1.30025   -5.00681  1.000 8.56000  ? 85  TRP A CD2   1 
ATOM   739  N  NE1   . TRP A 1 85  ? 6.78313   0.04868   -5.91735  1.000 8.17000  ? 85  TRP A NE1   1 
ATOM   740  C  CE2   . TRP A 1 85  ? 8.09794   0.41679   -6.05794  1.000 9.28000  ? 85  TRP A CE2   1 
ATOM   741  C  CE3   . TRP A 1 85  ? 9.70237   1.81305   -4.91102  1.000 10.38000 ? 85  TRP A CE3   1 
ATOM   742  C  CZ2   . TRP A 1 85  ? 9.04471   0.02412   -7.00882  1.000 10.23000 ? 85  TRP A CZ2   1 
ATOM   743  C  CZ3   . TRP A 1 85  ? 10.64366  1.42222   -5.86127  1.000 12.28000 ? 85  TRP A CZ3   1 
ATOM   744  C  CH2   . TRP A 1 85  ? 10.30339  0.53924   -6.89601  1.000 10.90000 ? 85  TRP A CH2   1 
ATOM   745  N  N     . LEU A 1 86  ? 8.38863   2.91749   0.04847   1.000 9.10000  ? 86  LEU A N     1 
ATOM   746  C  CA    . LEU A 1 86  ? 8.36990   3.91101   1.11856   1.000 8.50000  ? 86  LEU A CA    1 
ATOM   747  C  C     . LEU A 1 86  ? 8.33070   5.30577   0.50430   1.000 10.80000 ? 86  LEU A C     1 
ATOM   748  O  O     . LEU A 1 86  ? 9.25330   5.70553   -0.21578  1.000 10.67000 ? 86  LEU A O     1 
ATOM   749  C  CB    . LEU A 1 86  ? 9.58312   3.75458   2.03012   1.000 10.82000 ? 86  LEU A CB    1 
ATOM   750  C  CG    . LEU A 1 86  ? 9.65260   4.74108   3.20426   1.000 10.24000 ? 86  LEU A CG    1 
ATOM   751  C  CD1   . LEU A 1 86  ? 8.43251   4.61062   4.12673   1.000 13.21000 ? 86  LEU A CD1   1 
ATOM   752  C  CD2   . LEU A 1 86  ? 10.95031  4.51421   4.00065   1.000 13.32000 ? 86  LEU A CD2   1 
ATOM   753  N  N     . VAL A 1 87  ? 7.26244   6.04199   0.79695   1.000 7.30000  ? 87  VAL A N     1 
ATOM   754  C  CA    . VAL A 1 87  ? 6.99554   7.34160   0.19234   1.000 8.44000  ? 87  VAL A CA    1 
ATOM   755  C  C     . VAL A 1 87  ? 7.05432   8.38412   1.29606   1.000 13.85000 ? 87  VAL A C     1 
ATOM   756  O  O     . VAL A 1 87  ? 6.13788   8.47198   2.12393   1.000 10.95000 ? 87  VAL A O     1 
ATOM   757  C  CB    . VAL A 1 87  ? 5.63467   7.36563   -0.51490  1.000 11.07000 ? 87  VAL A CB    1 
ATOM   758  C  CG1   . VAL A 1 87  ? 5.35075   8.75949   -1.07653  1.000 10.77000 ? 87  VAL A CG1   1 
ATOM   759  C  CG2   . VAL A 1 87  ? 5.58361   6.31657   -1.62100  1.000 6.27000  ? 87  VAL A CG2   1 
ATOM   760  N  N     . GLU A 1 88  ? 8.13276   9.16844   1.32783   1.000 11.04000 ? 88  GLU A N     1 
ATOM   761  C  CA    . GLU A 1 88  ? 8.26299   10.19519  2.35170   1.000 12.04000 ? 88  GLU A CA    1 
ATOM   762  C  C     . GLU A 1 88  ? 8.17415   11.60909  1.80388   1.000 11.94000 ? 88  GLU A C     1 
ATOM   763  O  O     . GLU A 1 88  ? 8.15903   12.56210  2.59442   1.000 11.40000 ? 88  GLU A O     1 
ATOM   764  C  CB    . GLU A 1 88  ? 9.57596   10.00869  3.11511   1.000 19.48000 ? 88  GLU A CB    1 
ATOM   765  C  CG    . GLU A 1 88  ? 9.52192   8.80606   4.03775   1.000 23.47000 ? 88  GLU A CG    1 
ATOM   766  C  CD    . GLU A 1 88  ? 10.88444  8.35343   4.49566   1.000 31.47000 ? 88  GLU A CD    1 
ATOM   767  O  OE1   . GLU A 1 88  ? 11.83055  8.39253   3.68231   1.000 35.79000 ? 88  GLU A OE1   1 
ATOM   768  O  OE2   . GLU A 1 88  ? 11.00146  7.95515   5.67064   1.000 32.88000 ? 88  GLU A OE2   1 
ATOM   769  N  N     . ARG A 1 89  ? 8.09881   11.76420  0.48578   1.000 12.03000 ? 89  ARG A N     1 
ATOM   770  C  CA    . ARG A 1 89  ? 7.90133   13.05133  -0.15786  1.000 14.37000 ? 89  ARG A CA    1 
ATOM   771  C  C     . ARG A 1 89  ? 6.84077   12.88865  -1.23132  1.000 10.56000 ? 89  ARG A C     1 
ATOM   772  O  O     . ARG A 1 89  ? 6.81970   11.87692  -1.93799  1.000 13.74000 ? 89  ARG A O     1 
ATOM   773  C  CB    . ARG A 1 89  ? 9.21084   13.56943  -0.77997  1.000 15.49000 ? 89  ARG A CB    1 
ATOM   774  C  CG    . ARG A 1 89  ? 9.02878   14.80611  -1.65673  1.000 27.84000 ? 89  ARG A CG    1 
ATOM   775  C  CD    . ARG A 1 89  ? 10.34283  15.29878  -2.29012  1.000 28.80000 ? 89  ARG A CD    1 
ATOM   776  N  NE    . ARG A 1 89  ? 11.22457  15.86760  -1.27783  1.000 37.16000 ? 89  ARG A NE    1 
ATOM   777  C  CZ    . ARG A 1 89  ? 11.03914  17.05647  -0.71566  1.000 39.68000 ? 89  ARG A CZ    1 
ATOM   778  N  NH1   . ARG A 1 89  ? 10.00380  17.80548  -1.07635  1.000 33.66000 ? 89  ARG A NH1   1 
ATOM   779  N  NH2   . ARG A 1 89  ? 11.88021  17.49019  0.21475   1.000 30.81000 ? 89  ARG A NH2   1 
ATOM   780  N  N     . TRP A 1 90  ? 5.95175   13.87244  -1.34516  1.000 10.01000 ? 90  TRP A N     1 
ATOM   781  C  CA    . TRP A 1 90  ? 4.92701   13.78474  -2.37561  1.000 14.47000 ? 90  TRP A CA    1 
ATOM   782  C  C     . TRP A 1 90  ? 4.36393   15.16894  -2.63850  1.000 15.64000 ? 90  TRP A C     1 
ATOM   783  O  O     . TRP A 1 90  ? 4.47554   16.08110  -1.81029  1.000 12.93000 ? 90  TRP A O     1 
ATOM   784  C  CB    . TRP A 1 90  ? 3.79551   12.81401  -1.98324  1.000 12.96000 ? 90  TRP A CB    1 
ATOM   785  C  CG    . TRP A 1 90  ? 3.09590   13.19421  -0.70879  1.000 11.55000 ? 90  TRP A CG    1 
ATOM   786  C  CD1   . TRP A 1 90  ? 2.01622   14.02779  -0.57763  1.000 12.32000 ? 90  TRP A CD1   1 
ATOM   787  C  CD2   . TRP A 1 90  ? 3.42403   12.75067  0.61612   1.000 9.01000  ? 90  TRP A CD2   1 
ATOM   788  N  NE1   . TRP A 1 90  ? 1.65976   14.13984  0.74949   1.000 12.56000 ? 90  TRP A NE1   1 
ATOM   789  C  CE2   . TRP A 1 90  ? 2.50186   13.35901  1.50087   1.000 10.88000 ? 90  TRP A CE2   1 
ATOM   790  C  CE3   . TRP A 1 90  ? 4.40010   11.89518  1.13917   1.000 9.55000  ? 90  TRP A CE3   1 
ATOM   791  C  CZ2   . TRP A 1 90  ? 2.54267   13.15310  2.88129   1.000 14.28000 ? 90  TRP A CZ2   1 
ATOM   792  C  CZ3   . TRP A 1 90  ? 4.43387   11.68757  2.51407   1.000 10.43000 ? 90  TRP A CZ3   1 
ATOM   793  C  CH2   . TRP A 1 90  ? 3.51127   12.31261  3.36817   1.000 12.86000 ? 90  TRP A CH2   1 
ATOM   794  N  N     . GLU A 1 91  ? 3.75627   15.30628  -3.80848  1.000 14.95000 ? 91  GLU A N     1 
ATOM   795  C  CA    . GLU A 1 91  ? 2.93878   16.46619  -4.11709  1.000 17.01000 ? 91  GLU A CA    1 
ATOM   796  C  C     . GLU A 1 91  ? 1.49213   16.11991  -3.80469  1.000 17.29000 ? 91  GLU A C     1 
ATOM   797  O  O     . GLU A 1 91  ? 1.01259   15.04432  -4.17281  1.000 16.78000 ? 91  GLU A O     1 
ATOM   798  C  CB    . GLU A 1 91  ? 3.10107   16.87063  -5.58233  1.000 20.25000 ? 91  GLU A CB    1 
ATOM   799  C  CG    . GLU A 1 91  ? 4.51416   17.30743  -5.94836  1.000 48.03000 ? 91  GLU A CG    1 
ATOM   800  C  CD    . GLU A 1 91  ? 4.67206   17.64126  -7.42707  1.000 70.82000 ? 91  GLU A CD    1 
ATOM   801  O  OE1   . GLU A 1 91  ? 3.64541   17.90582  -8.08953  1.000 62.61000 ? 91  GLU A OE1   1 
ATOM   802  O  OE2   . GLU A 1 91  ? 5.82317   17.63548  -7.92589  1.000 58.38000 ? 91  GLU A OE2   1 
ATOM   803  N  N     . GLY A 1 92  ? 0.81213   17.01563  -3.10579  1.000 14.81000 ? 92  GLY A N     1 
ATOM   804  C  CA    . GLY A 1 92  ? -0.58887  16.83978  -2.78769  1.000 20.50000 ? 92  GLY A CA    1 
ATOM   805  C  C     . GLY A 1 92  ? -0.79987  16.47114  -1.33013  1.000 16.24000 ? 92  GLY A C     1 
ATOM   806  O  O     . GLY A 1 92  ? 0.13237   16.33298  -0.53513  1.000 16.58000 ? 92  GLY A O     1 
ATOM   807  N  N     . GLU A 1 93  ? -2.07503  16.31682  -1.00174  1.000 13.75000 ? 93  GLU A N     1 
ATOM   808  C  CA    . GLU A 1 93  ? -2.52965  15.97553  0.33215   1.000 11.72000 ? 93  GLU A CA    1 
ATOM   809  C  C     . GLU A 1 93  ? -3.38454  14.72973  0.18253   1.000 7.83000  ? 93  GLU A C     1 
ATOM   810  O  O     . GLU A 1 93  ? -4.37826  14.77191  -0.56049  1.000 11.49000 ? 93  GLU A O     1 
ATOM   811  C  CB    . GLU A 1 93  ? -3.33975  17.14392  0.90706   1.000 23.12000 ? 93  GLU A CB    1 
ATOM   812  C  CG    . GLU A 1 93  ? -3.79226  16.97694  2.31259   1.000 16.03000 ? 93  GLU A CG    1 
ATOM   813  C  CD    . GLU A 1 93  ? -2.64952  17.07574  3.29512   1.000 25.30000 ? 93  GLU A CD    1 
ATOM   814  O  OE1   . GLU A 1 93  ? -1.76591  17.93222  3.10345   1.000 24.47000 ? 93  GLU A OE1   1 
ATOM   815  O  OE2   . GLU A 1 93  ? -2.62435  16.27819  4.24620   1.000 23.66000 ? 93  GLU A OE2   1 
ATOM   816  N  N     . PRO A 1 94  ? -3.03729  13.59109  0.79773   1.000 8.13000  ? 94  PRO A N     1 
ATOM   817  C  CA    . PRO A 1 94  ? -3.80413  12.36609  0.53746   1.000 7.88000  ? 94  PRO A CA    1 
ATOM   818  C  C     . PRO A 1 94  ? -5.19625  12.44266  1.13942   1.000 9.42000  ? 94  PRO A C     1 
ATOM   819  O  O     . PRO A 1 94  ? -5.39707  13.00436  2.22273   1.000 10.00000 ? 94  PRO A O     1 
ATOM   820  C  CB    . PRO A 1 94  ? -2.97028  11.25856  1.19671   1.000 10.76000 ? 94  PRO A CB    1 
ATOM   821  C  CG    . PRO A 1 94  ? -2.13716  11.94421  2.20074   1.000 11.18000 ? 94  PRO A CG    1 
ATOM   822  C  CD    . PRO A 1 94  ? -1.86162  13.33644  1.64799   1.000 11.87000 ? 94  PRO A CD    1 
ATOM   823  N  N     . TRP A 1 95  ? -6.15565  11.86877  0.41713   1.000 7.89000  ? 95  TRP A N     1 
ATOM   824  C  CA    . TRP A 1 95  ? -7.54910  11.85502  0.84729   1.000 8.16000  ? 95  TRP A CA    1 
ATOM   825  C  C     . TRP A 1 95  ? -8.22253  10.63827  0.24255   1.000 11.67000 ? 95  TRP A C     1 
ATOM   826  O  O     . TRP A 1 95  ? -7.61359  9.88603   -0.52261  1.000 9.17000  ? 95  TRP A O     1 
ATOM   827  C  CB    . TRP A 1 95  ? -8.26383  13.14863  0.44695   1.000 9.32000  ? 95  TRP A CB    1 
ATOM   828  C  CG    . TRP A 1 95  ? -8.43581  13.37067  -1.03887  1.000 8.20000  ? 95  TRP A CG    1 
ATOM   829  C  CD1   . TRP A 1 95  ? -7.44663  13.59914  -1.96118  1.000 9.26000  ? 95  TRP A CD1   1 
ATOM   830  C  CD2   . TRP A 1 95  ? -9.67032  13.43068  -1.75630  1.000 9.44000  ? 95  TRP A CD2   1 
ATOM   831  N  NE1   . TRP A 1 95  ? -7.99442  13.78483  -3.20962  1.000 14.04000 ? 95  TRP A NE1   1 
ATOM   832  C  CE2   . TRP A 1 95  ? -9.35998  13.69268  -3.10910  1.000 10.96000 ? 95  TRP A CE2   1 
ATOM   833  C  CE3   . TRP A 1 95  ? -11.01499 13.29828  -1.38569  1.000 9.13000  ? 95  TRP A CE3   1 
ATOM   834  C  CZ2   . TRP A 1 95  ? -10.34430 13.80985  -4.09499  1.000 13.76000 ? 95  TRP A CZ2   1 
ATOM   835  C  CZ3   . TRP A 1 95  ? -11.98951 13.41205  -2.36656  1.000 10.20000 ? 95  TRP A CZ3   1 
ATOM   836  C  CH2   . TRP A 1 95  ? -11.64889 13.66404  -3.70540  1.000 13.10000 ? 95  TRP A CH2   1 
ATOM   837  N  N     . GLY A 1 96  ? -9.49418  10.44115  0.58910   1.000 9.18000  ? 96  GLY A N     1 
ATOM   838  C  CA    . GLY A 1 96  ? -10.23176 9.30246   0.06877   1.000 10.73000 ? 96  GLY A CA    1 
ATOM   839  C  C     . GLY A 1 96  ? -10.77846 9.60772   -1.30695  1.000 11.45000 ? 96  GLY A C     1 
ATOM   840  O  O     . GLY A 1 96  ? -11.98897 9.78569   -1.48062  1.000 11.39000 ? 96  GLY A O     1 
ATOM   841  N  N     . LYS A 1 97  ? -9.87895  9.66715   -2.29260  1.000 8.38000  ? 97  LYS A N     1 
ATOM   842  C  CA    . LYS A 1 97  ? -10.24179 10.18714  -3.60657  1.000 9.20000  ? 97  LYS A CA    1 
ATOM   843  C  C     . LYS A 1 97  ? -11.23641 9.28060   -4.32283  1.000 9.37000  ? 97  LYS A C     1 
ATOM   844  O  O     . LYS A 1 97  ? -12.02603 9.75548   -5.15325  1.000 11.93000 ? 97  LYS A O     1 
ATOM   845  C  CB    . LYS A 1 97  ? -8.97111  10.38529  -4.42629  1.000 6.90000  ? 97  LYS A CB    1 
ATOM   846  C  CG    . LYS A 1 97  ? -9.18164  10.84392  -5.84777  1.000 8.19000  ? 97  LYS A CG    1 
ATOM   847  C  CD    . LYS A 1 97  ? -7.84272  11.21930  -6.47383  1.000 9.24000  ? 97  LYS A CD    1 
ATOM   848  C  CE    . LYS A 1 97  ? -8.01278  11.58385  -7.95188  1.000 11.13000 ? 97  LYS A CE    1 
ATOM   849  N  NZ    . LYS A 1 97  ? -6.72258  11.94487  -8.61930  1.000 11.70000 ? 97  LYS A NZ    1 
ATOM   850  N  N     . GLU A 1 98  ? -11.23604 7.98556   -3.99700  1.000 10.87000 ? 98  GLU A N     1 
ATOM   851  C  CA    . GLU A 1 98  ? -12.19891 7.03719   -4.53587  1.000 9.52000  ? 98  GLU A CA    1 
ATOM   852  C  C     . GLU A 1 98  ? -13.35288 6.76922   -3.57127  1.000 13.43000 ? 98  GLU A C     1 
ATOM   853  O  O     . GLU A 1 98  ? -14.03527 5.74980   -3.69874  1.000 14.84000 ? 98  GLU A O     1 
ATOM   854  C  CB    . GLU A 1 98  ? -11.48990 5.73456   -4.92533  1.000 10.40000 ? 98  GLU A CB    1 
ATOM   855  C  CG    . GLU A 1 98  ? -10.55261 5.92752   -6.12433  1.000 11.00000 ? 98  GLU A CG    1 
ATOM   856  C  CD    . GLU A 1 98  ? -9.79549  4.65944   -6.51154  1.000 17.88000 ? 98  GLU A CD    1 
ATOM   857  O  OE1   . GLU A 1 98  ? -9.77483  3.70511   -5.70769  1.000 16.33000 ? 98  GLU A OE1   1 
ATOM   858  O  OE2   . GLU A 1 98  ? -9.21859  4.62618   -7.61600  1.000 19.98000 ? 98  GLU A OE2   1 
ATOM   859  N  N     . GLY A 1 99  ? -13.59032 7.67437   -2.62347  1.000 11.79000 ? 99  GLY A N     1 
ATOM   860  C  CA    . GLY A 1 99  ? -14.66574 7.52668   -1.66668  1.000 13.33000 ? 99  GLY A CA    1 
ATOM   861  C  C     . GLY A 1 99  ? -14.38083 6.55245   -0.55255  1.000 13.74000 ? 99  GLY A C     1 
ATOM   862  O  O     . GLY A 1 99  ? -15.28608 6.25159   0.23964   1.000 13.93000 ? 99  GLY A O     1 
ATOM   863  N  N     . GLN A 1 100 ? -13.15124 6.04637   -0.46502  1.000 10.93000 ? 100 GLN A N     1 
ATOM   864  C  CA    . GLN A 1 100 ? -12.80800 5.04559   0.53105   1.000 10.52000 ? 100 GLN A CA    1 
ATOM   865  C  C     . GLN A 1 100 ? -12.34042 5.71491   1.82065   1.000 11.63000 ? 100 GLN A C     1 
ATOM   866  O  O     . GLN A 1 100 ? -11.86383 6.85553   1.80249   1.000 10.54000 ? 100 GLN A O     1 
ATOM   867  C  CB    . GLN A 1 100 ? -11.71125 4.11390   -0.00591  1.000 12.33000 ? 100 GLN A CB    1 
ATOM   868  C  CG    . GLN A 1 100 ? -10.28999 4.68238   0.04110   1.000 11.02000 ? 100 GLN A CG    1 
ATOM   869  C  CD    . GLN A 1 100 ? -9.93860  5.62107   -1.11523  1.000 10.19000 ? 100 GLN A CD    1 
ATOM   870  O  OE1   . GLN A 1 100 ? -10.77471 6.39354   -1.59465  1.000 10.94000 ? 100 GLN A OE1   1 
ATOM   871  N  NE2   . GLN A 1 100 ? -8.67704  5.55622   -1.56471  1.000 9.59000  ? 100 GLN A NE2   1 
ATOM   872  N  N     . PRO A 1 101 ? -12.49237 5.05259   2.96661   1.000 11.69000 ? 101 PRO A N     1 
ATOM   873  C  CA    . PRO A 1 101 ? -11.98704 5.63423   4.21107   1.000 9.67000  ? 101 PRO A CA    1 
ATOM   874  C  C     . PRO A 1 101 ? -10.47518 5.70604   4.17141   1.000 15.25000 ? 101 PRO A C     1 
ATOM   875  O  O     . PRO A 1 101 ? -9.80800  4.78565   3.70291   1.000 12.84000 ? 101 PRO A O     1 
ATOM   876  C  CB    . PRO A 1 101 ? -12.46689 4.66112   5.30061   1.000 13.86000 ? 101 PRO A CB    1 
ATOM   877  C  CG    . PRO A 1 101 ? -13.39474 3.72124   4.64063   1.000 12.56000 ? 101 PRO A CG    1 
ATOM   878  C  CD    . PRO A 1 101 ? -13.10751 3.73267   3.17428   1.000 12.44000 ? 101 PRO A CD    1 
ATOM   879  N  N     . GLY A 1 102 ? -9.93897  6.82480   4.64033   1.000 10.98000 ? 102 GLY A N     1 
ATOM   880  C  CA    . GLY A 1 102 ? -8.50581  6.94242   4.75279   1.000 9.01000  ? 102 GLY A CA    1 
ATOM   881  C  C     . GLY A 1 102 ? -8.16328  7.83049   5.92086   1.000 18.53000 ? 102 GLY A C     1 
ATOM   882  O  O     . GLY A 1 102 ? -8.85266  8.82786   6.15876   1.000 19.07000 ? 102 GLY A O     1 
ATOM   883  N  N     . GLU A 1 103 ? -7.12411  7.48598   6.67004   1.000 11.79000 ? 103 GLU A N     1 
ATOM   884  C  CA    . GLU A 1 103 ? -6.69394  8.39205   7.71780   1.000 13.33000 ? 103 GLU A CA    1 
ATOM   885  C  C     . GLU A 1 103 ? -5.24461  8.12595   8.08034   1.000 12.01000 ? 103 GLU A C     1 
ATOM   886  O  O     . GLU A 1 103 ? -4.65894  7.09535   7.72137   1.000 10.19000 ? 103 GLU A O     1 
ATOM   887  C  CB    . GLU A 1 103 ? -7.57322  8.26437   8.94996   1.000 17.55000 ? 103 GLU A CB    1 
ATOM   888  C  CG    . GLU A 1 103 ? -7.57058  6.88238   9.50950   1.000 15.80000 ? 103 GLU A CG    1 
ATOM   889  C  CD    . GLU A 1 103 ? -8.67362  6.67876   10.52141  1.000 27.76000 ? 103 GLU A CD    1 
ATOM   890  O  OE1   . GLU A 1 103 ? -9.51147  7.59309   10.69574  1.000 33.08000 ? 103 GLU A OE1   1 
ATOM   891  O  OE2   . GLU A 1 103 ? -8.69839  5.59733   11.13250  1.000 20.23000 ? 103 GLU A OE2   1 
ATOM   892  N  N     . TRP A 1 104 ? -4.68373  9.08203   8.81009   1.000 9.21000  ? 104 TRP A N     1 
ATOM   893  C  CA    . TRP A 1 104 ? -3.32289  8.97600   9.30242   1.000 7.94000  ? 104 TRP A CA    1 
ATOM   894  C  C     . TRP A 1 104 ? -3.30454  8.09849   10.54291  1.000 7.95000  ? 104 TRP A C     1 
ATOM   895  O  O     . TRP A 1 104 ? -4.13682  8.25526   11.44366  1.000 10.68000 ? 104 TRP A O     1 
ATOM   896  C  CB    . TRP A 1 104 ? -2.76929  10.36688  9.60184   1.000 9.84000  ? 104 TRP A CB    1 
ATOM   897  C  CG    . TRP A 1 104 ? -2.54699  11.15388  8.33673   1.000 10.80000 ? 104 TRP A CG    1 
ATOM   898  C  CD1   . TRP A 1 104 ? -3.37875  12.09705  7.78764   1.000 9.02000  ? 104 TRP A CD1   1 
ATOM   899  C  CD2   . TRP A 1 104 ? -1.42301  11.04431  7.45067   1.000 8.62000  ? 104 TRP A CD2   1 
ATOM   900  N  NE1   . TRP A 1 104 ? -2.82510  12.59076  6.62384   1.000 7.97000  ? 104 TRP A NE1   1 
ATOM   901  C  CE2   . TRP A 1 104 ? -1.63127  11.95383  6.39175   1.000 9.81000  ? 104 TRP A CE2   1 
ATOM   902  C  CE3   . TRP A 1 104 ? -0.25945  10.25807  7.44842   1.000 8.33000  ? 104 TRP A CE3   1 
ATOM   903  C  CZ2   . TRP A 1 104 ? -0.72066  12.09926  5.34246   1.000 8.68000  ? 104 TRP A CZ2   1 
ATOM   904  C  CZ3   . TRP A 1 104 ? 0.64050   10.40445  6.40822   1.000 10.76000 ? 104 TRP A CZ3   1 
ATOM   905  C  CH2   . TRP A 1 104 ? 0.40388   11.31722  5.36864   1.000 11.04000 ? 104 TRP A CH2   1 
ATOM   906  N  N     . MET A 1 105 ? -2.35889  7.16681   10.58179  1.000 6.97000  ? 105 MET A N     1 
ATOM   907  C  CA    . MET A 1 105 ? -2.24660  6.21349   11.67686  1.000 8.38000  ? 105 MET A CA    1 
ATOM   908  C  C     . MET A 1 105 ? -0.81416  6.20547   12.17404  1.000 7.95000  ? 105 MET A C     1 
ATOM   909  O  O     . MET A 1 105 ? 0.11478   6.08977   11.37341  1.000 9.64000  ? 105 MET A O     1 
ATOM   910  C  CB    . MET A 1 105 ? -2.65178  4.81240   11.22075  1.000 8.18000  ? 105 MET A CB    1 
ATOM   911  C  CG    . MET A 1 105 ? -4.01257  4.78511   10.54735  1.000 11.45000 ? 105 MET A CG    1 
ATOM   912  S  SD    . MET A 1 105 ? -4.63315  3.10352   10.34268  1.000 12.53000 ? 105 MET A SD    1 
ATOM   913  C  CE    . MET A 1 105 ? -6.30022  3.47273   9.77557   1.000 13.52000 ? 105 MET A CE    1 
ATOM   914  N  N     A SER A 1 106 ? -0.63593  6.33133   13.49303  0.750 9.39000  ? 106 SER A N     1 
ATOM   915  N  N     B SER A 1 106 ? -0.63362  6.33642   13.48399  0.250 9.41000  ? 106 SER A N     1 
ATOM   916  C  CA    A SER A 1 106 ? 0.71255   6.27221   14.04933  0.750 8.44000  ? 106 SER A CA    1 
ATOM   917  C  CA    B SER A 1 106 ? 0.71284   6.29162   14.03301  0.250 8.59000  ? 106 SER A CA    1 
ATOM   918  C  C     A SER A 1 106 ? 1.35768   4.94366   13.68367  0.750 10.27000 ? 106 SER A C     1 
ATOM   919  C  C     B SER A 1 106 ? 1.36381   4.95168   13.71354  0.250 10.32000 ? 106 SER A C     1 
ATOM   920  O  O     A SER A 1 106 ? 0.71712   3.88955   13.73068  0.750 10.29000 ? 106 SER A O     1 
ATOM   921  O  O     B SER A 1 106 ? 0.73375   3.89578   13.82242  0.250 10.30000 ? 106 SER A O     1 
ATOM   922  C  CB    A SER A 1 106 ? 0.68787   6.44556   15.57375  0.750 13.34000 ? 106 SER A CB    1 
ATOM   923  C  CB    B SER A 1 106 ? 0.67670   6.51728   15.54193  0.250 13.22000 ? 106 SER A CB    1 
ATOM   924  O  OG    A SER A 1 106 ? 0.26804   5.26550   16.25476  0.750 9.98000  ? 106 SER A OG    1 
ATOM   925  O  OG    B SER A 1 106 ? 1.98529   6.53853   16.07476  0.250 12.96000 ? 106 SER A OG    1 
ATOM   926  N  N     . LEU A 1 107 ? 2.63050   5.00252   13.29138  1.000 12.45000 ? 107 LEU A N     1 
ATOM   927  C  CA    . LEU A 1 107 ? 3.35411   3.77275   12.98034  1.000 10.09000 ? 107 LEU A CA    1 
ATOM   928  C  C     . LEU A 1 107 ? 3.37573   2.82635   14.17865  1.000 11.86000 ? 107 LEU A C     1 
ATOM   929  O  O     . LEU A 1 107 ? 3.14426   1.61737   14.03037  1.000 11.26000 ? 107 LEU A O     1 
ATOM   930  C  CB    . LEU A 1 107 ? 4.77287   4.11768   12.53027  1.000 11.57000 ? 107 LEU A CB    1 
ATOM   931  C  CG    . LEU A 1 107 ? 5.67060   2.95587   12.11272  1.000 22.25000 ? 107 LEU A CG    1 
ATOM   932  C  CD1   . LEU A 1 107 ? 4.90798   2.00142   11.21273  1.000 24.06000 ? 107 LEU A CD1   1 
ATOM   933  C  CD2   . LEU A 1 107 ? 6.91066   3.49826   11.40420  1.000 26.67000 ? 107 LEU A CD2   1 
ATOM   934  N  N     . VAL A 1 108 ? 3.61906   3.36065   15.37900  1.000 13.09000 ? 108 VAL A N     1 
ATOM   935  C  CA    . VAL A 1 108 ? 3.74224   2.48953   16.54673  1.000 10.92000 ? 108 VAL A CA    1 
ATOM   936  C  C     . VAL A 1 108 ? 2.42691   1.78790   16.84912  1.000 15.67000 ? 108 VAL A C     1 
ATOM   937  O  O     . VAL A 1 108 ? 2.42053   0.67652   17.39273  1.000 15.06000 ? 108 VAL A O     1 
ATOM   938  C  CB    . VAL A 1 108 ? 4.25293   3.27877   17.76813  1.000 16.78000 ? 108 VAL A CB    1 
ATOM   939  C  CG1   . VAL A 1 108 ? 5.61474   3.88070   17.46529  1.000 23.56000 ? 108 VAL A CG1   1 
ATOM   940  C  CG2   . VAL A 1 108 ? 3.25817   4.36559   18.17876  1.000 12.81000 ? 108 VAL A CG2   1 
ATOM   941  N  N     . GLY A 1 109 ? 1.30691   2.38675   16.47364  1.000 10.06000 ? 109 GLY A N     1 
ATOM   942  C  CA    . GLY A 1 109 ? 0.01493   1.81297   16.77261  1.000 12.15000 ? 109 GLY A CA    1 
ATOM   943  C  C     . GLY A 1 109 ? -0.53643  0.84343   15.75595  1.000 12.63000 ? 109 GLY A C     1 
ATOM   944  O  O     . GLY A 1 109 ? -1.60223  0.26990   15.99009  1.000 14.64000 ? 109 GLY A O     1 
ATOM   945  N  N     . LEU A 1 110 ? 0.15183   0.62606   14.63293  1.000 11.59000 ? 110 LEU A N     1 
ATOM   946  C  CA    . LEU A 1 110 ? -0.35359  -0.30294  13.63119  1.000 11.23000 ? 110 LEU A CA    1 
ATOM   947  C  C     . LEU A 1 110 ? -0.42418  -1.72276  14.18074  1.000 12.00000 ? 110 LEU A C     1 
ATOM   948  O  O     . LEU A 1 110 ? 0.47062   -2.18494  14.89425  1.000 14.19000 ? 110 LEU A O     1 
ATOM   949  C  CB    . LEU A 1 110 ? 0.52276   -0.28796  12.37738  1.000 10.51000 ? 110 LEU A CB    1 
ATOM   950  C  CG    . LEU A 1 110 ? 0.55148   1.01459   11.58499  1.000 11.28000 ? 110 LEU A CG    1 
ATOM   951  C  CD1   . LEU A 1 110 ? 1.46175   0.85502   10.36478  1.000 16.98000 ? 110 LEU A CD1   1 
ATOM   952  C  CD2   . LEU A 1 110 ? -0.84427  1.43705   11.15444  1.000 13.71000 ? 110 LEU A CD2   1 
ATOM   953  N  N     . ASN A 1 111 ? -1.50760  -2.41246  13.84057  1.000 12.04000 ? 111 ASN A N     1 
ATOM   954  C  CA    . ASN A 1 111 ? -1.75547  -3.78393  14.26420  1.000 10.39000 ? 111 ASN A CA    1 
ATOM   955  C  C     . ASN A 1 111 ? -1.78919  -4.62139  12.99599  1.000 9.81000  ? 111 ASN A C     1 
ATOM   956  O  O     . ASN A 1 111 ? -2.69926  -4.46219  12.17549  1.000 12.00000 ? 111 ASN A O     1 
ATOM   957  C  CB    . ASN A 1 111 ? -3.06737  -3.86253  15.04335  1.000 11.78000 ? 111 ASN A CB    1 
ATOM   958  C  CG    . ASN A 1 111 ? -3.38831  -5.26281  15.52705  1.000 21.28000 ? 111 ASN A CG    1 
ATOM   959  O  OD1   . ASN A 1 111 ? -2.82045  -6.24938  15.06287  1.000 20.48000 ? 111 ASN A OD1   1 
ATOM   960  N  ND2   . ASN A 1 111 ? -4.32093  -5.35317  16.47506  1.000 28.13000 ? 111 ASN A ND2   1 
ATOM   961  N  N     . ALA A 1 112 ? -0.78855  -5.49599  12.81351  1.000 10.56000 ? 112 ALA A N     1 
ATOM   962  C  CA    . ALA A 1 112 ? -0.71322  -6.25689  11.56681  1.000 11.46000 ? 112 ALA A CA    1 
ATOM   963  C  C     . ALA A 1 112 ? -1.96950  -7.09050  11.32752  1.000 9.91000  ? 112 ALA A C     1 
ATOM   964  O  O     . ALA A 1 112 ? -2.30948  -7.38010  10.17067  1.000 11.55000 ? 112 ALA A O     1 
ATOM   965  C  CB    . ALA A 1 112 ? 0.52835   -7.15301  11.55317  1.000 13.47000 ? 112 ALA A CB    1 
ATOM   966  N  N     . ASP A 1 113 ? -2.67930  -7.47673  12.39671  1.000 9.60000  ? 113 ASP A N     1 
ATOM   967  C  CA    . ASP A 1 113 ? -3.89390  -8.26872  12.22716  1.000 11.70000 ? 113 ASP A CA    1 
ATOM   968  C  C     . ASP A 1 113 ? -4.96459  -7.52302  11.44434  1.000 10.49000 ? 113 ASP A C     1 
ATOM   969  O  O     . ASP A 1 113 ? -5.88026  -8.15966  10.90334  1.000 12.60000 ? 113 ASP A O     1 
ATOM   970  C  CB    . ASP A 1 113 ? -4.45739  -8.67370  13.59066  1.000 14.33000 ? 113 ASP A CB    1 
ATOM   971  C  CG    . ASP A 1 113 ? -3.58389  -9.68026  14.30876  1.000 21.32000 ? 113 ASP A CG    1 
ATOM   972  O  OD1   . ASP A 1 113 ? -2.94033  -10.50611 13.62827  1.000 22.02000 ? 113 ASP A OD1   1 
ATOM   973  O  OD2   . ASP A 1 113 ? -3.55454  -9.65215  15.55623  1.000 28.91000 ? 113 ASP A OD2   1 
ATOM   974  N  N     . ASP A 1 114 ? -4.88922  -6.19177  11.40424  1.000 8.20000  ? 114 ASP A N     1 
ATOM   975  C  CA    . ASP A 1 114 ? -5.85367  -5.37014  10.68522  1.000 7.62000  ? 114 ASP A CA    1 
ATOM   976  C  C     . ASP A 1 114 ? -5.60344  -5.32173  9.18453   1.000 8.78000  ? 114 ASP A C     1 
ATOM   977  O  O     . ASP A 1 114 ? -6.47435  -4.84347  8.44959   1.000 9.60000  ? 114 ASP A O     1 
ATOM   978  C  CB    . ASP A 1 114 ? -5.83094  -3.93180  11.20639  1.000 10.50000 ? 114 ASP A CB    1 
ATOM   979  C  CG    . ASP A 1 114 ? -6.39543  -3.79632  12.60139  1.000 21.69000 ? 114 ASP A CG    1 
ATOM   980  O  OD1   . ASP A 1 114 ? -7.17875  -4.67281  13.01358  1.000 20.01000 ? 114 ASP A OD1   1 
ATOM   981  O  OD2   . ASP A 1 114 ? -6.07091  -2.78706  13.26945  1.000 17.13000 ? 114 ASP A OD2   1 
ATOM   982  N  N     . PHE A 1 115 ? -4.44855  -5.78004  8.72348   1.000 6.97000  ? 115 PHE A N     1 
ATOM   983  C  CA    . PHE A 1 115 ? -4.01013  -5.71306  7.33623   1.000 6.59000  ? 115 PHE A CA    1 
ATOM   984  C  C     . PHE A 1 115 ? -4.03210  -7.10741  6.72908   1.000 7.35000  ? 115 PHE A C     1 
ATOM   985  O  O     . PHE A 1 115 ? -4.12675  -8.10585  7.45221   1.000 10.79000 ? 115 PHE A O     1 
ATOM   986  C  CB    . PHE A 1 115 ? -2.58108  -5.14677  7.25611   1.000 8.47000  ? 115 PHE A CB    1 
ATOM   987  C  CG    . PHE A 1 115 ? -2.45308  -3.69333  7.62877   1.000 9.70000  ? 115 PHE A CG    1 
ATOM   988  C  CD1   . PHE A 1 115 ? -2.46969  -3.29358  8.95888   1.000 8.05000  ? 115 PHE A CD1   1 
ATOM   989  C  CD2   . PHE A 1 115 ? -2.27012  -2.73107  6.63761   1.000 9.16000  ? 115 PHE A CD2   1 
ATOM   990  C  CE1   . PHE A 1 115 ? -2.33716  -1.96341  9.29335   1.000 12.07000 ? 115 PHE A CE1   1 
ATOM   991  C  CE2   . PHE A 1 115 ? -2.13011  -1.40181  6.96685   1.000 11.03000 ? 115 PHE A CE2   1 
ATOM   992  C  CZ    . PHE A 1 115 ? -2.16184  -1.01528  8.29604   1.000 8.39000  ? 115 PHE A CZ    1 
ATOM   993  N  N     . PRO A 1 116 ? -3.91971  -7.22841  5.40309   1.000 6.99000  ? 116 PRO A N     1 
ATOM   994  C  CA    . PRO A 1 116 ? -3.76639  -8.56081  4.82198   1.000 7.54000  ? 116 PRO A CA    1 
ATOM   995  C  C     . PRO A 1 116 ? -2.54156  -9.23898  5.38894   1.000 9.96000  ? 116 PRO A C     1 
ATOM   996  O  O     . PRO A 1 116 ? -1.54350  -8.57650  5.73129   1.000 10.34000 ? 116 PRO A O     1 
ATOM   997  C  CB    . PRO A 1 116 ? -3.60384  -8.27413  3.32065   1.000 7.97000  ? 116 PRO A CB    1 
ATOM   998  C  CG    . PRO A 1 116 ? -4.34099  -6.97601  3.12587   1.000 9.11000  ? 116 PRO A CG    1 
ATOM   999  C  CD    . PRO A 1 116 ? -3.96431  -6.19147  4.35754   1.000 7.32000  ? 116 PRO A CD    1 
ATOM   1000 N  N     . PRO A 1 117 ? -2.57256  -10.56498 5.52268   1.000 9.67000  ? 117 PRO A N     1 
ATOM   1001 C  CA    . PRO A 1 117 ? -1.45495  -11.25051 6.18094   1.000 12.95000 ? 117 PRO A CA    1 
ATOM   1002 C  C     . PRO A 1 117 ? -0.15927  -11.09839 5.42700   1.000 10.03000 ? 117 PRO A C     1 
ATOM   1003 O  O     . PRO A 1 117 ? 0.91074   -11.22245 6.03446   1.000 11.88000 ? 117 PRO A O     1 
ATOM   1004 C  CB    . PRO A 1 117 ? -1.91683  -12.71544 6.23667   1.000 12.02000 ? 117 PRO A CB    1 
ATOM   1005 C  CG    . PRO A 1 117 ? -3.02856  -12.82252 5.20930   1.000 13.33000 ? 117 PRO A CG    1 
ATOM   1006 C  CD    . PRO A 1 117 ? -3.68358  -11.47280 5.19174   1.000 13.44000 ? 117 PRO A CD    1 
ATOM   1007 N  N     . ALA A 1 118 ? -0.22411  -10.79086 4.12908   1.000 9.69000  ? 118 ALA A N     1 
ATOM   1008 C  CA    . ALA A 1 118 ? 0.98788   -10.54440 3.36204   1.000 10.39000 ? 118 ALA A CA    1 
ATOM   1009 C  C     . ALA A 1 118 ? 1.78393   -9.38176  3.92987   1.000 12.53000 ? 118 ALA A C     1 
ATOM   1010 O  O     . ALA A 1 118 ? 3.00189   -9.31629  3.73967   1.000 13.84000 ? 118 ALA A O     1 
ATOM   1011 C  CB    . ALA A 1 118 ? 0.62294   -10.26593 1.90715   1.000 14.43000 ? 118 ALA A CB    1 
ATOM   1012 N  N     . ASN A 1 119 ? 1.11865   -8.44024  4.60513   1.000 9.52000  ? 119 ASN A N     1 
ATOM   1013 C  CA    . ASN A 1 119 ? 1.81074   -7.25730  5.09570   1.000 7.65000  ? 119 ASN A CA    1 
ATOM   1014 C  C     . ASN A 1 119 ? 2.56435   -7.48013  6.39884   1.000 13.38000 ? 119 ASN A C     1 
ATOM   1015 O  O     . ASN A 1 119 ? 3.26073   -6.56224  6.85105   1.000 10.86000 ? 119 ASN A O     1 
ATOM   1016 C  CB    . ASN A 1 119 ? 0.81766   -6.10540  5.29352   1.000 5.87000  ? 119 ASN A CB    1 
ATOM   1017 C  CG    . ASN A 1 119 ? 0.23502   -5.61471  4.00275   1.000 8.87000  ? 119 ASN A CG    1 
ATOM   1018 O  OD1   . ASN A 1 119 ? 0.17075   -6.34812  3.02618   1.000 11.48000 ? 119 ASN A OD1   1 
ATOM   1019 N  ND2   . ASN A 1 119 ? -0.21323  -4.36194  3.99207   1.000 7.03000  ? 119 ASN A ND2   1 
ATOM   1020 N  N     . GLU A 1 120 ? 2.45051   -8.65562  7.01577   1.000 11.71000 ? 120 GLU A N     1 
ATOM   1021 C  CA    . GLU A 1 120 ? 2.99573   -8.84008  8.36039   1.000 13.74000 ? 120 GLU A CA    1 
ATOM   1022 C  C     . GLU A 1 120 ? 4.47421   -8.47844  8.46761   1.000 12.46000 ? 120 GLU A C     1 
ATOM   1023 O  O     . GLU A 1 120 ? 4.81648   -7.63935  9.31539   1.000 12.85000 ? 120 GLU A O     1 
ATOM   1024 C  CB    . GLU A 1 120 ? 2.71709   -10.28250 8.81128   1.000 14.75000 ? 120 GLU A CB    1 
ATOM   1025 C  CG    . GLU A 1 120 ? 1.23883   -10.57004 9.07719   1.000 23.28000 ? 120 GLU A CG    1 
ATOM   1026 C  CD    . GLU A 1 120 ? 0.90620   -10.58154 10.56208  1.000 48.20000 ? 120 GLU A CD    1 
ATOM   1027 O  OE1   . GLU A 1 120 ? 1.85543   -10.54396 11.38133  1.000 45.89000 ? 120 GLU A OE1   1 
ATOM   1028 O  OE2   . GLU A 1 120 ? -0.30155  -10.62483 10.90313  1.000 32.32000 ? 120 GLU A OE2   1 
ATOM   1029 N  N     . PRO A 1 121 ? 5.37933   -9.00869  7.63664   1.000 12.78000 ? 121 PRO A N     1 
ATOM   1030 C  CA    . PRO A 1 121 ? 6.79947   -8.64227  7.79887   1.000 19.76000 ? 121 PRO A CA    1 
ATOM   1031 C  C     . PRO A 1 121 ? 7.08309   -7.17909  7.51605   1.000 18.33000 ? 121 PRO A C     1 
ATOM   1032 O  O     . PRO A 1 121 ? 8.01713   -6.61597  8.10288   1.000 14.30000 ? 121 PRO A O     1 
ATOM   1033 C  CB    . PRO A 1 121 ? 7.52022   -9.55958  6.80132   1.000 17.83000 ? 121 PRO A CB    1 
ATOM   1034 C  CG    . PRO A 1 121 ? 6.48214   -9.93967  5.81292   1.000 18.01000 ? 121 PRO A CG    1 
ATOM   1035 C  CD    . PRO A 1 121 ? 5.17343   -9.95958  6.53335   1.000 11.42000 ? 121 PRO A CD    1 
ATOM   1036 N  N     . VAL A 1 122 ? 6.29924   -6.54664  6.64169   1.000 9.89000  ? 122 VAL A N     1 
ATOM   1037 C  CA    . VAL A 1 122 ? 6.49420   -5.12979  6.34402   1.000 10.03000 ? 122 VAL A CA    1 
ATOM   1038 C  C     . VAL A 1 122 ? 6.11962   -4.26651  7.53778   1.000 12.43000 ? 122 VAL A C     1 
ATOM   1039 O  O     . VAL A 1 122 ? 6.83624   -3.31796  7.88444   1.000 14.44000 ? 122 VAL A O     1 
ATOM   1040 C  CB    . VAL A 1 122 ? 5.68559   -4.73712  5.09758   1.000 14.73000 ? 122 VAL A CB    1 
ATOM   1041 C  CG1   . VAL A 1 122 ? 5.72666   -3.22139  4.88987   1.000 18.04000 ? 122 VAL A CG1   1 
ATOM   1042 C  CG2   . VAL A 1 122 ? 6.23140   -5.45760  3.88255   1.000 16.19000 ? 122 VAL A CG2   1 
ATOM   1043 N  N     . ILE A 1 123 ? 4.97326   -4.55123  8.16102   1.000 12.92000 ? 123 ILE A N     1 
ATOM   1044 C  CA    . ILE A 1 123 ? 4.56606   -3.76788  9.32406   1.000 16.15000 ? 123 ILE A CA    1 
ATOM   1045 C  C     . ILE A 1 123 ? 5.59181   -3.91111  10.43654  1.000 14.66000 ? 123 ILE A C     1 
ATOM   1046 O  O     . ILE A 1 123 ? 5.98085   -2.92392  11.07021  1.000 15.42000 ? 123 ILE A O     1 
ATOM   1047 C  CB    . ILE A 1 123 ? 3.15175   -4.16723  9.77426   1.000 12.94000 ? 123 ILE A CB    1 
ATOM   1048 C  CG1   . ILE A 1 123 ? 2.13837   -3.64925  8.75028   1.000 19.44000 ? 123 ILE A CG1   1 
ATOM   1049 C  CG2   . ILE A 1 123 ? 2.82764   -3.58886  11.15244  1.000 12.34000 ? 123 ILE A CG2   1 
ATOM   1050 C  CD1   . ILE A 1 123 ? 0.80607   -4.30313  8.84721   1.000 21.94000 ? 123 ILE A CD1   1 
ATOM   1051 N  N     . ALA A 1 124 ? 6.09631   -5.12932  10.65048  1.000 14.55000 ? 124 ALA A N     1 
ATOM   1052 C  CA    . ALA A 1 124 ? 7.13730   -5.32718  11.65632  1.000 16.90000 ? 124 ALA A CA    1 
ATOM   1053 C  C     . ALA A 1 124 ? 8.38609   -4.51852  11.32450  1.000 15.82000 ? 124 ALA A C     1 
ATOM   1054 O  O     . ALA A 1 124 ? 8.96053   -3.84602  12.19080  1.000 15.92000 ? 124 ALA A O     1 
ATOM   1055 C  CB    . ALA A 1 124 ? 7.47568   -6.81324  11.77163  1.000 15.89000 ? 124 ALA A CB    1 
ATOM   1056 N  N     . LYS A 1 125 ? 8.82193   -4.57338  10.06929  1.000 16.73000 ? 125 LYS A N     1 
ATOM   1057 C  CA    . LYS A 1 125 ? 10.04354  -3.87865  9.68413   1.000 18.44000 ? 125 LYS A CA    1 
ATOM   1058 C  C     . LYS A 1 125 ? 9.86734   -2.36832  9.79276   1.000 23.19000 ? 125 LYS A C     1 
ATOM   1059 O  O     . LYS A 1 125 ? 10.80543  -1.65519  10.17295  1.000 20.53000 ? 125 LYS A O     1 
ATOM   1060 C  CB    . LYS A 1 125 ? 10.44831  -4.29634  8.26779   1.000 19.55000 ? 125 LYS A CB    1 
ATOM   1061 C  CG    . LYS A 1 125 ? 11.67602  -3.59008  7.71634   1.000 35.95000 ? 125 LYS A CG    1 
ATOM   1062 C  CD    . LYS A 1 125 ? 11.96202  -4.02335  6.28612   1.000 41.55000 ? 125 LYS A CD    1 
ATOM   1063 C  CE    . LYS A 1 125 ? 13.08209  -3.20034  5.66446   1.000 43.16000 ? 125 LYS A CE    1 
ATOM   1064 N  NZ    . LYS A 1 125 ? 13.44263  -3.71487  4.31642   1.000 35.17000 ? 125 LYS A NZ    1 
ATOM   1065 N  N     . LEU A 1 126 ? 8.66287   -1.86587  9.48581   1.000 17.65000 ? 126 LEU A N     1 
ATOM   1066 C  CA    . LEU A 1 126 ? 8.39002   -0.43847  9.62838   1.000 20.33000 ? 126 LEU A CA    1 
ATOM   1067 C  C     . LEU A 1 126 ? 8.54711   0.00951   11.07286  1.000 23.12000 ? 126 LEU A C     1 
ATOM   1068 O  O     . LEU A 1 126 ? 9.13039   1.06571   11.34557  1.000 27.25000 ? 126 LEU A O     1 
ATOM   1069 C  CB    . LEU A 1 126 ? 6.98011   -0.11062  9.13948   1.000 20.12000 ? 126 LEU A CB    1 
ATOM   1070 C  CG    . LEU A 1 126 ? 6.74732   0.10474   7.64450   1.000 22.98000 ? 126 LEU A CG    1 
ATOM   1071 C  CD1   . LEU A 1 126 ? 5.25982   0.28535   7.36995   1.000 21.42000 ? 126 LEU A CD1   1 
ATOM   1072 C  CD2   . LEU A 1 126 ? 7.54159   1.30554   7.15342   1.000 18.98000 ? 126 LEU A CD2   1 
ATOM   1073 N  N     . LYS A 1 127 ? 8.02199   -0.77572  12.01293  1.000 21.46000 ? 127 LYS A N     1 
ATOM   1074 C  CA    . LYS A 1 127 ? 8.11992   -0.42424  13.42651  1.000 30.35000 ? 127 LYS A CA    1 
ATOM   1075 C  C     . LYS A 1 127 ? 9.54606   -0.46665  13.94740  1.000 33.69000 ? 127 LYS A C     1 
ATOM   1076 O  O     . LYS A 1 127 ? 9.80710   0.05501   15.03619  1.000 38.53000 ? 127 LYS A O     1 
ATOM   1077 C  CB    . LYS A 1 127 ? 7.24757   -1.35868  14.25607  1.000 22.51000 ? 127 LYS A CB    1 
ATOM   1078 C  CG    . LYS A 1 127 ? 5.77490   -1.18179  14.03919  1.000 22.31000 ? 127 LYS A CG    1 
ATOM   1079 C  CD    . LYS A 1 127 ? 5.04748   -2.13703  14.93654  1.000 23.14000 ? 127 LYS A CD    1 
ATOM   1080 C  CE    . LYS A 1 127 ? 3.56457   -1.91184  14.93763  1.000 24.03000 ? 127 LYS A CE    1 
ATOM   1081 N  NZ    . LYS A 1 127 ? 2.95096   -2.80315  15.96663  1.000 24.01000 ? 127 LYS A NZ    1 
ATOM   1082 N  N     . ARG A 1 128 ? 10.46399  -1.07892  13.20395  1.000 29.76000 ? 128 ARG A N     1 
ATOM   1083 C  CA    . ARG A 1 128 ? 11.86579  -1.15964  13.59026  1.000 40.08000 ? 128 ARG A CA    1 
ATOM   1084 C  C     . ARG A 1 128 ? 12.66405  0.07617   13.18508  1.000 46.66000 ? 128 ARG A C     1 
ATOM   1085 O  O     . ARG A 1 128 ? 13.75130  0.29938   13.72819  1.000 58.97000 ? 128 ARG A O     1 
ATOM   1086 C  CB    . ARG A 1 128 ? 12.47985  -2.41944  12.97094  1.000 41.85000 ? 128 ARG A CB    1 
ATOM   1087 C  CG    . ARG A 1 128 ? 13.93131  -2.68820  13.31062  1.000 66.04000 ? 128 ARG A CG    1 
ATOM   1088 C  CD    . ARG A 1 128 ? 14.53389  -3.63753  12.29263  1.000 80.37000 ? 128 ARG A CD    1 
ATOM   1089 N  NE    . ARG A 1 128 ? 15.98842  -3.53413  12.23640  1.000 80.95000 ? 128 ARG A NE    1 
ATOM   1090 C  CZ    . ARG A 1 128 ? 16.72729  -4.03548  11.25357  1.000 85.00000 ? 128 ARG A CZ    1 
ATOM   1091 N  NH1   . ARG A 1 128 ? 16.14355  -4.66974  10.24480  1.000 82.56000 ? 128 ARG A NH1   1 
ATOM   1092 N  NH2   . ARG A 1 128 ? 18.04719  -3.89854  11.27721  1.000 90.52000 ? 128 ARG A NH2   1 
ATOM   1093 N  N     . LEU A 1 129 ? 12.14430  0.88623   12.26381  1.000 40.82000 ? 129 LEU A N     1 
ATOM   1094 C  CA    . LEU A 1 129 ? 12.82880  2.09075   11.78553  1.000 47.61000 ? 129 LEU A CA    1 
ATOM   1095 C  C     . LEU A 1 129 ? 13.26201  3.01527   12.92301  1.000 45.90000 ? 129 LEU A C     1 
ATOM   1096 O  O     . LEU A 1 129 ? 12.50378  3.87859   13.35716  1.000 46.61000 ? 129 LEU A O     1 
ATOM   1097 C  CB    . LEU A 1 129 ? 11.92598  2.86325   10.81654  1.000 45.54000 ? 129 LEU A CB    1 
ATOM   1098 C  CG    . LEU A 1 129 ? 11.60533  2.16570   9.49269   1.000 43.14000 ? 129 LEU A CG    1 
ATOM   1099 C  CD1   . LEU A 1 129 ? 10.62455  2.98395   8.66658   1.000 35.47000 ? 129 LEU A CD1   1 
ATOM   1100 C  CD2   . LEU A 1 129 ? 12.88036  1.90362   8.71441   1.000 40.40000 ? 129 LEU A CD2   1 
HETATM 1101 C  C1    . GLC B 2 .   ? 15.47753  6.55730   -7.73475  1.000 33.88000 ? 1   GLC C C1    1 
HETATM 1102 C  C2    . GLC B 2 .   ? 15.24977  8.01586   -8.12672  1.000 30.74000 ? 1   GLC C C2    1 
HETATM 1103 C  C3    . GLC B 2 .   ? 14.06710  8.58316   -7.35341  1.000 29.19000 ? 1   GLC C C3    1 
HETATM 1104 C  C4    . GLC B 2 .   ? 12.83039  7.74589   -7.64627  1.000 25.65000 ? 1   GLC C C4    1 
HETATM 1105 C  C5    . GLC B 2 .   ? 13.11243  6.28547   -7.29764  1.000 32.31000 ? 1   GLC C C5    1 
HETATM 1106 C  C6    . GLC B 2 .   ? 11.93885  5.42784   -7.75474  1.000 25.60000 ? 1   GLC C C6    1 
HETATM 1107 O  O2    . GLC B 2 .   ? 16.40826  8.77277   -7.83555  1.000 26.59000 ? 1   GLC C O2    1 
HETATM 1108 O  O3    . GLC B 2 .   ? 13.85794  9.93438   -7.71092  1.000 22.14000 ? 1   GLC C O3    1 
HETATM 1109 O  O4    . GLC B 2 .   ? 11.72152  8.21198   -6.89414  1.000 20.70000 ? 1   GLC C O4    1 
HETATM 1110 O  O5    . GLC B 2 .   ? 14.28822  5.80924   -7.93811  1.000 29.11000 ? 1   GLC C O5    1 
HETATM 1111 O  O6    . GLC B 2 .   ? 11.63702  5.74804   -9.10246  1.000 29.87000 ? 1   GLC C O6    1 
HETATM 1112 C  C1    . FRU B 2 .   ? 18.24514  5.99203   -6.71416  1.000 25.27000 ? 2   FRU C C1    1 
HETATM 1113 C  C2    . FRU B 2 .   ? 16.91168  5.59440   -6.06882  1.000 38.34000 ? 2   FRU C C2    1 
HETATM 1114 C  C3    . FRU B 2 .   ? 16.98246  5.53113   -4.54748  1.000 41.88000 ? 2   FRU C C3    1 
HETATM 1115 C  C4    . FRU B 2 .   ? 15.93042  4.49878   -4.19879  1.000 34.34000 ? 2   FRU C C4    1 
HETATM 1116 C  C5    . FRU B 2 .   ? 15.89544  3.59923   -5.43049  1.000 43.45000 ? 2   FRU C C5    1 
HETATM 1117 C  C6    . FRU B 2 .   ? 14.47879  3.19758   -5.83326  1.000 26.24000 ? 2   FRU C C6    1 
HETATM 1118 O  O1    . FRU B 2 .   ? 19.29486  5.09912   -6.37864  1.000 25.76000 ? 2   FRU C O1    1 
HETATM 1119 O  O2    . FRU B 2 .   ? 15.88752  6.52581   -6.38186  1.000 34.89000 ? 2   FRU C O2    1 
HETATM 1120 O  O3    . FRU B 2 .   ? 16.66270  6.77245   -3.95831  1.000 34.24000 ? 2   FRU C O3    1 
HETATM 1121 O  O4    . FRU B 2 .   ? 16.29273  3.78744   -3.02914  1.000 31.20000 ? 2   FRU C O4    1 
HETATM 1122 O  O5    . FRU B 2 .   ? 16.51792  4.30375   -6.49729  1.000 33.64000 ? 2   FRU C O5    1 
HETATM 1123 O  O6    . FRU B 2 .   ? 14.57552  2.10098   -6.71432  1.000 34.68000 ? 2   FRU C O6    1 
HETATM 1124 S  S     . SO4 C 3 .   ? 10.87323  11.08179  -8.71628  0.630 20.02000 ? 201 SO4 A S     1 
HETATM 1125 O  O1    . SO4 C 3 .   ? 11.86097  10.63156  -9.69805  0.630 20.86000 ? 201 SO4 A O1    1 
HETATM 1126 O  O2    . SO4 C 3 .   ? 9.93605   12.03276  -9.31541  0.630 26.85000 ? 201 SO4 A O2    1 
HETATM 1127 O  O3    . SO4 C 3 .   ? 11.56773  11.74547  -7.62804  0.630 17.07000 ? 201 SO4 A O3    1 
HETATM 1128 O  O4    . SO4 C 3 .   ? 10.11449  9.91664   -8.25176  0.630 21.11000 ? 201 SO4 A O4    1 
HETATM 1129 P  PG    A 8DG D 4 .   ? -9.27604  -2.01336  -8.78843  0.700 36.71000 ? 202 8DG A PG    1 
HETATM 1130 O  O1G   A 8DG D 4 .   ? -8.96009  -0.56637  -8.50223  0.700 38.14000 ? 202 8DG A O1G   1 
HETATM 1131 O  O2G   A 8DG D 4 .   ? -10.48142 -2.51730  -8.02834  0.700 32.19000 ? 202 8DG A O2G   1 
HETATM 1132 O  O3G   A 8DG D 4 .   ? -9.27983  -2.41102  -10.24384 0.700 31.53000 ? 202 8DG A O3G   1 
HETATM 1133 O  O3B   A 8DG D 4 .   ? -8.03395  -2.86404  -8.20891  0.700 21.24000 ? 202 8DG A O3B   1 
HETATM 1134 P  PB    A 8DG D 4 .   ? -6.59794  -2.25179  -7.78266  0.700 17.57000 ? 202 8DG A PB    1 
HETATM 1135 O  O1B   A 8DG D 4 .   ? -5.75425  -2.07800  -9.02086  0.700 16.32000 ? 202 8DG A O1B   1 
HETATM 1136 O  O2B   A 8DG D 4 .   ? -6.74318  -1.10168  -6.80401  0.700 18.06000 ? 202 8DG A O2B   1 
HETATM 1137 O  O3A   A 8DG D 4 .   ? -5.99037  -3.54021  -7.03536  0.700 15.28000 ? 202 8DG A O3A   1 
HETATM 1138 P  PA    A 8DG D 4 .   ? -6.16124  -3.87760  -5.47524  0.700 14.50000 ? 202 8DG A PA    1 
HETATM 1139 O  O1A   A 8DG D 4 .   ? -5.65559  -2.72229  -4.62473  0.700 13.02000 ? 202 8DG A O1A   1 
HETATM 1140 O  O2A   A 8DG D 4 .   ? -7.52180  -4.45784  -5.20456  0.700 14.89000 ? 202 8DG A O2A   1 
HETATM 1141 O  "O5'" A 8DG D 4 .   ? -5.11750  -5.09746  -5.42865  0.700 13.00000 ? 202 8DG A "O5'" 1 
HETATM 1142 C  "C5'" A 8DG D 4 .   ? -4.37457  -5.33641  -4.24905  0.700 11.28000 ? 202 8DG A "C5'" 1 
HETATM 1143 C  "C4'" A 8DG D 4 .   ? -4.15718  -6.83305  -4.06572  0.700 8.94000  ? 202 8DG A "C4'" 1 
HETATM 1144 O  "O4'" A 8DG D 4 .   ? -3.03016  -7.00093  -3.21510  0.700 9.36000  ? 202 8DG A "O4'" 1 
HETATM 1145 C  "C3'" A 8DG D 4 .   ? -5.31220  -7.45956  -3.31299  0.700 10.17000 ? 202 8DG A "C3'" 1 
HETATM 1146 O  "O3'" A 8DG D 4 .   ? -5.27759  -8.88189  -3.51463  0.700 8.58000  ? 202 8DG A "O3'" 1 
HETATM 1147 C  "C2'" A 8DG D 4 .   ? -4.95813  -7.16711  -1.87192  0.700 8.75000  ? 202 8DG A "C2'" 1 
HETATM 1148 C  "C1'" A 8DG D 4 .   ? -3.44654  -7.37879  -1.90552  0.700 9.16000  ? 202 8DG A "C1'" 1 
HETATM 1149 N  N9    A 8DG D 4 .   ? -2.77949  -6.57126  -0.86154  0.700 8.21000  ? 202 8DG A N9    1 
HETATM 1150 C  C8    A 8DG D 4 .   ? -2.07854  -7.01155  0.21146   0.700 7.39000  ? 202 8DG A C8    1 
HETATM 1151 N  N7    A 8DG D 4 .   ? -1.57277  -6.03525  0.98859   0.700 7.95000  ? 202 8DG A N7    1 
HETATM 1152 C  C5    A 8DG D 4 .   ? -1.98804  -4.86072  0.35572   0.700 6.83000  ? 202 8DG A C5    1 
HETATM 1153 C  C6    A 8DG D 4 .   ? -1.81090  -3.49873  0.64134   0.700 8.25000  ? 202 8DG A C6    1 
HETATM 1154 O  O6    A 8DG D 4 .   ? -1.17958  -3.10058  1.62641   0.700 9.98000  ? 202 8DG A O6    1 
HETATM 1155 N  N1    A 8DG D 4 .   ? -2.36936  -2.56022  -0.22645  0.700 6.64000  ? 202 8DG A N1    1 
HETATM 1156 C  C2    A 8DG D 4 .   ? -3.08174  -2.96883  -1.35126  0.700 6.91000  ? 202 8DG A C2    1 
HETATM 1157 N  N2    A 8DG D 4 .   ? -3.61048  -2.05411  -2.19164  0.700 8.88000  ? 202 8DG A N2    1 
HETATM 1158 N  N3    A 8DG D 4 .   ? -3.25056  -4.27479  -1.60494  0.700 8.82000  ? 202 8DG A N3    1 
HETATM 1159 C  C4    A 8DG D 4 .   ? -2.71650  -5.21142  -0.78715  0.700 7.07000  ? 202 8DG A C4    1 
HETATM 1160 O  O8    A 8DG D 4 .   ? -1.93259  -8.21732  0.43681   0.700 9.09000  ? 202 8DG A O8    1 
HETATM 1161 O  OP3   B 8OG E 5 .   ? -7.63121  -4.55084  -4.99037  0.300 14.75000 ? 203 8OG A OP3   1 
HETATM 1162 P  P     B 8OG E 5 .   ? -6.34359  -3.97408  -5.52176  0.300 14.02000 ? 203 8OG A P     1 
HETATM 1163 O  OP1   B 8OG E 5 .   ? -6.38708  -3.55178  -6.96727  0.300 16.05000 ? 203 8OG A OP1   1 
HETATM 1164 O  OP2   B 8OG E 5 .   ? -5.69950  -2.97175  -4.58634  0.300 13.56000 ? 203 8OG A OP2   1 
HETATM 1165 O  "O5'" B 8OG E 5 .   ? -5.34220  -5.23459  -5.53458  0.300 12.81000 ? 203 8OG A "O5'" 1 
HETATM 1166 C  "C5'" B 8OG E 5 .   ? -4.36094  -5.33019  -4.51023  0.300 11.51000 ? 203 8OG A "C5'" 1 
HETATM 1167 C  "C4'" B 8OG E 5 .   ? -4.18396  -6.77036  -4.04833  0.300 9.04000  ? 203 8OG A "C4'" 1 
HETATM 1168 O  "O4'" B 8OG E 5 .   ? -3.04611  -6.80059  -3.19472  0.300 9.06000  ? 203 8OG A "O4'" 1 
HETATM 1169 C  "C3'" B 8OG E 5 .   ? -5.37362  -7.25971  -3.23859  0.300 10.08000 ? 203 8OG A "C3'" 1 
HETATM 1170 O  "O3'" B 8OG E 5 .   ? -5.77972  -8.53389  -3.74669  0.300 11.60000 ? 203 8OG A "O3'" 1 
HETATM 1171 C  "C2'" B 8OG E 5 .   ? -4.86832  -7.41700  -1.81545  0.300 9.38000  ? 203 8OG A "C2'" 1 
HETATM 1172 C  "C1'" B 8OG E 5 .   ? -3.35008  -7.40559  -1.94436  0.300 9.16000  ? 203 8OG A "C1'" 1 
HETATM 1173 N  N9    B 8OG E 5 .   ? -2.75954  -6.57626  -0.86964  0.300 8.23000  ? 203 8OG A N9    1 
HETATM 1174 C  C8    B 8OG E 5 .   ? -2.11668  -6.97948  0.21644   0.300 7.45000  ? 203 8OG A C8    1 
HETATM 1175 N  N7    B 8OG E 5 .   ? -1.67469  -5.98620  1.00815   0.300 8.06000  ? 203 8OG A N7    1 
HETATM 1176 C  C5    B 8OG E 5 .   ? -2.06862  -4.85968  0.35790   0.300 6.91000  ? 203 8OG A C5    1 
HETATM 1177 C  C6    B 8OG E 5 .   ? -1.93382  -3.50236  0.63247   0.300 8.19000  ? 203 8OG A C6    1 
HETATM 1178 O  O6    B 8OG E 5 .   ? -1.34734  -3.10724  1.66719   0.300 9.51000  ? 203 8OG A O6    1 
HETATM 1179 N  N1    B 8OG E 5 .   ? -2.43756  -2.60351  -0.22107  0.300 6.71000  ? 203 8OG A N1    1 
HETATM 1180 C  C2    B 8OG E 5 .   ? -3.06978  -2.98472  -1.33679  0.300 7.00000  ? 203 8OG A C2    1 
HETATM 1181 N  N2    B 8OG E 5 .   ? -3.56312  -2.04532  -2.18064  0.300 8.88000  ? 203 8OG A N2    1 
HETATM 1182 N  N3    B 8OG E 5 .   ? -3.22608  -4.29103  -1.63901  0.300 8.80000  ? 203 8OG A N3    1 
HETATM 1183 C  C4    B 8OG E 5 .   ? -2.72962  -5.24104  -0.81140  0.300 7.16000  ? 203 8OG A C4    1 
HETATM 1184 O  O8    B 8OG E 5 .   ? -1.94373  -8.22648  0.48400   0.300 9.09000  ? 203 8OG A O8    1 
HETATM 1185 MN MN    . MN  F 6 .   ? -6.11501  -0.65295  -4.78894  0.800 11.50000 ? 204 MN  A MN    1 
HETATM 1186 MN MN    A MN  G 6 .   ? -5.70765  -0.43098  -10.51127 0.400 19.04000 ? 205 MN  A MN    1 
HETATM 1187 MN MN    A MN  H 6 .   ? -6.51578  1.05906   -7.66919  0.400 28.30000 ? 206 MN  A MN    1 
HETATM 1188 NA NA    B NA  I 7 .   ? -6.50256  0.95024   -8.00567  0.600 31.22000 ? 207 NA  A NA    1 
HETATM 1189 O  O     . HOH J 8 .   ? -9.07747  -7.66338  10.23587  1.000 40.59000 ? 301 HOH A O     1 
HETATM 1190 O  O     . HOH J 8 .   ? 0.67430   14.67993  13.40626  1.000 32.66000 ? 302 HOH A O     1 
HETATM 1191 O  O     . HOH J 8 .   ? -2.44756  -4.80316  -17.84607 1.000 27.31000 ? 303 HOH A O     1 
HETATM 1192 O  O     . HOH J 8 .   ? -4.23491  -1.26208  -12.19923 1.000 15.36000 ? 304 HOH A O     1 
HETATM 1193 O  O     . HOH J 8 .   ? -0.84617  1.95315   -16.90830 1.000 23.16000 ? 305 HOH A O     1 
HETATM 1194 O  O     . HOH J 8 .   ? 13.35975  13.44659  -7.27823  1.000 18.14000 ? 306 HOH A O     1 
HETATM 1195 O  O     . HOH J 8 .   ? -7.77404  -15.23055 -1.58253  1.000 16.04000 ? 307 HOH A O     1 
HETATM 1196 O  O     . HOH J 8 .   ? 7.62731   -12.38130 -8.94681  1.000 33.24000 ? 308 HOH A O     1 
HETATM 1197 O  O     . HOH J 8 .   ? -7.52641  -1.49864  -11.79814 1.000 33.46000 ? 309 HOH A O     1 
HETATM 1198 O  O     . HOH J 8 .   ? -7.60998  3.02611   -8.82362  1.000 22.76000 ? 310 HOH A O     1 
HETATM 1199 O  O     . HOH J 8 .   ? -9.77199  -3.13936  -5.17078  1.000 29.21000 ? 311 HOH A O     1 
HETATM 1200 O  O     . HOH J 8 .   ? -10.25229 5.60382   -9.76147  1.000 27.70000 ? 312 HOH A O     1 
HETATM 1201 O  O     . HOH J 8 .   ? -6.48213  -9.22400  -6.14797  1.000 18.00000 ? 313 HOH A O     1 
HETATM 1202 O  O     B HOH J 8 .   ? -5.71551  -0.68826  -10.34835 0.600 19.19000 ? 314 HOH A O     1 
HETATM 1203 O  O     . HOH J 8 .   ? -6.45048  3.60650   -1.17048  1.000 14.32000 ? 315 HOH A O     1 
HETATM 1204 O  O     . HOH J 8 .   ? -5.45597  3.84951   -14.93745 1.000 35.83000 ? 316 HOH A O     1 
HETATM 1205 O  O     . HOH J 8 .   ? 7.11600   10.53157  -9.25838  1.000 24.14000 ? 317 HOH A O     1 
HETATM 1206 O  O     . HOH J 8 .   ? 6.92078   1.76073   -18.82843 1.000 12.41000 ? 318 HOH A O     1 
HETATM 1207 O  O     . HOH J 8 .   ? -20.98238 -5.71552  -3.74039  1.000 43.05000 ? 319 HOH A O     1 
HETATM 1208 O  O     . HOH J 8 .   ? -8.95595  1.26852   -6.63336  1.000 21.71000 ? 320 HOH A O     1 
HETATM 1209 O  O     . HOH J 8 .   ? 9.40008   9.58225   -1.17119  1.000 14.82000 ? 321 HOH A O     1 
HETATM 1210 O  O     . HOH J 8 .   ? 0.87795   10.10743  15.94050  1.000 20.03000 ? 322 HOH A O     1 
HETATM 1211 O  O     . HOH J 8 .   ? 11.66736  -8.17768  -10.41122 1.000 13.31000 ? 323 HOH A O     1 
HETATM 1212 O  O     . HOH J 8 .   ? -2.31307  4.99822   16.69474  1.000 14.97000 ? 324 HOH A O     1 
HETATM 1213 O  O     . HOH J 8 .   ? 7.56212   12.53797  5.19862   1.000 20.82000 ? 325 HOH A O     1 
HETATM 1214 O  O     . HOH J 8 .   ? 4.56768   6.25658   15.57274  1.000 23.35000 ? 326 HOH A O     1 
HETATM 1215 O  O     . HOH J 8 .   ? -10.58220 10.75461  6.73706   1.000 16.24000 ? 327 HOH A O     1 
HETATM 1216 O  O     . HOH J 8 .   ? -3.48000  -20.98269 -2.29837  1.000 20.48000 ? 328 HOH A O     1 
HETATM 1217 O  O     . HOH J 8 .   ? 10.83324  7.70636   0.56174   1.000 26.16000 ? 329 HOH A O     1 
HETATM 1218 O  O     . HOH J 8 .   ? 14.05658  2.25069   -9.18127  1.000 16.77000 ? 330 HOH A O     1 
HETATM 1219 O  O     . HOH J 8 .   ? -12.56644 11.90674  -6.64771  1.000 32.65000 ? 331 HOH A O     1 
HETATM 1220 O  O     . HOH J 8 .   ? -1.68694  -2.01953  -20.19582 1.000 29.58000 ? 332 HOH A O     1 
HETATM 1221 O  O     . HOH J 8 .   ? -2.35906  16.46859  6.90426   1.000 18.22000 ? 333 HOH A O     1 
HETATM 1222 O  O     . HOH J 8 .   ? 13.12525  2.04222   1.75383   1.000 24.30000 ? 334 HOH A O     1 
HETATM 1223 O  O     . HOH J 8 .   ? -9.53963  8.21069   -8.85952  1.000 15.34000 ? 335 HOH A O     1 
HETATM 1224 O  O     . HOH J 8 .   ? -5.73179  -0.10497  -2.68701  1.000 13.82000 ? 336 HOH A O     1 
HETATM 1225 O  O     . HOH J 8 .   ? -4.15115  14.06541  4.48090   1.000 8.50000  ? 337 HOH A O     1 
HETATM 1226 O  O     . HOH J 8 .   ? -6.37818  1.39563   -11.74459 1.000 19.05000 ? 338 HOH A O     1 
HETATM 1227 O  O     . HOH J 8 .   ? 10.14359  -8.19745  8.68112   1.000 29.75000 ? 339 HOH A O     1 
HETATM 1228 O  O     . HOH J 8 .   ? 0.67196   8.59016   -13.74107 1.000 16.07000 ? 340 HOH A O     1 
HETATM 1229 O  O     . HOH J 8 .   ? 14.18227  8.20337   -0.99702  1.000 34.73000 ? 341 HOH A O     1 
HETATM 1230 O  O     . HOH J 8 .   ? -0.91043  -7.25219  16.73053  1.000 33.90000 ? 342 HOH A O     1 
HETATM 1231 O  O     . HOH J 8 .   ? 3.70539   1.33073   -22.15929 1.000 13.38000 ? 343 HOH A O     1 
HETATM 1232 O  O     . HOH J 8 .   ? 8.18444   -9.67484  -9.69600  1.000 22.63000 ? 344 HOH A O     1 
HETATM 1233 O  O     . HOH J 8 .   ? 12.93115  -6.95191  -0.58876  1.000 34.31000 ? 345 HOH A O     1 
HETATM 1234 O  O     . HOH J 8 .   ? -0.40090  -7.90919  8.13968   1.000 12.80000 ? 346 HOH A O     1 
HETATM 1235 O  O     . HOH J 8 .   ? 0.55551   4.23840   3.23975   1.000 8.31000  ? 347 HOH A O     1 
HETATM 1236 O  O     . HOH J 8 .   ? -6.02358  -1.79184  15.84174  1.000 37.40000 ? 348 HOH A O     1 
HETATM 1237 O  O     . HOH J 8 .   ? 4.00313   -8.24349  11.88743  1.000 23.64000 ? 349 HOH A O     1 
HETATM 1238 O  O     . HOH J 8 .   ? -10.91678 -9.87943  4.65589   1.000 20.11000 ? 350 HOH A O     1 
HETATM 1239 O  O     . HOH J 8 .   ? 1.67498   4.44002   -15.81057 1.000 16.04000 ? 351 HOH A O     1 
HETATM 1240 O  O     . HOH J 8 .   ? -9.02503  0.23920   -1.96652  1.000 18.79000 ? 352 HOH A O     1 
HETATM 1241 O  O     . HOH J 8 .   ? -9.95320  2.75579   -3.10726  1.000 22.59000 ? 353 HOH A O     1 
HETATM 1242 O  O     . HOH J 8 .   ? -7.68799  -22.12287 -4.72094  1.000 17.01000 ? 354 HOH A O     1 
HETATM 1243 O  O     . HOH J 8 .   ? 2.81019   -12.75082 -8.35774  1.000 26.66000 ? 355 HOH A O     1 
HETATM 1244 O  O     . HOH J 8 .   ? 0.11017   -16.32170 6.56535   1.000 32.70000 ? 356 HOH A O     1 
HETATM 1245 O  O     . HOH J 8 .   ? 2.62292   17.45826  0.06805   1.000 24.90000 ? 357 HOH A O     1 
HETATM 1246 O  O     . HOH J 8 .   ? -9.07715  1.15637   -10.71642 1.000 41.99000 ? 358 HOH A O     1 
HETATM 1247 O  O     . HOH J 8 .   ? 10.12395  7.67669   -9.95416  1.000 30.87000 ? 359 HOH A O     1 
HETATM 1248 O  O     . HOH J 8 .   ? -12.22999 -16.49357 -6.73573  1.000 35.99000 ? 360 HOH A O     1 
HETATM 1249 O  O     . HOH J 8 .   ? -16.86024 4.02473   0.94846   1.000 34.31000 ? 361 HOH A O     1 
HETATM 1250 O  O     . HOH J 8 .   ? 11.94154  1.00846   -13.81887 1.000 13.31000 ? 362 HOH A O     1 
HETATM 1251 O  O     . HOH J 8 .   ? 3.34207   9.00659   15.59537  1.000 26.04000 ? 363 HOH A O     1 
HETATM 1252 O  O     . HOH J 8 .   ? 13.31722  6.47333   9.37878   1.000 41.05000 ? 364 HOH A O     1 
HETATM 1253 O  O     . HOH J 8 .   ? 2.57675   6.54665   -13.62006 1.000 13.14000 ? 365 HOH A O     1 
HETATM 1254 O  O     . HOH J 8 .   ? 5.70438   -13.27315 2.24915   1.000 24.42000 ? 366 HOH A O     1 
HETATM 1255 O  O     . HOH J 8 .   ? 11.22340  -10.57257 0.72002   1.000 31.98000 ? 367 HOH A O     1 
HETATM 1256 O  O     . HOH J 8 .   ? -3.66849  -0.98190  12.68957  1.000 14.10000 ? 368 HOH A O     1 
HETATM 1257 O  O     . HOH J 8 .   ? -10.82307 -7.05001  -5.06631  1.000 19.54000 ? 369 HOH A O     1 
HETATM 1258 O  O     . HOH J 8 .   ? 5.90676   18.53580  -1.76350  1.000 39.59000 ? 370 HOH A O     1 
HETATM 1259 O  O     . HOH J 8 .   ? -0.44130  -2.42951  17.57799  1.000 31.14000 ? 371 HOH A O     1 
HETATM 1260 O  O     . HOH J 8 .   ? -8.95194  -4.48699  9.80978   1.000 22.67000 ? 372 HOH A O     1 
HETATM 1261 O  O     . HOH J 8 .   ? -2.02366  3.50101   14.47542  1.000 11.30000 ? 373 HOH A O     1 
HETATM 1262 O  O     . HOH J 8 .   ? -8.24876  -7.08722  -6.16345  1.000 24.86000 ? 374 HOH A O     1 
HETATM 1263 O  O     . HOH J 8 .   ? 0.46035   0.78803   -18.95545 1.000 19.89000 ? 375 HOH A O     1 
HETATM 1264 O  O     . HOH J 8 .   ? 13.64834  -1.73815  9.69500   1.000 36.60000 ? 376 HOH A O     1 
HETATM 1265 O  O     . HOH J 8 .   ? -10.30138 9.03949   13.06311  1.000 35.21000 ? 377 HOH A O     1 
HETATM 1266 O  O     . HOH J 8 .   ? -3.89045  -16.45937 3.69685   1.000 27.45000 ? 378 HOH A O     1 
HETATM 1267 O  O     . HOH J 8 .   ? -3.00416  -10.25859 9.02152   1.000 22.52000 ? 379 HOH A O     1 
HETATM 1268 O  O     . HOH J 8 .   ? -0.99215  13.85791  15.45989  1.000 33.42000 ? 380 HOH A O     1 
HETATM 1269 O  O     . HOH J 8 .   ? -11.39539 -1.37971  -1.79181  1.000 23.85000 ? 381 HOH A O     1 
HETATM 1270 O  O     . HOH J 8 .   ? -3.37747  -18.96137 1.75954   1.000 25.89000 ? 382 HOH A O     1 
HETATM 1271 O  O     . HOH J 8 .   ? 0.40989   -18.64174 2.28268   1.000 25.03000 ? 383 HOH A O     1 
HETATM 1272 O  O     . HOH J 8 .   ? 15.24732  0.67262   0.60425   1.000 35.83000 ? 384 HOH A O     1 
HETATM 1273 O  O     . HOH J 8 .   ? -1.28525  14.23636  -7.94009  1.000 28.66000 ? 385 HOH A O     1 
HETATM 1274 O  O     . HOH J 8 .   ? 4.30445   -11.91236 3.71063   1.000 17.02000 ? 386 HOH A O     1 
HETATM 1275 O  O     . HOH J 8 .   ? -8.44046  -1.12226  12.97900  1.000 26.38000 ? 387 HOH A O     1 
HETATM 1276 O  O     . HOH J 8 .   ? 8.58435   -13.49767 -0.57469  1.000 22.16000 ? 388 HOH A O     1 
HETATM 1277 O  O     . HOH J 8 .   ? -15.26397 6.92780   3.07766   1.000 22.84000 ? 389 HOH A O     1 
HETATM 1278 O  O     . HOH J 8 .   ? -17.21234 -8.99781  3.59111   1.000 16.23000 ? 390 HOH A O     1 
HETATM 1279 O  O     . HOH J 8 .   ? 2.74005   -17.28909 0.97612   1.000 17.49000 ? 391 HOH A O     1 
HETATM 1280 O  O     . HOH J 8 .   ? 2.25851   -5.99453  -15.55540 1.000 22.23000 ? 392 HOH A O     1 
HETATM 1281 O  O     . HOH J 8 .   ? 12.46887  10.94473  0.18570   1.000 33.16000 ? 393 HOH A O     1 
HETATM 1282 O  O     . HOH J 8 .   ? -11.55242 9.15566   3.60396   1.000 17.97000 ? 394 HOH A O     1 
HETATM 1283 O  O     . HOH J 8 .   ? -17.65254 -1.34747  0.91495   1.000 26.67000 ? 395 HOH A O     1 
HETATM 1284 O  O     . HOH J 8 .   ? 4.70357   15.46304  6.60191   1.000 28.89000 ? 396 HOH A O     1 
HETATM 1285 O  O     . HOH J 8 .   ? -14.03295 0.51285   3.02096   1.000 14.00000 ? 397 HOH A O     1 
HETATM 1286 O  O     . HOH J 8 .   ? 6.41682   16.13917  0.50550   1.000 28.24000 ? 398 HOH A O     1 
HETATM 1287 O  O     . HOH J 8 .   ? 0.08742   -7.57784  -12.52482 1.000 28.38000 ? 399 HOH A O     1 
HETATM 1288 O  O     . HOH J 8 .   ? 1.56142   -5.47952  14.63463  1.000 19.62000 ? 400 HOH A O     1 
HETATM 1289 O  O     . HOH J 8 .   ? 4.88897   -5.15560  -19.42441 1.000 16.14000 ? 401 HOH A O     1 
HETATM 1290 O  O     . HOH J 8 .   ? -14.35993 10.90292  -3.69233  1.000 27.07000 ? 402 HOH A O     1 
HETATM 1291 O  O     C HOH J 8 .   ? -6.38075  -0.91154  -6.85728  0.300 15.43000 ? 403 HOH A O     1 
HETATM 1292 O  O     . HOH J 8 .   ? -8.68443  4.04805   6.96965   1.000 18.13000 ? 404 HOH A O     1 
HETATM 1293 O  O     . HOH J 8 .   ? -8.28425  -0.75904  -4.17665  1.000 14.69000 ? 405 HOH A O     1 
HETATM 1294 O  O     . HOH J 8 .   ? -3.03756  -14.75973 -13.83875 1.000 40.56000 ? 406 HOH A O     1 
HETATM 1295 O  O     . HOH J 8 .   ? 0.25780   15.66557  3.14670   1.000 24.48000 ? 407 HOH A O     1 
HETATM 1296 O  O     . HOH J 8 .   ? -10.37556 2.73806   8.74406   1.000 19.70000 ? 408 HOH A O     1 
HETATM 1297 O  O     . HOH J 8 .   ? -10.64694 -12.19404 0.58401   1.000 18.78000 ? 409 HOH A O     1 
HETATM 1298 O  O     . HOH J 8 .   ? 0.05065   -21.23021 1.29290   1.000 37.78000 ? 410 HOH A O     1 
HETATM 1299 O  O     . HOH J 8 .   ? 8.23909   7.40693   -15.75336 1.000 37.29000 ? 411 HOH A O     1 
HETATM 1300 O  O     . HOH J 8 .   ? 13.64163  19.90195  1.09369   1.000 30.52000 ? 412 HOH A O     1 
HETATM 1301 O  O     . HOH J 8 .   ? 7.76959   6.65531   -11.34431 1.000 16.67000 ? 413 HOH A O     1 
HETATM 1302 O  O     . HOH J 8 .   ? -10.54905 6.52199   7.93323   1.000 27.92000 ? 414 HOH A O     1 
HETATM 1303 O  O     . HOH J 8 .   ? -1.79672  16.34705  -6.17250  1.000 28.75000 ? 415 HOH A O     1 
HETATM 1304 O  O     . HOH J 8 .   ? 15.37291  1.25395   -2.37908  1.000 33.77000 ? 416 HOH A O     1 
HETATM 1305 O  O     . HOH J 8 .   ? -3.74827  1.29395   18.13200  1.000 30.75000 ? 417 HOH A O     1 
HETATM 1306 O  O     . HOH J 8 .   ? 4.19014   3.62748   -19.70000 1.000 20.49000 ? 418 HOH A O     1 
HETATM 1307 O  O     . HOH J 8 .   ? -6.64907  -11.35141 11.02379  1.000 35.04000 ? 419 HOH A O     1 
HETATM 1308 O  O     . HOH J 8 .   ? 2.60672   -13.67683 12.09551  1.000 36.42000 ? 420 HOH A O     1 
HETATM 1309 O  O     . HOH J 8 .   ? -16.13513 9.17869   -4.42125  1.000 28.20000 ? 421 HOH A O     1 
HETATM 1310 O  O     . HOH J 8 .   ? -3.83523  1.56387   13.65298  1.000 27.12000 ? 422 HOH A O     1 
HETATM 1311 O  O     . HOH J 8 .   ? 4.41665   7.30435   -17.48269 1.000 33.83000 ? 423 HOH A O     1 
HETATM 1312 O  O     . HOH J 8 .   ? -11.36402 -11.54358 2.75198   1.000 31.50000 ? 424 HOH A O     1 
HETATM 1313 O  O     . HOH J 8 .   ? 3.26770   4.92341   -17.72416 1.000 25.43000 ? 425 HOH A O     1 
HETATM 1314 O  O     . HOH J 8 .   ? -14.31340 9.39095   2.75286   1.000 29.54000 ? 426 HOH A O     1 
HETATM 1315 O  O     . HOH J 8 .   ? -12.17223 -9.85933  7.28434   1.000 26.43000 ? 427 HOH A O     1 
HETATM 1316 O  O     . HOH J 8 .   ? 2.66302   20.10739  -2.35409  1.000 34.95000 ? 428 HOH A O     1 
HETATM 1317 O  O     . HOH J 8 .   ? 3.86240   -19.94639 0.35411   1.000 41.22000 ? 429 HOH A O     1 
HETATM 1318 O  O     . HOH J 8 .   ? -11.44341 -9.24461  -6.61774  1.000 46.57000 ? 430 HOH A O     1 
HETATM 1319 O  O     D HOH J 8 .   ? -5.41007  -2.68222  -8.91065  0.300 12.17000 ? 431 HOH A O     1 
HETATM 1320 O  O     . HOH J 8 .   ? 3.19689   17.07411  2.81264   1.000 42.56000 ? 432 HOH A O     1 
HETATM 1321 O  O     . HOH J 8 .   ? -3.99898  -21.22046 0.73469   1.000 24.62000 ? 433 HOH A O     1 
HETATM 1322 O  O     . HOH J 8 .   ? -9.69128  -14.94946 0.42801   1.000 20.10000 ? 434 HOH A O     1 
HETATM 1323 O  O     . HOH J 8 .   ? -12.27390 -12.42989 -1.89744  1.000 30.49000 ? 435 HOH A O     1 
HETATM 1324 O  O     . HOH J 8 .   ? 4.23629   -16.08995 3.03559   1.000 35.74000 ? 436 HOH A O     1 
HETATM 1325 O  O     . HOH J 8 .   ? -9.16898  -11.86542 5.78455   1.000 31.29000 ? 437 HOH A O     1 
HETATM 1326 O  O     . HOH J 8 .   ? -12.14496 -2.16801  -4.12717  1.000 30.35000 ? 438 HOH A O     1 
HETATM 1327 O  O     . HOH J 8 .   ? 10.18903  12.65115  6.37165   1.000 35.96000 ? 439 HOH A O     1 
HETATM 1328 O  O     . HOH J 8 .   ? -1.17068  4.47550   -17.55915 1.000 20.71000 ? 440 HOH A O     1 
HETATM 1329 O  O     . HOH J 8 .   ? 9.59397   5.96134   -13.35557 1.000 28.76000 ? 441 HOH A O     1 
HETATM 1330 O  O     . HOH J 8 .   ? 1.56709   15.87688  5.82988   1.000 39.90000 ? 442 HOH A O     1 
HETATM 1331 O  O     . HOH J 8 .   ? 16.26413  -2.89688  -3.03799  1.000 40.74000 ? 443 HOH A O     1 
HETATM 1332 O  O     . HOH J 8 .   ? -15.30465 12.95132  -5.42797  1.000 35.55000 ? 444 HOH A O     1 
HETATM 1333 O  O     . HOH J 8 .   ? 4.59302   7.81304   -14.54574 1.000 27.48000 ? 445 HOH A O     1 
HETATM 1334 O  O     . HOH J 8 .   ? 14.07533  2.46400   4.21376   1.000 35.77000 ? 446 HOH A O     1 
HETATM 1335 O  O     . HOH J 8 .   ? -2.59373  6.38309   -16.28553 1.000 14.50000 ? 447 HOH A O     1 
HETATM 1336 O  O     . HOH J 8 .   ? 6.21928   8.17443   -12.86572 1.000 30.98000 ? 448 HOH A O     1 
HETATM 1337 O  O     . HOH J 8 .   ? -5.97665  -15.01190 3.67240   1.000 28.31000 ? 449 HOH A O     1 
HETATM 1338 O  O     . HOH J 8 .   ? -6.58179  -13.29048 5.84377   1.000 22.96000 ? 450 HOH A O     1 
HETATM 1339 O  O     . HOH J 8 .   ? -5.30143  -13.91697 8.12025   1.000 36.70000 ? 451 HOH A O     1 
# 
loop_
_pdbx_poly_seq_scheme.asym_id 
_pdbx_poly_seq_scheme.entity_id 
_pdbx_poly_seq_scheme.seq_id 
_pdbx_poly_seq_scheme.mon_id 
_pdbx_poly_seq_scheme.ndb_seq_num 
_pdbx_poly_seq_scheme.pdb_seq_num 
_pdbx_poly_seq_scheme.auth_seq_num 
_pdbx_poly_seq_scheme.pdb_mon_id 
_pdbx_poly_seq_scheme.auth_mon_id 
_pdbx_poly_seq_scheme.pdb_strand_id 
_pdbx_poly_seq_scheme.pdb_ins_code 
_pdbx_poly_seq_scheme.hetero 
A 1 1   MET 1   1   1   MET MET A . n 
A 1 2   LYS 2   2   2   LYS LYS A . n 
A 1 3   LYS 3   3   3   LYS LYS A . n 
A 1 4   LEU 4   4   4   LEU LEU A . n 
A 1 5   GLN 5   5   5   GLN GLN A . n 
A 1 6   ILE 6   6   6   ILE ILE A . n 
A 1 7   ALA 7   7   7   ALA ALA A . n 
A 1 8   VAL 8   8   8   VAL VAL A . n 
A 1 9   GLY 9   9   9   GLY GLY A . n 
A 1 10  ILE 10  10  10  ILE ILE A . n 
A 1 11  ILE 11  11  11  ILE ILE A . n 
A 1 12  ARG 12  12  12  ARG ARG A . n 
A 1 13  ASN 13  13  13  ASN ASN A . n 
A 1 14  GLU 14  14  14  GLU GLU A . n 
A 1 15  ASN 15  15  15  ASN ASN A . n 
A 1 16  ASN 16  16  16  ASN ASN A . n 
A 1 17  GLU 17  17  17  GLU GLU A . n 
A 1 18  ILE 18  18  18  ILE ILE A . n 
A 1 19  PHE 19  19  19  PHE PHE A . n 
A 1 20  ILE 20  20  20  ILE ILE A . n 
A 1 21  THR 21  21  21  THR THR A . n 
A 1 22  ARG 22  22  22  ARG ARG A . n 
A 1 23  ARG 23  23  23  ARG ARG A . n 
A 1 24  ALA 24  24  24  ALA ALA A . n 
A 1 25  ALA 25  25  25  ALA ALA A . n 
A 1 26  ASP 26  26  26  ASP ASP A . n 
A 1 27  ALA 27  27  27  ALA ALA A . n 
A 1 28  HIS 28  28  28  HIS HIS A . n 
A 1 29  MET 29  29  29  MET MET A . n 
A 1 30  ALA 30  30  30  ALA ALA A . n 
A 1 31  ASN 31  31  31  ASN ASN A . n 
A 1 32  LYS 32  32  32  LYS LYS A . n 
A 1 33  LEU 33  33  33  LEU LEU A . n 
A 1 34  GLU 34  34  34  GLU GLU A . n 
A 1 35  PHE 35  35  35  PHE PHE A . n 
A 1 36  PRO 36  36  36  PRO PRO A . n 
A 1 37  GLY 37  37  37  GLY GLY A . n 
A 1 38  GLY 38  38  38  GLY GLY A . n 
A 1 39  LYS 39  39  39  LYS LYS A . n 
A 1 40  ILE 40  40  40  ILE ILE A . n 
A 1 41  GLU 41  41  41  GLU GLU A . n 
A 1 42  MET 42  42  42  MET MET A . n 
A 1 43  GLY 43  43  43  GLY GLY A . n 
A 1 44  GLU 44  44  44  GLU GLU A . n 
A 1 45  THR 45  45  45  THR THR A . n 
A 1 46  PRO 46  46  46  PRO PRO A . n 
A 1 47  GLU 47  47  47  GLU GLU A . n 
A 1 48  GLN 48  48  48  GLN GLN A . n 
A 1 49  ALA 49  49  49  ALA ALA A . n 
A 1 50  VAL 50  50  50  VAL VAL A . n 
A 1 51  VAL 51  51  51  VAL VAL A . n 
A 1 52  ARG 52  52  52  ARG ARG A . n 
A 1 53  GLU 53  53  53  GLU GLU A . n 
A 1 54  LEU 54  54  54  LEU LEU A . n 
A 1 55  GLN 55  55  55  GLN GLN A . n 
A 1 56  GLU 56  56  56  GLU GLU A . n 
A 1 57  GLU 57  57  57  GLU GLU A . n 
A 1 58  VAL 58  58  58  VAL VAL A . n 
A 1 59  GLY 59  59  59  GLY GLY A . n 
A 1 60  ILE 60  60  60  ILE ILE A . n 
A 1 61  THR 61  61  61  THR THR A . n 
A 1 62  PRO 62  62  62  PRO PRO A . n 
A 1 63  GLN 63  63  63  GLN GLN A . n 
A 1 64  HIS 64  64  64  HIS HIS A . n 
A 1 65  PHE 65  65  65  PHE PHE A . n 
A 1 66  SER 66  66  66  SER SER A . n 
A 1 67  LEU 67  67  67  LEU LEU A . n 
A 1 68  PHE 68  68  68  PHE PHE A . n 
A 1 69  GLU 69  69  69  GLU GLU A . n 
A 1 70  LYS 70  70  70  LYS LYS A . n 
A 1 71  LEU 71  71  71  LEU LEU A . n 
A 1 72  GLU 72  72  72  GLU GLU A . n 
A 1 73  TYR 73  73  73  TYR TYR A . n 
A 1 74  GLU 74  74  74  GLU GLU A . n 
A 1 75  PHE 75  75  75  PHE PHE A . n 
A 1 76  PRO 76  76  76  PRO PRO A . n 
A 1 77  ASP 77  77  77  ASP ASP A . n 
A 1 78  ARG 78  78  78  ARG ARG A . n 
A 1 79  HIS 79  79  79  HIS HIS A . n 
A 1 80  ILE 80  80  80  ILE ILE A . n 
A 1 81  THR 81  81  81  THR THR A . n 
A 1 82  LEU 82  82  82  LEU LEU A . n 
A 1 83  TRP 83  83  83  TRP TRP A . n 
A 1 84  PHE 84  84  84  PHE PHE A . n 
A 1 85  TRP 85  85  85  TRP TRP A . n 
A 1 86  LEU 86  86  86  LEU LEU A . n 
A 1 87  VAL 87  87  87  VAL VAL A . n 
A 1 88  GLU 88  88  88  GLU GLU A . n 
A 1 89  ARG 89  89  89  ARG ARG A . n 
A 1 90  TRP 90  90  90  TRP TRP A . n 
A 1 91  GLU 91  91  91  GLU GLU A . n 
A 1 92  GLY 92  92  92  GLY GLY A . n 
A 1 93  GLU 93  93  93  GLU GLU A . n 
A 1 94  PRO 94  94  94  PRO PRO A . n 
A 1 95  TRP 95  95  95  TRP TRP A . n 
A 1 96  GLY 96  96  96  GLY GLY A . n 
A 1 97  LYS 97  97  97  LYS LYS A . n 
A 1 98  GLU 98  98  98  GLU GLU A . n 
A 1 99  GLY 99  99  99  GLY GLY A . n 
A 1 100 GLN 100 100 100 GLN GLN A . n 
A 1 101 PRO 101 101 101 PRO PRO A . n 
A 1 102 GLY 102 102 102 GLY GLY A . n 
A 1 103 GLU 103 103 103 GLU GLU A . n 
A 1 104 TRP 104 104 104 TRP TRP A . n 
A 1 105 MET 105 105 105 MET MET A . n 
A 1 106 SER 106 106 106 SER SER A . n 
A 1 107 LEU 107 107 107 LEU LEU A . n 
A 1 108 VAL 108 108 108 VAL VAL A . n 
A 1 109 GLY 109 109 109 GLY GLY A . n 
A 1 110 LEU 110 110 110 LEU LEU A . n 
A 1 111 ASN 111 111 111 ASN ASN A . n 
A 1 112 ALA 112 112 112 ALA ALA A . n 
A 1 113 ASP 113 113 113 ASP ASP A . n 
A 1 114 ASP 114 114 114 ASP ASP A . n 
A 1 115 PHE 115 115 115 PHE PHE A . n 
A 1 116 PRO 116 116 116 PRO PRO A . n 
A 1 117 PRO 117 117 117 PRO PRO A . n 
A 1 118 ALA 118 118 118 ALA ALA A . n 
A 1 119 ASN 119 119 119 ASN ASN A . n 
A 1 120 GLU 120 120 120 GLU GLU A . n 
A 1 121 PRO 121 121 121 PRO PRO A . n 
A 1 122 VAL 122 122 122 VAL VAL A . n 
A 1 123 ILE 123 123 123 ILE ILE A . n 
A 1 124 ALA 124 124 124 ALA ALA A . n 
A 1 125 LYS 125 125 125 LYS LYS A . n 
A 1 126 LEU 126 126 126 LEU LEU A . n 
A 1 127 LYS 127 127 127 LYS LYS A . n 
A 1 128 ARG 128 128 128 ARG ARG A . n 
A 1 129 LEU 129 129 129 LEU LEU A . n 
# 
_pdbx_contact_author.id                 2 
_pdbx_contact_author.email              tnaka@gpo.kumamoto-u.ac.jp 
_pdbx_contact_author.name_first         Teruya 
_pdbx_contact_author.name_last          Nakamura 
_pdbx_contact_author.name_mi            ? 
_pdbx_contact_author.role               'principal investigator/group leader' 
_pdbx_contact_author.identifier_ORCID   0000-0003-2013-3057 
# 
loop_
_pdbx_nonpoly_scheme.asym_id 
_pdbx_nonpoly_scheme.entity_id 
_pdbx_nonpoly_scheme.mon_id 
_pdbx_nonpoly_scheme.ndb_seq_num 
_pdbx_nonpoly_scheme.pdb_seq_num 
_pdbx_nonpoly_scheme.auth_seq_num 
_pdbx_nonpoly_scheme.pdb_mon_id 
_pdbx_nonpoly_scheme.auth_mon_id 
_pdbx_nonpoly_scheme.pdb_strand_id 
_pdbx_nonpoly_scheme.pdb_ins_code 
C 3 SO4 1   201 1   SO4 SO4 A . 
D 4 8DG 1   202 25  8DG 8GT A . 
E 5 8OG 1   203 26  8OG 8OG A . 
F 6 MN  1   204 1   MN  MN  A . 
G 6 MN  1   205 2   MN  MN  A . 
H 6 MN  1   206 4   MN  MN  A . 
I 7 NA  1   207 5   NA  NA  A . 
J 8 HOH 1   301 123 HOH HOH A . 
J 8 HOH 2   302 111 HOH HOH A . 
J 8 HOH 3   303 66  HOH HOH A . 
J 8 HOH 4   304 3   HOH HOH A . 
J 8 HOH 5   305 65  HOH HOH A . 
J 8 HOH 6   306 27  HOH HOH A . 
J 8 HOH 7   307 23  HOH HOH A . 
J 8 HOH 8   308 133 HOH HOH A . 
J 8 HOH 9   309 98  HOH HOH A . 
J 8 HOH 10  310 12  HOH HOH A . 
J 8 HOH 11  311 97  HOH HOH A . 
J 8 HOH 12  312 61  HOH HOH A . 
J 8 HOH 13  313 18  HOH HOH A . 
J 8 HOH 14  314 3   HOH HOH A . 
J 8 HOH 15  315 7   HOH HOH A . 
J 8 HOH 16  316 137 HOH HOH A . 
J 8 HOH 17  317 43  HOH HOH A . 
J 8 HOH 18  318 21  HOH HOH A . 
J 8 HOH 19  319 146 HOH HOH A . 
J 8 HOH 20  320 35  HOH HOH A . 
J 8 HOH 21  321 9   HOH HOH A . 
J 8 HOH 22  322 55  HOH HOH A . 
J 8 HOH 23  323 4   HOH HOH A . 
J 8 HOH 24  324 14  HOH HOH A . 
J 8 HOH 25  325 58  HOH HOH A . 
J 8 HOH 26  326 50  HOH HOH A . 
J 8 HOH 27  327 26  HOH HOH A . 
J 8 HOH 28  328 49  HOH HOH A . 
J 8 HOH 29  329 118 HOH HOH A . 
J 8 HOH 30  330 36  HOH HOH A . 
J 8 HOH 31  331 134 HOH HOH A . 
J 8 HOH 32  332 77  HOH HOH A . 
J 8 HOH 33  333 41  HOH HOH A . 
J 8 HOH 34  334 72  HOH HOH A . 
J 8 HOH 35  335 16  HOH HOH A . 
J 8 HOH 36  336 5   HOH HOH A . 
J 8 HOH 37  337 2   HOH HOH A . 
J 8 HOH 38  338 37  HOH HOH A . 
J 8 HOH 39  339 79  HOH HOH A . 
J 8 HOH 40  340 17  HOH HOH A . 
J 8 HOH 41  341 105 HOH HOH A . 
J 8 HOH 42  342 114 HOH HOH A . 
J 8 HOH 43  343 10  HOH HOH A . 
J 8 HOH 44  344 73  HOH HOH A . 
J 8 HOH 45  345 99  HOH HOH A . 
J 8 HOH 46  346 6   HOH HOH A . 
J 8 HOH 47  347 1   HOH HOH A . 
J 8 HOH 48  348 129 HOH HOH A . 
J 8 HOH 49  349 60  HOH HOH A . 
J 8 HOH 50  350 70  HOH HOH A . 
J 8 HOH 51  351 33  HOH HOH A . 
J 8 HOH 52  352 34  HOH HOH A . 
J 8 HOH 53  353 83  HOH HOH A . 
J 8 HOH 54  354 29  HOH HOH A . 
J 8 HOH 55  355 81  HOH HOH A . 
J 8 HOH 56  356 125 HOH HOH A . 
J 8 HOH 57  357 63  HOH HOH A . 
J 8 HOH 58  358 103 HOH HOH A . 
J 8 HOH 59  359 107 HOH HOH A . 
J 8 HOH 60  360 147 HOH HOH A . 
J 8 HOH 61  361 143 HOH HOH A . 
J 8 HOH 62  362 15  HOH HOH A . 
J 8 HOH 63  363 51  HOH HOH A . 
J 8 HOH 64  364 109 HOH HOH A . 
J 8 HOH 65  365 19  HOH HOH A . 
J 8 HOH 66  366 74  HOH HOH A . 
J 8 HOH 67  367 113 HOH HOH A . 
J 8 HOH 68  368 8   HOH HOH A . 
J 8 HOH 69  369 32  HOH HOH A . 
J 8 HOH 70  370 130 HOH HOH A . 
J 8 HOH 71  371 121 HOH HOH A . 
J 8 HOH 72  372 82  HOH HOH A . 
J 8 HOH 73  373 13  HOH HOH A . 
J 8 HOH 74  374 44  HOH HOH A . 
J 8 HOH 75  375 42  HOH HOH A . 
J 8 HOH 76  376 100 HOH HOH A . 
J 8 HOH 77  377 104 HOH HOH A . 
J 8 HOH 78  378 90  HOH HOH A . 
J 8 HOH 79  379 59  HOH HOH A . 
J 8 HOH 80  380 92  HOH HOH A . 
J 8 HOH 81  381 45  HOH HOH A . 
J 8 HOH 82  382 96  HOH HOH A . 
J 8 HOH 83  383 64  HOH HOH A . 
J 8 HOH 84  384 142 HOH HOH A . 
J 8 HOH 85  385 87  HOH HOH A . 
J 8 HOH 86  386 22  HOH HOH A . 
J 8 HOH 87  387 91  HOH HOH A . 
J 8 HOH 88  388 53  HOH HOH A . 
J 8 HOH 89  389 54  HOH HOH A . 
J 8 HOH 90  390 46  HOH HOH A . 
J 8 HOH 91  391 20  HOH HOH A . 
J 8 HOH 92  392 88  HOH HOH A . 
J 8 HOH 93  393 132 HOH HOH A . 
J 8 HOH 94  394 40  HOH HOH A . 
J 8 HOH 95  395 68  HOH HOH A . 
J 8 HOH 96  396 57  HOH HOH A . 
J 8 HOH 97  397 48  HOH HOH A . 
J 8 HOH 98  398 75  HOH HOH A . 
J 8 HOH 99  399 126 HOH HOH A . 
J 8 HOH 100 400 31  HOH HOH A . 
J 8 HOH 101 401 25  HOH HOH A . 
J 8 HOH 102 402 69  HOH HOH A . 
J 8 HOH 103 403 27  HOH HOH A . 
J 8 HOH 104 404 38  HOH HOH A . 
J 8 HOH 105 405 11  HOH HOH A . 
J 8 HOH 106 406 106 HOH HOH A . 
J 8 HOH 107 407 67  HOH HOH A . 
J 8 HOH 108 408 47  HOH HOH A . 
J 8 HOH 109 409 28  HOH HOH A . 
J 8 HOH 110 410 138 HOH HOH A . 
J 8 HOH 111 411 148 HOH HOH A . 
J 8 HOH 112 412 117 HOH HOH A . 
J 8 HOH 113 413 24  HOH HOH A . 
J 8 HOH 114 414 149 HOH HOH A . 
J 8 HOH 115 415 78  HOH HOH A . 
J 8 HOH 116 416 128 HOH HOH A . 
J 8 HOH 117 417 120 HOH HOH A . 
J 8 HOH 118 418 62  HOH HOH A . 
J 8 HOH 119 419 150 HOH HOH A . 
J 8 HOH 120 420 116 HOH HOH A . 
J 8 HOH 121 421 85  HOH HOH A . 
J 8 HOH 122 422 101 HOH HOH A . 
J 8 HOH 123 423 136 HOH HOH A . 
J 8 HOH 124 424 112 HOH HOH A . 
J 8 HOH 125 425 71  HOH HOH A . 
J 8 HOH 126 426 95  HOH HOH A . 
J 8 HOH 127 427 89  HOH HOH A . 
J 8 HOH 128 428 119 HOH HOH A . 
J 8 HOH 129 429 145 HOH HOH A . 
J 8 HOH 130 430 139 HOH HOH A . 
J 8 HOH 131 431 28  HOH HOH A . 
J 8 HOH 132 432 144 HOH HOH A . 
J 8 HOH 133 433 102 HOH HOH A . 
J 8 HOH 134 434 30  HOH HOH A . 
J 8 HOH 135 435 140 HOH HOH A . 
J 8 HOH 136 436 108 HOH HOH A . 
J 8 HOH 137 437 93  HOH HOH A . 
J 8 HOH 138 438 86  HOH HOH A . 
J 8 HOH 139 439 151 HOH HOH A . 
J 8 HOH 140 440 52  HOH HOH A . 
J 8 HOH 141 441 115 HOH HOH A . 
J 8 HOH 142 442 110 HOH HOH A . 
J 8 HOH 143 443 141 HOH HOH A . 
J 8 HOH 144 444 124 HOH HOH A . 
J 8 HOH 145 445 80  HOH HOH A . 
J 8 HOH 146 446 135 HOH HOH A . 
J 8 HOH 147 447 39  HOH HOH A . 
J 8 HOH 148 448 94  HOH HOH A . 
J 8 HOH 149 449 84  HOH HOH A . 
J 8 HOH 150 450 56  HOH HOH A . 
J 8 HOH 151 451 131 HOH HOH A . 
# 
_pdbx_molecule_features.prd_id    PRD_900003 
_pdbx_molecule_features.name      sucrose 
_pdbx_molecule_features.type      Oligosaccharide 
_pdbx_molecule_features.class     Nutrient 
_pdbx_molecule_features.details   'oligosaccharide with reducing-end-to-reducing-end glycosidic bond' 
# 
_pdbx_molecule.instance_id   1 
_pdbx_molecule.prd_id        PRD_900003 
_pdbx_molecule.asym_id       B 
# 
_pdbx_struct_assembly.id                   1 
_pdbx_struct_assembly.details              author_defined_assembly 
_pdbx_struct_assembly.method_details       ? 
_pdbx_struct_assembly.oligomeric_details   monomeric 
_pdbx_struct_assembly.oligomeric_count     1 
# 
_pdbx_struct_assembly_gen.assembly_id       1 
_pdbx_struct_assembly_gen.oper_expression   1 
_pdbx_struct_assembly_gen.asym_id_list      A,B,C,D,E,F,G,H,I,J 
# 
_pdbx_struct_oper_list.id                   1 
_pdbx_struct_oper_list.type                 'identity operation' 
_pdbx_struct_oper_list.name                 1_555 
_pdbx_struct_oper_list.symmetry_operation   x,y,z 
_pdbx_struct_oper_list.matrix[1][1]         1.0000000000 
_pdbx_struct_oper_list.matrix[1][2]         0.0000000000 
_pdbx_struct_oper_list.matrix[1][3]         0.0000000000 
_pdbx_struct_oper_list.vector[1]            0.0000000000 
_pdbx_struct_oper_list.matrix[2][1]         0.0000000000 
_pdbx_struct_oper_list.matrix[2][2]         1.0000000000 
_pdbx_struct_oper_list.matrix[2][3]         0.0000000000 
_pdbx_struct_oper_list.vector[2]            0.0000000000 
_pdbx_struct_oper_list.matrix[3][1]         0.0000000000 
_pdbx_struct_oper_list.matrix[3][2]         0.0000000000 
_pdbx_struct_oper_list.matrix[3][3]         1.0000000000 
_pdbx_struct_oper_list.vector[3]            0.0000000000 
# 
loop_
_pdbx_struct_conn_angle.id 
_pdbx_struct_conn_angle.ptnr1_label_atom_id 
_pdbx_struct_conn_angle.ptnr1_label_alt_id 
_pdbx_struct_conn_angle.ptnr1_label_asym_id 
_pdbx_struct_conn_angle.ptnr1_label_comp_id 
_pdbx_struct_conn_angle.ptnr1_label_seq_id 
_pdbx_struct_conn_angle.ptnr1_auth_atom_id 
_pdbx_struct_conn_angle.ptnr1_auth_asym_id 
_pdbx_struct_conn_angle.ptnr1_auth_comp_id 
_pdbx_struct_conn_angle.ptnr1_auth_seq_id 
_pdbx_struct_conn_angle.ptnr1_PDB_ins_code 
_pdbx_struct_conn_angle.ptnr1_symmetry 
_pdbx_struct_conn_angle.ptnr2_label_atom_id 
_pdbx_struct_conn_angle.ptnr2_label_alt_id 
_pdbx_struct_conn_angle.ptnr2_label_asym_id 
_pdbx_struct_conn_angle.ptnr2_label_comp_id 
_pdbx_struct_conn_angle.ptnr2_label_seq_id 
_pdbx_struct_conn_angle.ptnr2_auth_atom_id 
_pdbx_struct_conn_angle.ptnr2_auth_asym_id 
_pdbx_struct_conn_angle.ptnr2_auth_comp_id 
_pdbx_struct_conn_angle.ptnr2_auth_seq_id 
_pdbx_struct_conn_angle.ptnr2_PDB_ins_code 
_pdbx_struct_conn_angle.ptnr2_symmetry 
_pdbx_struct_conn_angle.ptnr3_label_atom_id 
_pdbx_struct_conn_angle.ptnr3_label_alt_id 
_pdbx_struct_conn_angle.ptnr3_label_asym_id 
_pdbx_struct_conn_angle.ptnr3_label_comp_id 
_pdbx_struct_conn_angle.ptnr3_label_seq_id 
_pdbx_struct_conn_angle.ptnr3_auth_atom_id 
_pdbx_struct_conn_angle.ptnr3_auth_asym_id 
_pdbx_struct_conn_angle.ptnr3_auth_comp_id 
_pdbx_struct_conn_angle.ptnr3_auth_seq_id 
_pdbx_struct_conn_angle.ptnr3_PDB_ins_code 
_pdbx_struct_conn_angle.ptnr3_symmetry 
_pdbx_struct_conn_angle.value 
_pdbx_struct_conn_angle.value_esd 
1  O   ? A GLY 37 ? A GLY 37  ? 1_555 MN ? F MN . ? A MN 204 ? 1_555 OE2 ? A GLU 57 ? A GLU 57  ? 1_555 86.4  ? 
2  O   ? A GLY 37 ? A GLY 37  ? 1_555 MN ? F MN . ? A MN 204 ? 1_555 O2B A D 8DG .  ? A 8DG 202 ? 1_555 102.6 ? 
3  OE2 ? A GLU 57 ? A GLU 57  ? 1_555 MN ? F MN . ? A MN 204 ? 1_555 O2B A D 8DG .  ? A 8DG 202 ? 1_555 91.6  ? 
4  O   ? A GLY 37 ? A GLY 37  ? 1_555 MN ? F MN . ? A MN 204 ? 1_555 O1A A D 8DG .  ? A 8DG 202 ? 1_555 91.1  ? 
5  OE2 ? A GLU 57 ? A GLU 57  ? 1_555 MN ? F MN . ? A MN 204 ? 1_555 O1A A D 8DG .  ? A 8DG 202 ? 1_555 176.2 ? 
6  O2B A D 8DG .  ? A 8DG 202 ? 1_555 MN ? F MN . ? A MN 204 ? 1_555 O1A A D 8DG .  ? A 8DG 202 ? 1_555 86.1  ? 
7  O   ? A GLY 37 ? A GLY 37  ? 1_555 MN ? F MN . ? A MN 204 ? 1_555 OP2 B E 8OG .  ? A 8OG 203 ? 1_555 93.5  ? 
8  OE2 ? A GLU 57 ? A GLU 57  ? 1_555 MN ? F MN . ? A MN 204 ? 1_555 OP2 B E 8OG .  ? A 8OG 203 ? 1_555 177.3 ? 
9  O2B A D 8DG .  ? A 8DG 202 ? 1_555 MN ? F MN . ? A MN 204 ? 1_555 OP2 B E 8OG .  ? A 8OG 203 ? 1_555 85.8  ? 
10 O1A A D 8DG .  ? A 8DG 202 ? 1_555 MN ? F MN . ? A MN 204 ? 1_555 OP2 B E 8OG .  ? A 8OG 203 ? 1_555 2.4   ? 
11 O   ? A GLY 37 ? A GLY 37  ? 1_555 MN ? F MN . ? A MN 204 ? 1_555 O   ? J HOH .  ? A HOH 336 ? 1_555 83.6  ? 
12 OE2 ? A GLU 57 ? A GLU 57  ? 1_555 MN ? F MN . ? A MN 204 ? 1_555 O   ? J HOH .  ? A HOH 336 ? 1_555 85.1  ? 
13 O2B A D 8DG .  ? A 8DG 202 ? 1_555 MN ? F MN . ? A MN 204 ? 1_555 O   ? J HOH .  ? A HOH 336 ? 1_555 172.8 ? 
14 O1A A D 8DG .  ? A 8DG 202 ? 1_555 MN ? F MN . ? A MN 204 ? 1_555 O   ? J HOH .  ? A HOH 336 ? 1_555 97.5  ? 
15 OP2 B E 8OG .  ? A 8OG 203 ? 1_555 MN ? F MN . ? A MN 204 ? 1_555 O   ? J HOH .  ? A HOH 336 ? 1_555 97.6  ? 
16 O   ? A GLY 37 ? A GLY 37  ? 1_555 MN ? F MN . ? A MN 204 ? 1_555 O   C J HOH .  ? A HOH 403 ? 1_555 92.0  ? 
17 OE2 ? A GLU 57 ? A GLU 57  ? 1_555 MN ? F MN . ? A MN 204 ? 1_555 O   C J HOH .  ? A HOH 403 ? 1_555 88.1  ? 
18 O2B A D 8DG .  ? A 8DG 202 ? 1_555 MN ? F MN . ? A MN 204 ? 1_555 O   C J HOH .  ? A HOH 403 ? 1_555 11.0  ? 
19 O1A A D 8DG .  ? A 8DG 202 ? 1_555 MN ? F MN . ? A MN 204 ? 1_555 O   C J HOH .  ? A HOH 403 ? 1_555 89.1  ? 
20 OP2 B E 8OG .  ? A 8OG 203 ? 1_555 MN ? F MN . ? A MN 204 ? 1_555 O   C J HOH .  ? A HOH 403 ? 1_555 89.2  ? 
21 O   ? J HOH .  ? A HOH 336 ? 1_555 MN ? F MN . ? A MN 204 ? 1_555 O   C J HOH .  ? A HOH 403 ? 1_555 172.1 ? 
22 O   ? A GLY 37 ? A GLY 37  ? 1_555 MN ? F MN . ? A MN 204 ? 1_555 O   ? J HOH .  ? A HOH 405 ? 1_555 166.5 ? 
23 OE2 ? A GLU 57 ? A GLU 57  ? 1_555 MN ? F MN . ? A MN 204 ? 1_555 O   ? J HOH .  ? A HOH 405 ? 1_555 84.8  ? 
24 O2B A D 8DG .  ? A 8DG 202 ? 1_555 MN ? F MN . ? A MN 204 ? 1_555 O   ? J HOH .  ? A HOH 405 ? 1_555 87.9  ? 
25 O1A A D 8DG .  ? A 8DG 202 ? 1_555 MN ? F MN . ? A MN 204 ? 1_555 O   ? J HOH .  ? A HOH 405 ? 1_555 98.1  ? 
26 OP2 B E 8OG .  ? A 8OG 203 ? 1_555 MN ? F MN . ? A MN 204 ? 1_555 O   ? J HOH .  ? A HOH 405 ? 1_555 95.7  ? 
27 O   ? J HOH .  ? A HOH 336 ? 1_555 MN ? F MN . ? A MN 204 ? 1_555 O   ? J HOH .  ? A HOH 405 ? 1_555 85.4  ? 
28 O   C J HOH .  ? A HOH 403 ? 1_555 MN ? F MN . ? A MN 204 ? 1_555 O   ? J HOH .  ? A HOH 405 ? 1_555 98.0  ? 
29 OE2 ? A GLU 53 ? A GLU 53  ? 1_555 MN A G MN . ? A MN 205 ? 1_555 O1B A D 8DG .  ? A 8DG 202 ? 1_555 95.1  ? 
30 OE2 ? A GLU 53 ? A GLU 53  ? 1_555 MN A G MN . ? A MN 205 ? 1_555 O   ? J HOH .  ? A HOH 304 ? 1_555 78.6  ? 
31 O1B A D 8DG .  ? A 8DG 202 ? 1_555 MN A G MN . ? A MN 205 ? 1_555 O   ? J HOH .  ? A HOH 304 ? 1_555 103.2 ? 
32 OE2 ? A GLU 53 ? A GLU 53  ? 1_555 MN A G MN . ? A MN 205 ? 1_555 O   ? J HOH .  ? A HOH 309 ? 1_555 164.7 ? 
33 O1B A D 8DG .  ? A 8DG 202 ? 1_555 MN A G MN . ? A MN 205 ? 1_555 O   ? J HOH .  ? A HOH 309 ? 1_555 90.8  ? 
34 O   ? J HOH .  ? A HOH 304 ? 1_555 MN A G MN . ? A MN 205 ? 1_555 O   ? J HOH .  ? A HOH 309 ? 1_555 86.3  ? 
35 OE2 ? A GLU 53 ? A GLU 53  ? 1_555 MN A G MN . ? A MN 205 ? 1_555 O   ? J HOH .  ? A HOH 338 ? 1_555 97.2  ? 
36 O1B A D 8DG .  ? A 8DG 202 ? 1_555 MN A G MN . ? A MN 205 ? 1_555 O   ? J HOH .  ? A HOH 338 ? 1_555 160.2 ? 
37 O   ? J HOH .  ? A HOH 304 ? 1_555 MN A G MN . ? A MN 205 ? 1_555 O   ? J HOH .  ? A HOH 338 ? 1_555 94.4  ? 
38 O   ? J HOH .  ? A HOH 309 ? 1_555 MN A G MN . ? A MN 205 ? 1_555 O   ? J HOH .  ? A HOH 338 ? 1_555 81.3  ? 
39 OE1 ? A GLU 53 ? A GLU 53  ? 1_555 MN A H MN . ? A MN 206 ? 1_555 OE2 ? A GLU 57 ? A GLU 57  ? 1_555 93.8  ? 
40 OE1 ? A GLU 53 ? A GLU 53  ? 1_555 MN A H MN . ? A MN 206 ? 1_555 O2B A D 8DG .  ? A 8DG 202 ? 1_555 108.4 ? 
41 OE2 ? A GLU 57 ? A GLU 57  ? 1_555 MN A H MN . ? A MN 206 ? 1_555 O2B A D 8DG .  ? A 8DG 202 ? 1_555 77.6  ? 
42 OE1 ? A GLU 53 ? A GLU 53  ? 1_555 MN A H MN . ? A MN 206 ? 1_555 O   ? J HOH .  ? A HOH 310 ? 1_555 102.8 ? 
43 OE2 ? A GLU 57 ? A GLU 57  ? 1_555 MN A H MN . ? A MN 206 ? 1_555 O   ? J HOH .  ? A HOH 310 ? 1_555 109.0 ? 
44 O2B A D 8DG .  ? A 8DG 202 ? 1_555 MN A H MN . ? A MN 206 ? 1_555 O   ? J HOH .  ? A HOH 310 ? 1_555 147.7 ? 
45 OE1 ? A GLU 53 ? A GLU 53  ? 1_555 MN A H MN . ? A MN 206 ? 1_555 O   ? J HOH .  ? A HOH 320 ? 1_555 156.7 ? 
46 OE2 ? A GLU 57 ? A GLU 57  ? 1_555 MN A H MN . ? A MN 206 ? 1_555 O   ? J HOH .  ? A HOH 320 ? 1_555 66.8  ? 
47 O2B A D 8DG .  ? A 8DG 202 ? 1_555 MN A H MN . ? A MN 206 ? 1_555 O   ? J HOH .  ? A HOH 320 ? 1_555 80.8  ? 
48 O   ? J HOH .  ? A HOH 310 ? 1_555 MN A H MN . ? A MN 206 ? 1_555 O   ? J HOH .  ? A HOH 320 ? 1_555 73.7  ? 
49 OE1 ? A GLU 53 ? A GLU 53  ? 1_555 NA B I NA . ? A NA 207 ? 1_555 OE2 ? A GLU 57 ? A GLU 57  ? 1_555 85.8  ? 
50 OE1 ? A GLU 53 ? A GLU 53  ? 1_555 NA B I NA . ? A NA 207 ? 1_555 O   ? J HOH .  ? A HOH 310 ? 1_555 103.9 ? 
51 OE2 ? A GLU 57 ? A GLU 57  ? 1_555 NA B I NA . ? A NA 207 ? 1_555 O   ? J HOH .  ? A HOH 310 ? 1_555 100.0 ? 
52 OE1 ? A GLU 53 ? A GLU 53  ? 1_555 NA B I NA . ? A NA 207 ? 1_555 O   B J HOH .  ? A HOH 314 ? 1_555 84.4  ? 
53 OE2 ? A GLU 57 ? A GLU 57  ? 1_555 NA B I NA . ? A NA 207 ? 1_555 O   B J HOH .  ? A HOH 314 ? 1_555 151.2 ? 
54 O   ? J HOH .  ? A HOH 310 ? 1_555 NA B I NA . ? A NA 207 ? 1_555 O   B J HOH .  ? A HOH 314 ? 1_555 108.6 ? 
55 OE1 ? A GLU 53 ? A GLU 53  ? 1_555 NA B I NA . ? A NA 207 ? 1_555 O   ? J HOH .  ? A HOH 320 ? 1_555 143.0 ? 
56 OE2 ? A GLU 57 ? A GLU 57  ? 1_555 NA B I NA . ? A NA 207 ? 1_555 O   ? J HOH .  ? A HOH 320 ? 1_555 60.1  ? 
57 O   ? J HOH .  ? A HOH 310 ? 1_555 NA B I NA . ? A NA 207 ? 1_555 O   ? J HOH .  ? A HOH 320 ? 1_555 71.3  ? 
58 O   B J HOH .  ? A HOH 314 ? 1_555 NA B I NA . ? A NA 207 ? 1_555 O   ? J HOH .  ? A HOH 320 ? 1_555 132.5 ? 
# 
loop_
_pdbx_audit_revision_history.ordinal 
_pdbx_audit_revision_history.data_content_type 
_pdbx_audit_revision_history.major_revision 
_pdbx_audit_revision_history.minor_revision 
_pdbx_audit_revision_history.revision_date 
1 'Structure model' 1 0 2022-06-01 
2 'Structure model' 1 1 2023-11-29 
# 
_pdbx_audit_revision_details.ordinal             1 
_pdbx_audit_revision_details.revision_ordinal    1 
_pdbx_audit_revision_details.data_content_type   'Structure model' 
_pdbx_audit_revision_details.provider            repository 
_pdbx_audit_revision_details.type                'Initial release' 
_pdbx_audit_revision_details.description         ? 
_pdbx_audit_revision_details.details             ? 
# 
loop_
_pdbx_audit_revision_group.ordinal 
_pdbx_audit_revision_group.revision_ordinal 
_pdbx_audit_revision_group.data_content_type 
_pdbx_audit_revision_group.group 
1 2 'Structure model' 'Data collection'        
2 2 'Structure model' 'Refinement description' 
# 
loop_
_pdbx_audit_revision_category.ordinal 
_pdbx_audit_revision_category.revision_ordinal 
_pdbx_audit_revision_category.data_content_type 
_pdbx_audit_revision_category.category 
1 2 'Structure model' chem_comp_atom                
2 2 'Structure model' chem_comp_bond                
3 2 'Structure model' pdbx_initial_refinement_model 
# 
loop_
_space_group_symop.id 
_space_group_symop.operation_xyz 
1 x,y,z           
2 x+1/2,-y+1/2,-z 
3 -x,y+1/2,-z+1/2 
4 -x+1/2,-y,z+1/2 
# 
loop_
_software.citation_id 
_software.classification 
_software.compiler_name 
_software.compiler_version 
_software.contact_author 
_software.contact_author_email 
_software.date 
_software.description 
_software.dependencies 
_software.hardware 
_software.language 
_software.location 
_software.mods 
_software.name 
_software.os 
_software.os_version 
_software.type 
_software.version 
_software.pdbx_ordinal 
? refinement       ? ? ? ? ? ? ? ? ? ? ? PHENIX   ? ? ? 1.13_2998 1 
? 'data reduction' ? ? ? ? ? ? ? ? ? ? ? HKL-2000 ? ? ? .         2 
# 
_pdbx_entry_details.entry_id                 7X9H 
_pdbx_entry_details.has_ligand_of_interest   Y 
_pdbx_entry_details.compound_details         ? 
_pdbx_entry_details.source_details           ? 
_pdbx_entry_details.nonpolymer_details       ? 
_pdbx_entry_details.sequence_details         ? 
# 
loop_
_chem_comp_atom.comp_id 
_chem_comp_atom.atom_id 
_chem_comp_atom.type_symbol 
_chem_comp_atom.pdbx_aromatic_flag 
_chem_comp_atom.pdbx_stereo_config 
_chem_comp_atom.pdbx_ordinal 
8DG PG     P  N N 1   
8DG O1G    O  N N 2   
8DG O2G    O  N N 3   
8DG O3G    O  N N 4   
8DG O3B    O  N N 5   
8DG PB     P  N S 6   
8DG O1B    O  N N 7   
8DG O2B    O  N N 8   
8DG O3A    O  N N 9   
8DG PA     P  N R 10  
8DG O1A    O  N N 11  
8DG O2A    O  N N 12  
8DG "O5'"  O  N N 13  
8DG "C5'"  C  N N 14  
8DG "C4'"  C  N R 15  
8DG "O4'"  O  N N 16  
8DG "C3'"  C  N S 17  
8DG "O3'"  O  N N 18  
8DG "C2'"  C  N N 19  
8DG "C1'"  C  N R 20  
8DG N9     N  N N 21  
8DG C8     C  N N 22  
8DG N7     N  N N 23  
8DG C5     C  N N 24  
8DG C6     C  N N 25  
8DG O6     O  N N 26  
8DG N1     N  N N 27  
8DG C2     C  N N 28  
8DG N2     N  N N 29  
8DG N3     N  N N 30  
8DG C4     C  N N 31  
8DG O8     O  N N 32  
8DG HOG2   H  N N 33  
8DG H3G    H  N N 34  
8DG HOB2   H  N N 35  
8DG HOA2   H  N N 36  
8DG "H5'1" H  N N 37  
8DG "H5'2" H  N N 38  
8DG "H4'"  H  N N 39  
8DG "H3'"  H  N N 40  
8DG H1     H  N N 41  
8DG "H2'1" H  N N 42  
8DG "H2'2" H  N N 43  
8DG "H1'"  H  N N 44  
8DG HN7    H  N N 45  
8DG HN1    H  N N 46  
8DG HN21   H  N N 47  
8DG HN22   H  N N 48  
8OG OP3    O  N N 49  
8OG P      P  N N 50  
8OG OP1    O  N N 51  
8OG OP2    O  N N 52  
8OG "O5'"  O  N N 53  
8OG "C5'"  C  N N 54  
8OG "C4'"  C  N R 55  
8OG "O4'"  O  N N 56  
8OG "C3'"  C  N S 57  
8OG "O3'"  O  N N 58  
8OG "C2'"  C  N N 59  
8OG "C1'"  C  N R 60  
8OG N9     N  N N 61  
8OG C8     C  N N 62  
8OG N7     N  N N 63  
8OG C5     C  N N 64  
8OG C6     C  N N 65  
8OG O6     O  N N 66  
8OG N1     N  N N 67  
8OG C2     C  N N 68  
8OG N2     N  N N 69  
8OG N3     N  N N 70  
8OG C4     C  N N 71  
8OG O8     O  N N 72  
8OG HOP3   H  N N 73  
8OG HOP2   H  N N 74  
8OG "H5'"  H  N N 75  
8OG "H5''" H  N N 76  
8OG "H4'"  H  N N 77  
8OG "H3'"  H  N N 78  
8OG "HO3'" H  N N 79  
8OG "H2'"  H  N N 80  
8OG "H2''" H  N N 81  
8OG "H1'"  H  N N 82  
8OG H7     H  N N 83  
8OG H1     H  N N 84  
8OG H21    H  N N 85  
8OG H22    H  N N 86  
ALA N      N  N N 87  
ALA CA     C  N S 88  
ALA C      C  N N 89  
ALA O      O  N N 90  
ALA CB     C  N N 91  
ALA OXT    O  N N 92  
ALA H      H  N N 93  
ALA H2     H  N N 94  
ALA HA     H  N N 95  
ALA HB1    H  N N 96  
ALA HB2    H  N N 97  
ALA HB3    H  N N 98  
ALA HXT    H  N N 99  
ARG N      N  N N 100 
ARG CA     C  N S 101 
ARG C      C  N N 102 
ARG O      O  N N 103 
ARG CB     C  N N 104 
ARG CG     C  N N 105 
ARG CD     C  N N 106 
ARG NE     N  N N 107 
ARG CZ     C  N N 108 
ARG NH1    N  N N 109 
ARG NH2    N  N N 110 
ARG OXT    O  N N 111 
ARG H      H  N N 112 
ARG H2     H  N N 113 
ARG HA     H  N N 114 
ARG HB2    H  N N 115 
ARG HB3    H  N N 116 
ARG HG2    H  N N 117 
ARG HG3    H  N N 118 
ARG HD2    H  N N 119 
ARG HD3    H  N N 120 
ARG HE     H  N N 121 
ARG HH11   H  N N 122 
ARG HH12   H  N N 123 
ARG HH21   H  N N 124 
ARG HH22   H  N N 125 
ARG HXT    H  N N 126 
ASN N      N  N N 127 
ASN CA     C  N S 128 
ASN C      C  N N 129 
ASN O      O  N N 130 
ASN CB     C  N N 131 
ASN CG     C  N N 132 
ASN OD1    O  N N 133 
ASN ND2    N  N N 134 
ASN OXT    O  N N 135 
ASN H      H  N N 136 
ASN H2     H  N N 137 
ASN HA     H  N N 138 
ASN HB2    H  N N 139 
ASN HB3    H  N N 140 
ASN HD21   H  N N 141 
ASN HD22   H  N N 142 
ASN HXT    H  N N 143 
ASP N      N  N N 144 
ASP CA     C  N S 145 
ASP C      C  N N 146 
ASP O      O  N N 147 
ASP CB     C  N N 148 
ASP CG     C  N N 149 
ASP OD1    O  N N 150 
ASP OD2    O  N N 151 
ASP OXT    O  N N 152 
ASP H      H  N N 153 
ASP H2     H  N N 154 
ASP HA     H  N N 155 
ASP HB2    H  N N 156 
ASP HB3    H  N N 157 
ASP HD2    H  N N 158 
ASP HXT    H  N N 159 
FRU C1     C  N N 160 
FRU C2     C  N R 161 
FRU C3     C  N S 162 
FRU C4     C  N S 163 
FRU C5     C  N R 164 
FRU C6     C  N N 165 
FRU O1     O  N N 166 
FRU O2     O  N N 167 
FRU O3     O  N N 168 
FRU O4     O  N N 169 
FRU O5     O  N N 170 
FRU O6     O  N N 171 
FRU H11    H  N N 172 
FRU H12    H  N N 173 
FRU H3     H  N N 174 
FRU H4     H  N N 175 
FRU H5     H  N N 176 
FRU H61    H  N N 177 
FRU H62    H  N N 178 
FRU HO1    H  N N 179 
FRU HO2    H  N N 180 
FRU HO3    H  N N 181 
FRU HO4    H  N N 182 
FRU HO6    H  N N 183 
GLC C1     C  N S 184 
GLC C2     C  N R 185 
GLC C3     C  N S 186 
GLC C4     C  N S 187 
GLC C5     C  N R 188 
GLC C6     C  N N 189 
GLC O1     O  N N 190 
GLC O2     O  N N 191 
GLC O3     O  N N 192 
GLC O4     O  N N 193 
GLC O5     O  N N 194 
GLC O6     O  N N 195 
GLC H1     H  N N 196 
GLC H2     H  N N 197 
GLC H3     H  N N 198 
GLC H4     H  N N 199 
GLC H5     H  N N 200 
GLC H61    H  N N 201 
GLC H62    H  N N 202 
GLC HO1    H  N N 203 
GLC HO2    H  N N 204 
GLC HO3    H  N N 205 
GLC HO4    H  N N 206 
GLC HO6    H  N N 207 
GLN N      N  N N 208 
GLN CA     C  N S 209 
GLN C      C  N N 210 
GLN O      O  N N 211 
GLN CB     C  N N 212 
GLN CG     C  N N 213 
GLN CD     C  N N 214 
GLN OE1    O  N N 215 
GLN NE2    N  N N 216 
GLN OXT    O  N N 217 
GLN H      H  N N 218 
GLN H2     H  N N 219 
GLN HA     H  N N 220 
GLN HB2    H  N N 221 
GLN HB3    H  N N 222 
GLN HG2    H  N N 223 
GLN HG3    H  N N 224 
GLN HE21   H  N N 225 
GLN HE22   H  N N 226 
GLN HXT    H  N N 227 
GLU N      N  N N 228 
GLU CA     C  N S 229 
GLU C      C  N N 230 
GLU O      O  N N 231 
GLU CB     C  N N 232 
GLU CG     C  N N 233 
GLU CD     C  N N 234 
GLU OE1    O  N N 235 
GLU OE2    O  N N 236 
GLU OXT    O  N N 237 
GLU H      H  N N 238 
GLU H2     H  N N 239 
GLU HA     H  N N 240 
GLU HB2    H  N N 241 
GLU HB3    H  N N 242 
GLU HG2    H  N N 243 
GLU HG3    H  N N 244 
GLU HE2    H  N N 245 
GLU HXT    H  N N 246 
GLY N      N  N N 247 
GLY CA     C  N N 248 
GLY C      C  N N 249 
GLY O      O  N N 250 
GLY OXT    O  N N 251 
GLY H      H  N N 252 
GLY H2     H  N N 253 
GLY HA2    H  N N 254 
GLY HA3    H  N N 255 
GLY HXT    H  N N 256 
HIS N      N  N N 257 
HIS CA     C  N S 258 
HIS C      C  N N 259 
HIS O      O  N N 260 
HIS CB     C  N N 261 
HIS CG     C  Y N 262 
HIS ND1    N  Y N 263 
HIS CD2    C  Y N 264 
HIS CE1    C  Y N 265 
HIS NE2    N  Y N 266 
HIS OXT    O  N N 267 
HIS H      H  N N 268 
HIS H2     H  N N 269 
HIS HA     H  N N 270 
HIS HB2    H  N N 271 
HIS HB3    H  N N 272 
HIS HD1    H  N N 273 
HIS HD2    H  N N 274 
HIS HE1    H  N N 275 
HIS HE2    H  N N 276 
HIS HXT    H  N N 277 
HOH O      O  N N 278 
HOH H1     H  N N 279 
HOH H2     H  N N 280 
ILE N      N  N N 281 
ILE CA     C  N S 282 
ILE C      C  N N 283 
ILE O      O  N N 284 
ILE CB     C  N S 285 
ILE CG1    C  N N 286 
ILE CG2    C  N N 287 
ILE CD1    C  N N 288 
ILE OXT    O  N N 289 
ILE H      H  N N 290 
ILE H2     H  N N 291 
ILE HA     H  N N 292 
ILE HB     H  N N 293 
ILE HG12   H  N N 294 
ILE HG13   H  N N 295 
ILE HG21   H  N N 296 
ILE HG22   H  N N 297 
ILE HG23   H  N N 298 
ILE HD11   H  N N 299 
ILE HD12   H  N N 300 
ILE HD13   H  N N 301 
ILE HXT    H  N N 302 
LEU N      N  N N 303 
LEU CA     C  N S 304 
LEU C      C  N N 305 
LEU O      O  N N 306 
LEU CB     C  N N 307 
LEU CG     C  N N 308 
LEU CD1    C  N N 309 
LEU CD2    C  N N 310 
LEU OXT    O  N N 311 
LEU H      H  N N 312 
LEU H2     H  N N 313 
LEU HA     H  N N 314 
LEU HB2    H  N N 315 
LEU HB3    H  N N 316 
LEU HG     H  N N 317 
LEU HD11   H  N N 318 
LEU HD12   H  N N 319 
LEU HD13   H  N N 320 
LEU HD21   H  N N 321 
LEU HD22   H  N N 322 
LEU HD23   H  N N 323 
LEU HXT    H  N N 324 
LYS N      N  N N 325 
LYS CA     C  N S 326 
LYS C      C  N N 327 
LYS O      O  N N 328 
LYS CB     C  N N 329 
LYS CG     C  N N 330 
LYS CD     C  N N 331 
LYS CE     C  N N 332 
LYS NZ     N  N N 333 
LYS OXT    O  N N 334 
LYS H      H  N N 335 
LYS H2     H  N N 336 
LYS HA     H  N N 337 
LYS HB2    H  N N 338 
LYS HB3    H  N N 339 
LYS HG2    H  N N 340 
LYS HG3    H  N N 341 
LYS HD2    H  N N 342 
LYS HD3    H  N N 343 
LYS HE2    H  N N 344 
LYS HE3    H  N N 345 
LYS HZ1    H  N N 346 
LYS HZ2    H  N N 347 
LYS HZ3    H  N N 348 
LYS HXT    H  N N 349 
MET N      N  N N 350 
MET CA     C  N S 351 
MET C      C  N N 352 
MET O      O  N N 353 
MET CB     C  N N 354 
MET CG     C  N N 355 
MET SD     S  N N 356 
MET CE     C  N N 357 
MET OXT    O  N N 358 
MET H      H  N N 359 
MET H2     H  N N 360 
MET HA     H  N N 361 
MET HB2    H  N N 362 
MET HB3    H  N N 363 
MET HG2    H  N N 364 
MET HG3    H  N N 365 
MET HE1    H  N N 366 
MET HE2    H  N N 367 
MET HE3    H  N N 368 
MET HXT    H  N N 369 
MN  MN     MN N N 370 
NA  NA     NA N N 371 
PHE N      N  N N 372 
PHE CA     C  N S 373 
PHE C      C  N N 374 
PHE O      O  N N 375 
PHE CB     C  N N 376 
PHE CG     C  Y N 377 
PHE CD1    C  Y N 378 
PHE CD2    C  Y N 379 
PHE CE1    C  Y N 380 
PHE CE2    C  Y N 381 
PHE CZ     C  Y N 382 
PHE OXT    O  N N 383 
PHE H      H  N N 384 
PHE H2     H  N N 385 
PHE HA     H  N N 386 
PHE HB2    H  N N 387 
PHE HB3    H  N N 388 
PHE HD1    H  N N 389 
PHE HD2    H  N N 390 
PHE HE1    H  N N 391 
PHE HE2    H  N N 392 
PHE HZ     H  N N 393 
PHE HXT    H  N N 394 
PRO N      N  N N 395 
PRO CA     C  N S 396 
PRO C      C  N N 397 
PRO O      O  N N 398 
PRO CB     C  N N 399 
PRO CG     C  N N 400 
PRO CD     C  N N 401 
PRO OXT    O  N N 402 
PRO H      H  N N 403 
PRO HA     H  N N 404 
PRO HB2    H  N N 405 
PRO HB3    H  N N 406 
PRO HG2    H  N N 407 
PRO HG3    H  N N 408 
PRO HD2    H  N N 409 
PRO HD3    H  N N 410 
PRO HXT    H  N N 411 
SER N      N  N N 412 
SER CA     C  N S 413 
SER C      C  N N 414 
SER O      O  N N 415 
SER CB     C  N N 416 
SER OG     O  N N 417 
SER OXT    O  N N 418 
SER H      H  N N 419 
SER H2     H  N N 420 
SER HA     H  N N 421 
SER HB2    H  N N 422 
SER HB3    H  N N 423 
SER HG     H  N N 424 
SER HXT    H  N N 425 
SO4 S      S  N N 426 
SO4 O1     O  N N 427 
SO4 O2     O  N N 428 
SO4 O3     O  N N 429 
SO4 O4     O  N N 430 
THR N      N  N N 431 
THR CA     C  N S 432 
THR C      C  N N 433 
THR O      O  N N 434 
THR CB     C  N R 435 
THR OG1    O  N N 436 
THR CG2    C  N N 437 
THR OXT    O  N N 438 
THR H      H  N N 439 
THR H2     H  N N 440 
THR HA     H  N N 441 
THR HB     H  N N 442 
THR HG1    H  N N 443 
THR HG21   H  N N 444 
THR HG22   H  N N 445 
THR HG23   H  N N 446 
THR HXT    H  N N 447 
TRP N      N  N N 448 
TRP CA     C  N S 449 
TRP C      C  N N 450 
TRP O      O  N N 451 
TRP CB     C  N N 452 
TRP CG     C  Y N 453 
TRP CD1    C  Y N 454 
TRP CD2    C  Y N 455 
TRP NE1    N  Y N 456 
TRP CE2    C  Y N 457 
TRP CE3    C  Y N 458 
TRP CZ2    C  Y N 459 
TRP CZ3    C  Y N 460 
TRP CH2    C  Y N 461 
TRP OXT    O  N N 462 
TRP H      H  N N 463 
TRP H2     H  N N 464 
TRP HA     H  N N 465 
TRP HB2    H  N N 466 
TRP HB3    H  N N 467 
TRP HD1    H  N N 468 
TRP HE1    H  N N 469 
TRP HE3    H  N N 470 
TRP HZ2    H  N N 471 
TRP HZ3    H  N N 472 
TRP HH2    H  N N 473 
TRP HXT    H  N N 474 
TYR N      N  N N 475 
TYR CA     C  N S 476 
TYR C      C  N N 477 
TYR O      O  N N 478 
TYR CB     C  N N 479 
TYR CG     C  Y N 480 
TYR CD1    C  Y N 481 
TYR CD2    C  Y N 482 
TYR CE1    C  Y N 483 
TYR CE2    C  Y N 484 
TYR CZ     C  Y N 485 
TYR OH     O  N N 486 
TYR OXT    O  N N 487 
TYR H      H  N N 488 
TYR H2     H  N N 489 
TYR HA     H  N N 490 
TYR HB2    H  N N 491 
TYR HB3    H  N N 492 
TYR HD1    H  N N 493 
TYR HD2    H  N N 494 
TYR HE1    H  N N 495 
TYR HE2    H  N N 496 
TYR HH     H  N N 497 
TYR HXT    H  N N 498 
VAL N      N  N N 499 
VAL CA     C  N S 500 
VAL C      C  N N 501 
VAL O      O  N N 502 
VAL CB     C  N N 503 
VAL CG1    C  N N 504 
VAL CG2    C  N N 505 
VAL OXT    O  N N 506 
VAL H      H  N N 507 
VAL H2     H  N N 508 
VAL HA     H  N N 509 
VAL HB     H  N N 510 
VAL HG11   H  N N 511 
VAL HG12   H  N N 512 
VAL HG13   H  N N 513 
VAL HG21   H  N N 514 
VAL HG22   H  N N 515 
VAL HG23   H  N N 516 
VAL HXT    H  N N 517 
# 
loop_
_chem_comp_bond.comp_id 
_chem_comp_bond.atom_id_1 
_chem_comp_bond.atom_id_2 
_chem_comp_bond.value_order 
_chem_comp_bond.pdbx_aromatic_flag 
_chem_comp_bond.pdbx_stereo_config 
_chem_comp_bond.pdbx_ordinal 
8DG PG    O1G    doub N N 1   
8DG PG    O2G    sing N N 2   
8DG PG    O3G    sing N N 3   
8DG PG    O3B    sing N N 4   
8DG O2G   HOG2   sing N N 5   
8DG O3G   H3G    sing N N 6   
8DG O3B   PB     sing N N 7   
8DG PB    O1B    doub N N 8   
8DG PB    O2B    sing N N 9   
8DG PB    O3A    sing N N 10  
8DG O2B   HOB2   sing N N 11  
8DG O3A   PA     sing N N 12  
8DG PA    O1A    doub N N 13  
8DG PA    O2A    sing N N 14  
8DG PA    "O5'"  sing N N 15  
8DG O2A   HOA2   sing N N 16  
8DG "O5'" "C5'"  sing N N 17  
8DG "C5'" "C4'"  sing N N 18  
8DG "C5'" "H5'1" sing N N 19  
8DG "C5'" "H5'2" sing N N 20  
8DG "C4'" "O4'"  sing N N 21  
8DG "C4'" "C3'"  sing N N 22  
8DG "C4'" "H4'"  sing N N 23  
8DG "O4'" "C1'"  sing N N 24  
8DG "C3'" "O3'"  sing N N 25  
8DG "C3'" "C2'"  sing N N 26  
8DG "C3'" "H3'"  sing N N 27  
8DG "O3'" H1     sing N N 28  
8DG "C2'" "C1'"  sing N N 29  
8DG "C2'" "H2'1" sing N N 30  
8DG "C2'" "H2'2" sing N N 31  
8DG "C1'" N9     sing N N 32  
8DG "C1'" "H1'"  sing N N 33  
8DG N9    C8     sing N N 34  
8DG N9    C4     sing N N 35  
8DG C8    N7     sing N N 36  
8DG C8    O8     doub N N 37  
8DG N7    C5     sing N N 38  
8DG N7    HN7    sing N N 39  
8DG C5    C6     sing N N 40  
8DG C5    C4     doub N N 41  
8DG C6    O6     doub N N 42  
8DG C6    N1     sing N N 43  
8DG N1    C2     sing N N 44  
8DG N1    HN1    sing N N 45  
8DG C2    N2     sing N N 46  
8DG C2    N3     doub N N 47  
8DG N2    HN21   sing N N 48  
8DG N2    HN22   sing N N 49  
8DG N3    C4     sing N N 50  
8OG OP3   P      sing N N 51  
8OG OP3   HOP3   sing N N 52  
8OG P     OP1    doub N N 53  
8OG P     OP2    sing N N 54  
8OG P     "O5'"  sing N N 55  
8OG OP2   HOP2   sing N N 56  
8OG "O5'" "C5'"  sing N N 57  
8OG "C5'" "C4'"  sing N N 58  
8OG "C5'" "H5'"  sing N N 59  
8OG "C5'" "H5''" sing N N 60  
8OG "C4'" "O4'"  sing N N 61  
8OG "C4'" "C3'"  sing N N 62  
8OG "C4'" "H4'"  sing N N 63  
8OG "O4'" "C1'"  sing N N 64  
8OG "C3'" "O3'"  sing N N 65  
8OG "C3'" "C2'"  sing N N 66  
8OG "C3'" "H3'"  sing N N 67  
8OG "O3'" "HO3'" sing N N 68  
8OG "C2'" "C1'"  sing N N 69  
8OG "C2'" "H2'"  sing N N 70  
8OG "C2'" "H2''" sing N N 71  
8OG "C1'" N9     sing N N 72  
8OG "C1'" "H1'"  sing N N 73  
8OG N9    C8     sing N N 74  
8OG N9    C4     sing N N 75  
8OG C8    N7     sing N N 76  
8OG C8    O8     doub N N 77  
8OG N7    C5     sing N N 78  
8OG N7    H7     sing N N 79  
8OG C5    C6     sing N N 80  
8OG C5    C4     doub N N 81  
8OG C6    O6     doub N N 82  
8OG C6    N1     sing N N 83  
8OG N1    C2     sing N N 84  
8OG N1    H1     sing N N 85  
8OG C2    N2     sing N N 86  
8OG C2    N3     doub N N 87  
8OG N2    H21    sing N N 88  
8OG N2    H22    sing N N 89  
8OG N3    C4     sing N N 90  
ALA N     CA     sing N N 91  
ALA N     H      sing N N 92  
ALA N     H2     sing N N 93  
ALA CA    C      sing N N 94  
ALA CA    CB     sing N N 95  
ALA CA    HA     sing N N 96  
ALA C     O      doub N N 97  
ALA C     OXT    sing N N 98  
ALA CB    HB1    sing N N 99  
ALA CB    HB2    sing N N 100 
ALA CB    HB3    sing N N 101 
ALA OXT   HXT    sing N N 102 
ARG N     CA     sing N N 103 
ARG N     H      sing N N 104 
ARG N     H2     sing N N 105 
ARG CA    C      sing N N 106 
ARG CA    CB     sing N N 107 
ARG CA    HA     sing N N 108 
ARG C     O      doub N N 109 
ARG C     OXT    sing N N 110 
ARG CB    CG     sing N N 111 
ARG CB    HB2    sing N N 112 
ARG CB    HB3    sing N N 113 
ARG CG    CD     sing N N 114 
ARG CG    HG2    sing N N 115 
ARG CG    HG3    sing N N 116 
ARG CD    NE     sing N N 117 
ARG CD    HD2    sing N N 118 
ARG CD    HD3    sing N N 119 
ARG NE    CZ     sing N N 120 
ARG NE    HE     sing N N 121 
ARG CZ    NH1    sing N N 122 
ARG CZ    NH2    doub N N 123 
ARG NH1   HH11   sing N N 124 
ARG NH1   HH12   sing N N 125 
ARG NH2   HH21   sing N N 126 
ARG NH2   HH22   sing N N 127 
ARG OXT   HXT    sing N N 128 
ASN N     CA     sing N N 129 
ASN N     H      sing N N 130 
ASN N     H2     sing N N 131 
ASN CA    C      sing N N 132 
ASN CA    CB     sing N N 133 
ASN CA    HA     sing N N 134 
ASN C     O      doub N N 135 
ASN C     OXT    sing N N 136 
ASN CB    CG     sing N N 137 
ASN CB    HB2    sing N N 138 
ASN CB    HB3    sing N N 139 
ASN CG    OD1    doub N N 140 
ASN CG    ND2    sing N N 141 
ASN ND2   HD21   sing N N 142 
ASN ND2   HD22   sing N N 143 
ASN OXT   HXT    sing N N 144 
ASP N     CA     sing N N 145 
ASP N     H      sing N N 146 
ASP N     H2     sing N N 147 
ASP CA    C      sing N N 148 
ASP CA    CB     sing N N 149 
ASP CA    HA     sing N N 150 
ASP C     O      doub N N 151 
ASP C     OXT    sing N N 152 
ASP CB    CG     sing N N 153 
ASP CB    HB2    sing N N 154 
ASP CB    HB3    sing N N 155 
ASP CG    OD1    doub N N 156 
ASP CG    OD2    sing N N 157 
ASP OD2   HD2    sing N N 158 
ASP OXT   HXT    sing N N 159 
FRU C1    C2     sing N N 160 
FRU C1    O1     sing N N 161 
FRU C1    H11    sing N N 162 
FRU C1    H12    sing N N 163 
FRU C2    C3     sing N N 164 
FRU C2    O2     sing N N 165 
FRU C2    O5     sing N N 166 
FRU C3    C4     sing N N 167 
FRU C3    O3     sing N N 168 
FRU C3    H3     sing N N 169 
FRU C4    C5     sing N N 170 
FRU C4    O4     sing N N 171 
FRU C4    H4     sing N N 172 
FRU C5    C6     sing N N 173 
FRU C5    O5     sing N N 174 
FRU C5    H5     sing N N 175 
FRU C6    O6     sing N N 176 
FRU C6    H61    sing N N 177 
FRU C6    H62    sing N N 178 
FRU O1    HO1    sing N N 179 
FRU O2    HO2    sing N N 180 
FRU O3    HO3    sing N N 181 
FRU O4    HO4    sing N N 182 
FRU O6    HO6    sing N N 183 
GLC C1    C2     sing N N 184 
GLC C1    O1     sing N N 185 
GLC C1    O5     sing N N 186 
GLC C1    H1     sing N N 187 
GLC C2    C3     sing N N 188 
GLC C2    O2     sing N N 189 
GLC C2    H2     sing N N 190 
GLC C3    C4     sing N N 191 
GLC C3    O3     sing N N 192 
GLC C3    H3     sing N N 193 
GLC C4    C5     sing N N 194 
GLC C4    O4     sing N N 195 
GLC C4    H4     sing N N 196 
GLC C5    C6     sing N N 197 
GLC C5    O5     sing N N 198 
GLC C5    H5     sing N N 199 
GLC C6    O6     sing N N 200 
GLC C6    H61    sing N N 201 
GLC C6    H62    sing N N 202 
GLC O1    HO1    sing N N 203 
GLC O2    HO2    sing N N 204 
GLC O3    HO3    sing N N 205 
GLC O4    HO4    sing N N 206 
GLC O6    HO6    sing N N 207 
GLN N     CA     sing N N 208 
GLN N     H      sing N N 209 
GLN N     H2     sing N N 210 
GLN CA    C      sing N N 211 
GLN CA    CB     sing N N 212 
GLN CA    HA     sing N N 213 
GLN C     O      doub N N 214 
GLN C     OXT    sing N N 215 
GLN CB    CG     sing N N 216 
GLN CB    HB2    sing N N 217 
GLN CB    HB3    sing N N 218 
GLN CG    CD     sing N N 219 
GLN CG    HG2    sing N N 220 
GLN CG    HG3    sing N N 221 
GLN CD    OE1    doub N N 222 
GLN CD    NE2    sing N N 223 
GLN NE2   HE21   sing N N 224 
GLN NE2   HE22   sing N N 225 
GLN OXT   HXT    sing N N 226 
GLU N     CA     sing N N 227 
GLU N     H      sing N N 228 
GLU N     H2     sing N N 229 
GLU CA    C      sing N N 230 
GLU CA    CB     sing N N 231 
GLU CA    HA     sing N N 232 
GLU C     O      doub N N 233 
GLU C     OXT    sing N N 234 
GLU CB    CG     sing N N 235 
GLU CB    HB2    sing N N 236 
GLU CB    HB3    sing N N 237 
GLU CG    CD     sing N N 238 
GLU CG    HG2    sing N N 239 
GLU CG    HG3    sing N N 240 
GLU CD    OE1    doub N N 241 
GLU CD    OE2    sing N N 242 
GLU OE2   HE2    sing N N 243 
GLU OXT   HXT    sing N N 244 
GLY N     CA     sing N N 245 
GLY N     H      sing N N 246 
GLY N     H2     sing N N 247 
GLY CA    C      sing N N 248 
GLY CA    HA2    sing N N 249 
GLY CA    HA3    sing N N 250 
GLY C     O      doub N N 251 
GLY C     OXT    sing N N 252 
GLY OXT   HXT    sing N N 253 
HIS N     CA     sing N N 254 
HIS N     H      sing N N 255 
HIS N     H2     sing N N 256 
HIS CA    C      sing N N 257 
HIS CA    CB     sing N N 258 
HIS CA    HA     sing N N 259 
HIS C     O      doub N N 260 
HIS C     OXT    sing N N 261 
HIS CB    CG     sing N N 262 
HIS CB    HB2    sing N N 263 
HIS CB    HB3    sing N N 264 
HIS CG    ND1    sing Y N 265 
HIS CG    CD2    doub Y N 266 
HIS ND1   CE1    doub Y N 267 
HIS ND1   HD1    sing N N 268 
HIS CD2   NE2    sing Y N 269 
HIS CD2   HD2    sing N N 270 
HIS CE1   NE2    sing Y N 271 
HIS CE1   HE1    sing N N 272 
HIS NE2   HE2    sing N N 273 
HIS OXT   HXT    sing N N 274 
HOH O     H1     sing N N 275 
HOH O     H2     sing N N 276 
ILE N     CA     sing N N 277 
ILE N     H      sing N N 278 
ILE N     H2     sing N N 279 
ILE CA    C      sing N N 280 
ILE CA    CB     sing N N 281 
ILE CA    HA     sing N N 282 
ILE C     O      doub N N 283 
ILE C     OXT    sing N N 284 
ILE CB    CG1    sing N N 285 
ILE CB    CG2    sing N N 286 
ILE CB    HB     sing N N 287 
ILE CG1   CD1    sing N N 288 
ILE CG1   HG12   sing N N 289 
ILE CG1   HG13   sing N N 290 
ILE CG2   HG21   sing N N 291 
ILE CG2   HG22   sing N N 292 
ILE CG2   HG23   sing N N 293 
ILE CD1   HD11   sing N N 294 
ILE CD1   HD12   sing N N 295 
ILE CD1   HD13   sing N N 296 
ILE OXT   HXT    sing N N 297 
LEU N     CA     sing N N 298 
LEU N     H      sing N N 299 
LEU N     H2     sing N N 300 
LEU CA    C      sing N N 301 
LEU CA    CB     sing N N 302 
LEU CA    HA     sing N N 303 
LEU C     O      doub N N 304 
LEU C     OXT    sing N N 305 
LEU CB    CG     sing N N 306 
LEU CB    HB2    sing N N 307 
LEU CB    HB3    sing N N 308 
LEU CG    CD1    sing N N 309 
LEU CG    CD2    sing N N 310 
LEU CG    HG     sing N N 311 
LEU CD1   HD11   sing N N 312 
LEU CD1   HD12   sing N N 313 
LEU CD1   HD13   sing N N 314 
LEU CD2   HD21   sing N N 315 
LEU CD2   HD22   sing N N 316 
LEU CD2   HD23   sing N N 317 
LEU OXT   HXT    sing N N 318 
LYS N     CA     sing N N 319 
LYS N     H      sing N N 320 
LYS N     H2     sing N N 321 
LYS CA    C      sing N N 322 
LYS CA    CB     sing N N 323 
LYS CA    HA     sing N N 324 
LYS C     O      doub N N 325 
LYS C     OXT    sing N N 326 
LYS CB    CG     sing N N 327 
LYS CB    HB2    sing N N 328 
LYS CB    HB3    sing N N 329 
LYS CG    CD     sing N N 330 
LYS CG    HG2    sing N N 331 
LYS CG    HG3    sing N N 332 
LYS CD    CE     sing N N 333 
LYS CD    HD2    sing N N 334 
LYS CD    HD3    sing N N 335 
LYS CE    NZ     sing N N 336 
LYS CE    HE2    sing N N 337 
LYS CE    HE3    sing N N 338 
LYS NZ    HZ1    sing N N 339 
LYS NZ    HZ2    sing N N 340 
LYS NZ    HZ3    sing N N 341 
LYS OXT   HXT    sing N N 342 
MET N     CA     sing N N 343 
MET N     H      sing N N 344 
MET N     H2     sing N N 345 
MET CA    C      sing N N 346 
MET CA    CB     sing N N 347 
MET CA    HA     sing N N 348 
MET C     O      doub N N 349 
MET C     OXT    sing N N 350 
MET CB    CG     sing N N 351 
MET CB    HB2    sing N N 352 
MET CB    HB3    sing N N 353 
MET CG    SD     sing N N 354 
MET CG    HG2    sing N N 355 
MET CG    HG3    sing N N 356 
MET SD    CE     sing N N 357 
MET CE    HE1    sing N N 358 
MET CE    HE2    sing N N 359 
MET CE    HE3    sing N N 360 
MET OXT   HXT    sing N N 361 
PHE N     CA     sing N N 362 
PHE N     H      sing N N 363 
PHE N     H2     sing N N 364 
PHE CA    C      sing N N 365 
PHE CA    CB     sing N N 366 
PHE CA    HA     sing N N 367 
PHE C     O      doub N N 368 
PHE C     OXT    sing N N 369 
PHE CB    CG     sing N N 370 
PHE CB    HB2    sing N N 371 
PHE CB    HB3    sing N N 372 
PHE CG    CD1    doub Y N 373 
PHE CG    CD2    sing Y N 374 
PHE CD1   CE1    sing Y N 375 
PHE CD1   HD1    sing N N 376 
PHE CD2   CE2    doub Y N 377 
PHE CD2   HD2    sing N N 378 
PHE CE1   CZ     doub Y N 379 
PHE CE1   HE1    sing N N 380 
PHE CE2   CZ     sing Y N 381 
PHE CE2   HE2    sing N N 382 
PHE CZ    HZ     sing N N 383 
PHE OXT   HXT    sing N N 384 
PRO N     CA     sing N N 385 
PRO N     CD     sing N N 386 
PRO N     H      sing N N 387 
PRO CA    C      sing N N 388 
PRO CA    CB     sing N N 389 
PRO CA    HA     sing N N 390 
PRO C     O      doub N N 391 
PRO C     OXT    sing N N 392 
PRO CB    CG     sing N N 393 
PRO CB    HB2    sing N N 394 
PRO CB    HB3    sing N N 395 
PRO CG    CD     sing N N 396 
PRO CG    HG2    sing N N 397 
PRO CG    HG3    sing N N 398 
PRO CD    HD2    sing N N 399 
PRO CD    HD3    sing N N 400 
PRO OXT   HXT    sing N N 401 
SER N     CA     sing N N 402 
SER N     H      sing N N 403 
SER N     H2     sing N N 404 
SER CA    C      sing N N 405 
SER CA    CB     sing N N 406 
SER CA    HA     sing N N 407 
SER C     O      doub N N 408 
SER C     OXT    sing N N 409 
SER CB    OG     sing N N 410 
SER CB    HB2    sing N N 411 
SER CB    HB3    sing N N 412 
SER OG    HG     sing N N 413 
SER OXT   HXT    sing N N 414 
SO4 S     O1     doub N N 415 
SO4 S     O2     doub N N 416 
SO4 S     O3     sing N N 417 
SO4 S     O4     sing N N 418 
THR N     CA     sing N N 419 
THR N     H      sing N N 420 
THR N     H2     sing N N 421 
THR CA    C      sing N N 422 
THR CA    CB     sing N N 423 
THR CA    HA     sing N N 424 
THR C     O      doub N N 425 
THR C     OXT    sing N N 426 
THR CB    OG1    sing N N 427 
THR CB    CG2    sing N N 428 
THR CB    HB     sing N N 429 
THR OG1   HG1    sing N N 430 
THR CG2   HG21   sing N N 431 
THR CG2   HG22   sing N N 432 
THR CG2   HG23   sing N N 433 
THR OXT   HXT    sing N N 434 
TRP N     CA     sing N N 435 
TRP N     H      sing N N 436 
TRP N     H2     sing N N 437 
TRP CA    C      sing N N 438 
TRP CA    CB     sing N N 439 
TRP CA    HA     sing N N 440 
TRP C     O      doub N N 441 
TRP C     OXT    sing N N 442 
TRP CB    CG     sing N N 443 
TRP CB    HB2    sing N N 444 
TRP CB    HB3    sing N N 445 
TRP CG    CD1    doub Y N 446 
TRP CG    CD2    sing Y N 447 
TRP CD1   NE1    sing Y N 448 
TRP CD1   HD1    sing N N 449 
TRP CD2   CE2    doub Y N 450 
TRP CD2   CE3    sing Y N 451 
TRP NE1   CE2    sing Y N 452 
TRP NE1   HE1    sing N N 453 
TRP CE2   CZ2    sing Y N 454 
TRP CE3   CZ3    doub Y N 455 
TRP CE3   HE3    sing N N 456 
TRP CZ2   CH2    doub Y N 457 
TRP CZ2   HZ2    sing N N 458 
TRP CZ3   CH2    sing Y N 459 
TRP CZ3   HZ3    sing N N 460 
TRP CH2   HH2    sing N N 461 
TRP OXT   HXT    sing N N 462 
TYR N     CA     sing N N 463 
TYR N     H      sing N N 464 
TYR N     H2     sing N N 465 
TYR CA    C      sing N N 466 
TYR CA    CB     sing N N 467 
TYR CA    HA     sing N N 468 
TYR C     O      doub N N 469 
TYR C     OXT    sing N N 470 
TYR CB    CG     sing N N 471 
TYR CB    HB2    sing N N 472 
TYR CB    HB3    sing N N 473 
TYR CG    CD1    doub Y N 474 
TYR CG    CD2    sing Y N 475 
TYR CD1   CE1    sing Y N 476 
TYR CD1   HD1    sing N N 477 
TYR CD2   CE2    doub Y N 478 
TYR CD2   HD2    sing N N 479 
TYR CE1   CZ     doub Y N 480 
TYR CE1   HE1    sing N N 481 
TYR CE2   CZ     sing Y N 482 
TYR CE2   HE2    sing N N 483 
TYR CZ    OH     sing N N 484 
TYR OH    HH     sing N N 485 
TYR OXT   HXT    sing N N 486 
VAL N     CA     sing N N 487 
VAL N     H      sing N N 488 
VAL N     H2     sing N N 489 
VAL CA    C      sing N N 490 
VAL CA    CB     sing N N 491 
VAL CA    HA     sing N N 492 
VAL C     O      doub N N 493 
VAL C     OXT    sing N N 494 
VAL CB    CG1    sing N N 495 
VAL CB    CG2    sing N N 496 
VAL CB    HB     sing N N 497 
VAL CG1   HG11   sing N N 498 
VAL CG1   HG12   sing N N 499 
VAL CG1   HG13   sing N N 500 
VAL CG2   HG21   sing N N 501 
VAL CG2   HG22   sing N N 502 
VAL CG2   HG23   sing N N 503 
VAL OXT   HXT    sing N N 504 
# 
_pdbx_audit_support.funding_organization   'Ministry of Education, Culture, Sports, Science and Technology (Japan)' 
_pdbx_audit_support.country                Japan 
_pdbx_audit_support.grant_number           ? 
_pdbx_audit_support.ordinal                1 
# 
loop_
_pdbx_branch_scheme.asym_id 
_pdbx_branch_scheme.entity_id 
_pdbx_branch_scheme.mon_id 
_pdbx_branch_scheme.num 
_pdbx_branch_scheme.pdb_asym_id 
_pdbx_branch_scheme.pdb_mon_id 
_pdbx_branch_scheme.pdb_seq_num 
_pdbx_branch_scheme.auth_asym_id 
_pdbx_branch_scheme.auth_mon_id 
_pdbx_branch_scheme.auth_seq_num 
_pdbx_branch_scheme.hetero 
B 2 GLC 1 C GLC 1 Y SUC 1 n 
B 2 FRU 2 C FRU 2 Y SUC 1 n 
# 
loop_
_pdbx_chem_comp_identifier.comp_id 
_pdbx_chem_comp_identifier.type 
_pdbx_chem_comp_identifier.program 
_pdbx_chem_comp_identifier.program_version 
_pdbx_chem_comp_identifier.identifier 
FRU 'CONDENSED IUPAC CARBOHYDRATE SYMBOL' GMML     1.0 DFrufb             
FRU 'COMMON NAME'                         GMML     1.0 b-D-fructofuranose 
FRU 'IUPAC CARBOHYDRATE SYMBOL'           PDB-CARE 1.0 b-D-Fruf           
FRU 'SNFG CARBOHYDRATE SYMBOL'            GMML     1.0 Fru                
GLC 'CONDENSED IUPAC CARBOHYDRATE SYMBOL' GMML     1.0 DGlcpa             
GLC 'COMMON NAME'                         GMML     1.0 a-D-glucopyranose  
GLC 'IUPAC CARBOHYDRATE SYMBOL'           PDB-CARE 1.0 a-D-Glcp           
GLC 'SNFG CARBOHYDRATE SYMBOL'            GMML     1.0 Glc                
# 
_pdbx_entity_branch.entity_id   2 
_pdbx_entity_branch.type        oligosaccharide 
# 
loop_
_pdbx_entity_branch_descriptor.ordinal 
_pdbx_entity_branch_descriptor.entity_id 
_pdbx_entity_branch_descriptor.descriptor 
_pdbx_entity_branch_descriptor.type 
_pdbx_entity_branch_descriptor.program 
_pdbx_entity_branch_descriptor.program_version 
1 2 DFrufb2-1DGlcpa                                            'Glycam Condensed Sequence' GMML       1.0   
2 2 'WURCS=2.0/2,2,1/[ha122h-2b_2-5][a2122h-1a_1-5]/1-2/a2-b1' WURCS                       PDB2Glycan 1.1.0 
3 2 '[][b-D-Fruf]{[(2+1)][a-D-Glcp]{}}'                        LINUCS                      PDB-CARE   ?     
# 
_pdbx_entity_branch_link.link_id                    1 
_pdbx_entity_branch_link.entity_id                  2 
_pdbx_entity_branch_link.entity_branch_list_num_1   1 
_pdbx_entity_branch_link.comp_id_1                  GLC 
_pdbx_entity_branch_link.atom_id_1                  C1 
_pdbx_entity_branch_link.leaving_atom_id_1          O1 
_pdbx_entity_branch_link.entity_branch_list_num_2   2 
_pdbx_entity_branch_link.comp_id_2                  FRU 
_pdbx_entity_branch_link.atom_id_2                  O2 
_pdbx_entity_branch_link.leaving_atom_id_2          HO2 
_pdbx_entity_branch_link.value_order                sing 
_pdbx_entity_branch_link.details                    ? 
# 
loop_
_pdbx_entity_branch_list.entity_id 
_pdbx_entity_branch_list.comp_id 
_pdbx_entity_branch_list.num 
_pdbx_entity_branch_list.hetero 
2 GLC 1 n 
2 FRU 2 n 
# 
loop_
_pdbx_entity_instance_feature.ordinal 
_pdbx_entity_instance_feature.comp_id 
_pdbx_entity_instance_feature.asym_id 
_pdbx_entity_instance_feature.seq_num 
_pdbx_entity_instance_feature.auth_comp_id 
_pdbx_entity_instance_feature.auth_asym_id 
_pdbx_entity_instance_feature.auth_seq_num 
_pdbx_entity_instance_feature.feature_type 
_pdbx_entity_instance_feature.details 
1 8DG ? ? 8DG ? ? 'SUBJECT OF INVESTIGATION' ? 
2 8OG ? ? 8OG ? ? 'SUBJECT OF INVESTIGATION' ? 
# 
loop_
_pdbx_entity_nonpoly.entity_id 
_pdbx_entity_nonpoly.name 
_pdbx_entity_nonpoly.comp_id 
3 'SULFATE ION'                               SO4 
4 "8-OXO-2'-DEOXYGUANOSINE-5'-TRIPHOSPHATE"   8DG 
5 "8-OXO-2'-DEOXY-GUANOSINE-5'-MONOPHOSPHATE" 8OG 
6 'MANGANESE (II) ION'                        MN  
7 'SODIUM ION'                                NA  
8 water                                       HOH 
# 
_pdbx_initial_refinement_model.id               1 
_pdbx_initial_refinement_model.entity_id_list   ? 
_pdbx_initial_refinement_model.type             'experimental model' 
_pdbx_initial_refinement_model.source_name      PDB 
_pdbx_initial_refinement_model.accession_code   3A6T 
_pdbx_initial_refinement_model.details          ? 
# 
_pdbx_struct_assembly_auth_evidence.id                     1 
_pdbx_struct_assembly_auth_evidence.assembly_id            1 
_pdbx_struct_assembly_auth_evidence.experimental_support   'gel filtration' 
_pdbx_struct_assembly_auth_evidence.details                ? 
# 
_space_group.name_H-M_alt     'P 21 21 21' 
_space_group.name_Hall        'P 2ac 2ab' 
_space_group.IT_number        19 
_space_group.crystal_system   orthorhombic 
_space_group.id               1 
# 
